data_9JHN
#
_entry.id   9JHN
#
_cell.length_a   1.00
_cell.length_b   1.00
_cell.length_c   1.00
_cell.angle_alpha   90.00
_cell.angle_beta   90.00
_cell.angle_gamma   90.00
#
_symmetry.space_group_name_H-M   'P 1'
#
loop_
_entity.id
_entity.type
_entity.pdbx_description
1 polymer 'Clostridium perfringen Argonaute'
2 polymer "DNA (5'-D(P*TP*GP*AP*GP*GP*TP*AP*GP*TP*AP*GP*GP*TP*TP*GP*TP*AP*TP*AP*GP*T)-3')"
3 polymer 'DNA (58-MER)'
4 non-polymer 'MANGANESE (II) ION'
#
loop_
_entity_poly.entity_id
_entity_poly.type
_entity_poly.pdbx_seq_one_letter_code
_entity_poly.pdbx_strand_id
1 'polypeptide(L)'
;MVGGYKVSNLTVEAFEGIGSVNPMLFYQYKVTGKGKYDNVYKIIKSARYKMHSKNRFKPVFIKDDKLYTLEKLPDIEDLD
FANINFVKSEVLSIEDNMSIYGEVVEYYINLKLKKVKVLGKYPKYRINYSKEILSNTLLTRELKDEFKKSNKGFNLKRKF
RISPVVNKMGKVILYLSCSADFSTNKNIYEMLKEGLEVEGLAVKSEWSNISGNLVIESVLETKISEPTSLGQSLIDYYKN
NNQGYRVKDFTDEDLNANIVNVRGNKKIYMYIPHALKPIITREYLAKNDPEFSKEIEQLIKMNMNYRYETLKSFVNDIGV
IEELNNLSFKNKYYEDVKLLGYSSGKIDEPVLMGAKGIIKNKMQIFSNGFYKLPEGKVRFGVLYPKEFDGVSRKAIRAIY
DFSKEGKYHGESNKYIAEHLINVEFNPKECIFEGYELGDITEYKKAALKLNNYNNVDFVIAIVPNMSDEEIENSYNPFKK
IWAELNLPSQMISVKTAEIFANSRDNTALYYLHNIVLGILGKIGGIPWVVKDMKGDVDCFVGLDVGTREKGIHYPACSVV
FDKYGKLINYYKPNIPQNGEKINTEILQEIFDKVLISYEEENGAYPKNIVIHRAGFSREDLDWYENYFGKKNIKFNIIEV
KKSTPLKIASINEGNITNPEKGSYILRGNKAYMVTTDIKENLGSPKPLKIEKSYGDIDMLTALSQIYALTQIHVGATKSL
RLPITTGYADKICKAIEFIPQGRVDNRLFFL
;
A,B
2 'polydeoxyribonucleotide'
;(DT)(DG)(DA)(DG)(DG)(DT)(DA)(DG)(DT)(DA)(DG)(DG)(DT)(DT)(DG)(DT)(DA)(DT)(DA)(DG)
(DT)
;
C,D
3 'polydeoxyribonucleotide'
;(DA)(DT)(DT)(DT)(DA)(DA)(DA)(DT)(DA)(DA)(DT)(DT)(DT)(DA)(DA)(DT)(DA)(DT)(DA)(DC)
(DT)(DA)(DT)(DA)(DC)(DA)(DA)(DC)(DC)(DT)(DA)(DC)(DT)(DA)(DC)(DC)(DT)(DC)(DA)(DT)
(DA)(DT)(DA)(DA)(DA)(DT)(DT)(DT)(DT)(DT)(DA)(DA)(DA)(DT)(DA)(DA)(DA)(DT)
;
E,F
#
loop_
_chem_comp.id
_chem_comp.type
_chem_comp.name
_chem_comp.formula
DA DNA linking 2'-DEOXYADENOSINE-5'-MONOPHOSPHATE 'C10 H14 N5 O6 P'
DC DNA linking 2'-DEOXYCYTIDINE-5'-MONOPHOSPHATE 'C9 H14 N3 O7 P'
DG DNA linking 2'-DEOXYGUANOSINE-5'-MONOPHOSPHATE 'C10 H14 N5 O7 P'
DT DNA linking THYMIDINE-5'-MONOPHOSPHATE 'C10 H15 N2 O8 P'
MN non-polymer 'MANGANESE (II) ION' 'Mn 2'
#
# COMPACT_ATOMS: atom_id res chain seq x y z
N VAL A 7 18.36 35.85 -32.24
CA VAL A 7 17.58 34.75 -31.68
C VAL A 7 16.84 35.19 -30.43
N SER A 8 16.17 34.25 -29.80
CA SER A 8 15.37 34.51 -28.59
C SER A 8 16.11 33.97 -27.38
N ASN A 9 16.33 34.82 -26.40
CA ASN A 9 16.94 34.37 -25.16
C ASN A 9 15.92 33.61 -24.32
N LEU A 10 16.42 33.00 -23.25
CA LEU A 10 15.58 32.37 -22.26
C LEU A 10 15.93 32.93 -20.90
N THR A 11 14.92 33.03 -20.03
CA THR A 11 15.11 33.58 -18.71
C THR A 11 14.21 32.84 -17.74
N VAL A 12 14.36 33.12 -16.46
CA VAL A 12 13.47 32.60 -15.43
C VAL A 12 12.85 33.78 -14.69
N GLU A 13 11.82 33.47 -13.91
CA GLU A 13 11.13 34.47 -13.10
C GLU A 13 12.02 34.84 -11.91
N ALA A 14 12.97 35.72 -12.19
CA ALA A 14 14.02 36.07 -11.25
C ALA A 14 14.28 37.56 -11.32
N PHE A 15 14.32 38.21 -10.16
CA PHE A 15 14.64 39.63 -10.08
C PHE A 15 15.90 39.81 -9.26
N GLU A 16 16.83 40.62 -9.77
CA GLU A 16 18.08 40.87 -9.08
C GLU A 16 17.85 41.83 -7.93
N GLY A 17 18.60 41.63 -6.84
CA GLY A 17 18.55 42.53 -5.71
C GLY A 17 19.60 43.63 -5.79
N ILE A 18 19.15 44.88 -5.96
CA ILE A 18 20.06 46.01 -6.03
C ILE A 18 20.69 46.24 -4.67
N GLY A 19 22.02 46.29 -4.64
CA GLY A 19 22.74 46.38 -3.38
C GLY A 19 22.88 45.03 -2.72
N SER A 20 23.55 45.04 -1.57
CA SER A 20 23.89 43.81 -0.87
C SER A 20 23.38 43.85 0.56
N VAL A 21 23.18 42.68 1.14
CA VAL A 21 22.91 42.53 2.56
C VAL A 21 24.24 42.43 3.29
N ASN A 22 24.22 42.71 4.58
CA ASN A 22 25.48 42.68 5.30
C ASN A 22 25.41 41.73 6.48
N PRO A 23 26.56 41.19 6.91
CA PRO A 23 26.57 40.39 8.14
C PRO A 23 26.19 41.23 9.35
N MET A 24 25.11 40.82 10.01
CA MET A 24 24.56 41.59 11.10
C MET A 24 24.26 40.67 12.28
N LEU A 25 24.11 41.30 13.45
CA LEU A 25 24.11 40.58 14.71
C LEU A 25 22.80 39.83 14.92
N PHE A 26 22.91 38.56 15.29
CA PHE A 26 21.74 37.75 15.62
C PHE A 26 21.73 37.50 17.11
N TYR A 27 20.80 36.66 17.57
CA TYR A 27 20.74 36.22 18.95
C TYR A 27 20.40 34.74 18.96
N GLN A 28 21.43 33.90 18.92
CA GLN A 28 21.30 32.47 18.82
C GLN A 28 20.71 31.87 20.10
N TYR A 29 19.67 31.06 19.93
CA TYR A 29 18.98 30.40 21.04
C TYR A 29 19.10 28.90 20.86
N LYS A 30 18.59 28.13 21.83
CA LYS A 30 18.57 26.66 21.76
C LYS A 30 17.27 26.11 22.32
N VAL A 31 16.93 24.90 21.88
CA VAL A 31 15.70 24.22 22.24
C VAL A 31 16.06 22.84 22.78
N THR A 32 15.45 22.45 23.91
CA THR A 32 15.59 21.11 24.46
C THR A 32 14.20 20.50 24.58
N GLY A 33 14.12 19.18 24.45
CA GLY A 33 12.88 18.43 24.44
C GLY A 33 12.28 18.15 25.80
N LYS A 34 11.56 19.14 26.35
CA LYS A 34 11.06 19.09 27.72
C LYS A 34 10.02 17.97 27.95
N GLY A 35 9.37 17.47 26.91
CA GLY A 35 8.33 16.47 27.07
C GLY A 35 8.86 15.09 27.43
N LYS A 36 7.98 14.10 27.25
CA LYS A 36 8.35 12.71 27.53
C LYS A 36 9.34 12.18 26.50
N TYR A 37 9.34 12.77 25.31
CA TYR A 37 10.35 12.56 24.30
C TYR A 37 11.64 13.30 24.70
N ASP A 38 12.65 13.25 23.82
CA ASP A 38 13.77 14.16 23.95
C ASP A 38 14.27 14.61 22.58
N ASN A 39 13.49 14.41 21.52
CA ASN A 39 13.94 14.68 20.16
C ASN A 39 13.61 16.12 19.81
N VAL A 40 14.65 16.95 19.68
CA VAL A 40 14.45 18.36 19.39
C VAL A 40 14.16 18.60 17.92
N TYR A 41 14.53 17.66 17.05
CA TYR A 41 14.20 17.77 15.64
C TYR A 41 12.72 17.53 15.40
N LYS A 42 12.07 16.77 16.28
CA LYS A 42 10.64 16.54 16.21
C LYS A 42 9.82 17.76 16.63
N ILE A 43 10.44 18.75 17.27
CA ILE A 43 9.73 19.93 17.77
C ILE A 43 10.35 21.24 17.34
N ILE A 44 11.36 21.21 16.46
CA ILE A 44 12.16 22.40 16.18
C ILE A 44 11.34 23.47 15.45
N LYS A 45 10.54 23.06 14.46
CA LYS A 45 9.77 24.01 13.68
C LYS A 45 8.57 24.51 14.45
N SER A 46 7.96 23.63 15.25
CA SER A 46 6.86 24.04 16.11
C SER A 46 7.33 25.00 17.19
N ALA A 47 8.57 24.81 17.68
CA ALA A 47 9.14 25.74 18.64
C ALA A 47 9.39 27.09 18.02
N ARG A 48 9.90 27.12 16.78
CA ARG A 48 10.06 28.37 16.05
C ARG A 48 8.73 29.08 15.86
N TYR A 49 7.68 28.33 15.52
CA TYR A 49 6.40 28.96 15.24
C TYR A 49 5.72 29.45 16.51
N LYS A 50 5.83 28.71 17.61
CA LYS A 50 5.23 29.17 18.86
C LYS A 50 5.99 30.35 19.43
N MET A 51 7.32 30.40 19.25
CA MET A 51 8.07 31.58 19.60
C MET A 51 7.69 32.77 18.74
N HIS A 52 7.48 32.55 17.43
CA HIS A 52 7.16 33.63 16.52
C HIS A 52 5.77 34.19 16.80
N SER A 53 4.78 33.33 16.95
CA SER A 53 3.42 33.79 17.17
C SER A 53 3.23 34.33 18.59
N LYS A 54 3.98 33.81 19.55
CA LYS A 54 3.85 34.23 20.94
C LYS A 54 4.64 35.49 21.25
N ASN A 55 5.28 36.10 20.26
CA ASN A 55 6.09 37.29 20.49
C ASN A 55 5.83 38.32 19.40
N ARG A 56 4.54 38.59 19.14
CA ARG A 56 4.00 39.60 18.20
C ARG A 56 4.67 39.58 16.81
N PHE A 57 4.93 38.36 16.33
CA PHE A 57 5.39 38.07 14.96
C PHE A 57 6.72 38.77 14.64
N LYS A 58 7.68 38.42 15.35
CA LYS A 58 9.08 38.82 15.30
C LYS A 58 9.91 37.70 14.67
N PRO A 59 10.98 38.05 13.94
CA PRO A 59 11.67 37.06 13.10
C PRO A 59 12.43 36.02 13.91
N VAL A 60 12.11 34.75 13.66
CA VAL A 60 12.82 33.63 14.25
C VAL A 60 13.26 32.73 13.11
N PHE A 61 14.48 32.20 13.18
CA PHE A 61 15.02 31.39 12.11
C PHE A 61 15.50 30.06 12.67
N ILE A 62 15.77 29.11 11.78
CA ILE A 62 16.05 27.73 12.16
C ILE A 62 17.36 27.28 11.48
N LYS A 63 18.38 27.02 12.28
CA LYS A 63 19.49 26.15 11.88
C LYS A 63 19.18 24.85 12.62
N ASP A 64 20.02 23.83 12.44
CA ASP A 64 19.79 22.39 12.74
C ASP A 64 19.17 22.20 14.13
N ASP A 65 19.75 22.74 15.20
CA ASP A 65 19.03 22.91 16.45
C ASP A 65 19.01 24.37 16.88
N LYS A 66 19.78 25.22 16.21
CA LYS A 66 19.98 26.59 16.62
C LYS A 66 18.84 27.47 16.11
N LEU A 67 18.23 28.22 17.01
CA LEU A 67 17.27 29.26 16.65
C LEU A 67 17.95 30.61 16.71
N TYR A 68 18.01 31.28 15.56
CA TYR A 68 18.55 32.63 15.48
C TYR A 68 17.38 33.60 15.46
N THR A 69 17.64 34.81 15.94
CA THR A 69 16.59 35.80 16.12
C THR A 69 17.19 37.19 16.06
N LEU A 70 16.62 38.05 15.22
CA LEU A 70 17.25 39.30 14.83
C LEU A 70 17.35 40.32 15.95
N GLU A 71 16.47 40.30 16.93
CA GLU A 71 16.57 41.20 18.07
C GLU A 71 16.51 40.40 19.36
N LYS A 72 17.01 41.01 20.43
CA LYS A 72 17.12 40.36 21.73
C LYS A 72 15.74 40.11 22.30
N LEU A 73 15.31 38.86 22.34
CA LEU A 73 13.99 38.54 22.82
C LEU A 73 14.07 37.63 24.04
N PRO A 74 13.14 37.74 24.99
CA PRO A 74 13.31 37.05 26.27
C PRO A 74 13.14 35.54 26.14
N ASP A 75 13.83 34.82 27.02
CA ASP A 75 13.83 33.36 27.00
C ASP A 75 12.47 32.83 27.40
N ILE A 76 11.84 32.08 26.50
CA ILE A 76 10.47 31.63 26.68
C ILE A 76 10.51 30.23 27.28
N GLU A 77 10.21 30.15 28.56
CA GLU A 77 9.95 28.90 29.26
C GLU A 77 8.47 28.58 29.31
N ASP A 78 7.63 29.39 28.66
CA ASP A 78 6.20 29.28 28.81
C ASP A 78 5.66 28.06 28.08
N LEU A 79 6.33 27.64 27.01
CA LEU A 79 5.82 26.54 26.20
C LEU A 79 5.98 25.21 26.90
N ASP A 80 5.02 24.31 26.65
CA ASP A 80 5.01 23.02 27.33
C ASP A 80 5.95 22.02 26.68
N PHE A 81 6.52 22.35 25.53
CA PHE A 81 7.34 21.40 24.79
C PHE A 81 8.75 21.90 24.50
N ALA A 82 9.00 23.20 24.60
CA ALA A 82 10.29 23.78 24.22
C ALA A 82 10.70 24.82 25.25
N ASN A 83 11.90 24.64 25.81
CA ASN A 83 12.48 25.62 26.72
C ASN A 83 13.57 26.42 25.98
N ILE A 84 13.09 27.44 25.27
CA ILE A 84 14.00 28.28 24.49
C ILE A 84 14.79 29.17 25.44
N ASN A 85 16.12 29.14 25.29
CA ASN A 85 17.01 29.88 26.17
C ASN A 85 18.14 30.51 25.36
N PHE A 86 18.49 31.75 25.71
CA PHE A 86 19.62 32.43 25.09
C PHE A 86 20.91 31.72 25.43
N VAL A 87 21.80 31.64 24.43
CA VAL A 87 23.10 31.00 24.62
C VAL A 87 24.20 31.99 24.28
N LYS A 88 24.23 32.44 23.03
CA LYS A 88 25.24 33.40 22.62
C LYS A 88 24.66 34.32 21.56
N SER A 89 25.29 35.48 21.42
CA SER A 89 24.93 36.45 20.39
C SER A 89 26.13 36.62 19.48
N GLU A 90 25.89 36.48 18.17
CA GLU A 90 27.00 36.45 17.22
C GLU A 90 26.56 37.06 15.90
N VAL A 91 27.54 37.33 15.06
CA VAL A 91 27.30 37.78 13.69
C VAL A 91 27.59 36.61 12.77
N LEU A 92 26.55 36.03 12.18
CA LEU A 92 26.73 34.90 11.28
C LEU A 92 27.31 35.36 9.95
N SER A 93 28.35 34.66 9.50
CA SER A 93 28.99 34.97 8.24
C SER A 93 28.09 34.54 7.09
N ILE A 94 28.34 35.10 5.90
CA ILE A 94 27.42 34.90 4.79
C ILE A 94 27.60 33.51 4.18
N GLU A 95 28.84 33.09 3.97
CA GLU A 95 29.10 31.92 3.14
C GLU A 95 28.75 30.61 3.84
N ASP A 96 28.56 30.64 5.16
CA ASP A 96 28.11 29.46 5.89
C ASP A 96 26.59 29.41 5.99
N ASN A 97 25.92 30.52 5.75
CA ASN A 97 24.56 30.76 6.21
C ASN A 97 23.70 31.33 5.11
N MET A 98 23.69 30.64 3.96
CA MET A 98 22.87 31.05 2.83
C MET A 98 21.39 30.98 3.19
N SER A 99 20.97 29.90 3.84
CA SER A 99 19.55 29.68 4.11
C SER A 99 19.01 30.64 5.15
N ILE A 100 19.83 31.02 6.12
CA ILE A 100 19.36 31.90 7.19
C ILE A 100 19.20 33.32 6.65
N TYR A 101 20.13 33.76 5.80
CA TYR A 101 19.96 35.05 5.15
C TYR A 101 18.82 35.04 4.13
N GLY A 102 18.54 33.88 3.52
CA GLY A 102 17.38 33.78 2.66
C GLY A 102 16.07 33.96 3.43
N GLU A 103 15.99 33.35 4.61
CA GLU A 103 14.79 33.53 5.42
C GLU A 103 14.72 34.93 6.03
N VAL A 104 15.88 35.57 6.27
CA VAL A 104 15.90 36.98 6.68
C VAL A 104 15.30 37.87 5.60
N VAL A 105 15.76 37.69 4.36
CA VAL A 105 15.31 38.54 3.27
C VAL A 105 13.84 38.31 2.98
N GLU A 106 13.37 37.07 3.10
CA GLU A 106 11.95 36.85 2.82
C GLU A 106 11.07 37.33 3.97
N TYR A 107 11.61 37.33 5.21
CA TYR A 107 10.89 37.95 6.30
C TYR A 107 10.76 39.45 6.10
N TYR A 108 11.85 40.12 5.73
CA TYR A 108 11.79 41.56 5.59
C TYR A 108 10.97 41.97 4.37
N ILE A 109 10.93 41.13 3.34
CA ILE A 109 10.02 41.39 2.22
C ILE A 109 8.57 41.27 2.66
N ASN A 110 8.26 40.26 3.49
CA ASN A 110 6.91 40.14 4.05
C ASN A 110 6.55 41.32 4.94
N LEU A 111 7.49 41.78 5.76
CA LEU A 111 7.26 42.92 6.64
C LEU A 111 7.08 44.21 5.86
N LYS A 112 7.81 44.35 4.75
CA LYS A 112 7.66 45.54 3.94
C LYS A 112 6.36 45.52 3.16
N LEU A 113 5.90 44.34 2.76
CA LEU A 113 4.67 44.27 1.98
C LEU A 113 3.42 44.37 2.85
N LYS A 114 3.52 44.07 4.15
CA LYS A 114 2.35 44.21 5.02
C LYS A 114 1.88 45.65 5.13
N LYS A 115 2.76 46.64 4.96
CA LYS A 115 2.39 48.04 5.05
C LYS A 115 2.12 48.68 3.69
N VAL A 116 1.66 47.92 2.70
CA VAL A 116 1.30 48.46 1.40
C VAL A 116 -0.18 48.16 1.16
N LYS A 117 -0.96 49.18 0.81
CA LYS A 117 -2.40 49.07 0.70
C LYS A 117 -2.87 49.53 -0.67
N VAL A 118 -4.04 49.03 -1.08
CA VAL A 118 -4.75 49.52 -2.26
C VAL A 118 -5.98 50.27 -1.81
N LEU A 119 -6.30 51.34 -2.55
CA LEU A 119 -7.47 52.21 -2.37
C LEU A 119 -7.50 52.89 -1.00
N GLY A 120 -6.36 53.02 -0.32
CA GLY A 120 -6.26 53.80 0.90
C GLY A 120 -6.78 53.14 2.16
N LYS A 121 -7.59 52.09 2.05
CA LYS A 121 -8.22 51.51 3.23
C LYS A 121 -8.05 49.99 3.28
N TYR A 122 -7.82 49.38 2.13
CA TYR A 122 -7.83 47.94 1.94
C TYR A 122 -6.41 47.39 1.92
N PRO A 123 -6.12 46.40 2.77
CA PRO A 123 -4.79 45.81 2.78
C PRO A 123 -4.54 45.00 1.51
N LYS A 124 -3.43 45.30 0.84
CA LYS A 124 -3.19 44.69 -0.46
C LYS A 124 -2.80 43.23 -0.34
N TYR A 125 -1.93 42.91 0.60
CA TYR A 125 -1.37 41.58 0.73
C TYR A 125 -1.86 40.90 2.01
N ARG A 126 -1.76 39.58 2.05
CA ARG A 126 -2.10 38.81 3.24
C ARG A 126 -0.84 38.09 3.71
N ILE A 127 -0.14 38.69 4.66
CA ILE A 127 1.21 38.31 5.02
C ILE A 127 1.18 37.32 6.18
N ASN A 128 1.76 36.13 5.96
CA ASN A 128 2.00 35.17 7.03
C ASN A 128 3.47 35.08 7.39
N TYR A 129 4.30 35.98 6.84
CA TYR A 129 5.76 36.00 6.98
C TYR A 129 6.37 34.66 6.55
N SER A 130 6.13 34.32 5.29
CA SER A 130 6.52 33.02 4.76
C SER A 130 6.96 33.20 3.31
N LYS A 131 7.07 32.08 2.60
CA LYS A 131 7.31 32.12 1.16
C LYS A 131 6.10 32.69 0.43
N GLU A 132 4.90 32.20 0.75
CA GLU A 132 3.71 32.53 -0.02
C GLU A 132 3.08 33.83 0.49
N ILE A 133 2.54 34.61 -0.44
CA ILE A 133 2.02 35.94 -0.18
C ILE A 133 0.74 36.08 -1.01
N LEU A 134 -0.41 36.02 -0.36
CA LEU A 134 -1.68 36.26 -1.04
C LEU A 134 -1.87 37.76 -1.20
N SER A 135 -2.09 38.21 -2.43
CA SER A 135 -2.48 39.59 -2.66
C SER A 135 -3.98 39.63 -2.84
N ASN A 136 -4.63 40.61 -2.22
CA ASN A 136 -6.08 40.70 -2.29
C ASN A 136 -6.54 41.20 -3.64
N THR A 137 -5.74 42.03 -4.30
CA THR A 137 -6.06 42.56 -5.61
C THR A 137 -5.19 41.88 -6.66
N LEU A 138 -5.65 41.96 -7.91
CA LEU A 138 -4.95 41.39 -9.05
C LEU A 138 -4.60 42.48 -10.03
N LEU A 139 -3.37 42.46 -10.53
CA LEU A 139 -3.08 43.20 -11.74
C LEU A 139 -3.83 42.53 -12.88
N THR A 140 -4.74 43.26 -13.50
CA THR A 140 -5.54 42.69 -14.57
C THR A 140 -4.77 42.77 -15.89
N ARG A 141 -5.43 42.34 -16.97
CA ARG A 141 -4.82 42.38 -18.29
C ARG A 141 -4.53 43.81 -18.76
N GLU A 142 -5.28 44.79 -18.27
CA GLU A 142 -5.09 46.19 -18.63
C GLU A 142 -4.18 46.92 -17.65
N LEU A 143 -3.38 46.19 -16.86
CA LEU A 143 -2.35 46.73 -15.96
C LEU A 143 -2.93 47.62 -14.86
N LYS A 144 -4.05 47.20 -14.29
CA LYS A 144 -4.67 47.93 -13.19
C LYS A 144 -5.01 46.97 -12.05
N ASP A 145 -4.65 47.36 -10.84
CA ASP A 145 -4.93 46.57 -9.65
C ASP A 145 -6.41 46.64 -9.34
N GLU A 146 -7.10 45.51 -9.41
CA GLU A 146 -8.54 45.50 -9.21
C GLU A 146 -8.96 44.23 -8.52
N PHE A 147 -9.82 44.37 -7.52
CA PHE A 147 -10.44 43.23 -6.84
C PHE A 147 -11.32 42.44 -7.79
N LYS A 148 -11.07 41.15 -7.87
CA LYS A 148 -11.88 40.25 -8.69
C LYS A 148 -12.81 39.49 -7.76
N LYS A 149 -14.00 40.03 -7.57
CA LYS A 149 -15.03 39.42 -6.74
C LYS A 149 -16.24 39.16 -7.62
N SER A 150 -17.05 38.20 -7.21
CA SER A 150 -18.30 37.89 -7.91
C SER A 150 -19.47 38.51 -7.17
N ASN A 151 -20.65 38.39 -7.78
CA ASN A 151 -21.87 38.74 -7.06
C ASN A 151 -22.13 37.77 -5.92
N LYS A 152 -21.77 36.50 -6.09
CA LYS A 152 -21.83 35.50 -5.03
C LYS A 152 -20.59 35.52 -4.15
N GLY A 153 -19.72 36.50 -4.33
CA GLY A 153 -18.61 36.71 -3.42
C GLY A 153 -17.43 35.80 -3.63
N PHE A 154 -17.32 35.13 -4.77
CA PHE A 154 -16.13 34.35 -5.05
C PHE A 154 -14.96 35.28 -5.30
N ASN A 155 -13.97 35.23 -4.42
CA ASN A 155 -12.87 36.18 -4.47
C ASN A 155 -11.69 35.51 -5.13
N LEU A 156 -11.23 36.07 -6.23
CA LEU A 156 -9.99 35.65 -6.86
C LEU A 156 -8.84 36.43 -6.25
N LYS A 157 -7.78 35.73 -5.88
CA LYS A 157 -6.63 36.34 -5.24
C LYS A 157 -5.37 35.83 -5.91
N ARG A 158 -4.47 36.73 -6.27
CA ARG A 158 -3.17 36.32 -6.79
C ARG A 158 -2.34 35.81 -5.63
N LYS A 159 -1.60 34.73 -5.85
CA LYS A 159 -0.83 34.07 -4.80
C LYS A 159 0.63 34.03 -5.19
N PHE A 160 1.44 34.87 -4.56
CA PHE A 160 2.85 34.99 -4.91
C PHE A 160 3.68 33.98 -4.14
N ARG A 161 4.94 33.87 -4.52
CA ARG A 161 5.85 32.92 -3.88
C ARG A 161 7.26 33.47 -4.03
N ILE A 162 7.75 34.14 -3.01
CA ILE A 162 9.12 34.65 -3.01
C ILE A 162 10.03 33.51 -2.58
N SER A 163 11.26 33.51 -3.10
CA SER A 163 12.31 32.61 -2.64
C SER A 163 13.65 33.26 -2.97
N PRO A 164 14.08 34.23 -2.17
CA PRO A 164 15.36 34.87 -2.45
C PRO A 164 16.51 33.96 -2.07
N VAL A 165 17.55 34.01 -2.89
CA VAL A 165 18.75 33.21 -2.69
C VAL A 165 19.93 34.15 -2.57
N VAL A 166 20.61 34.09 -1.43
CA VAL A 166 21.71 35.01 -1.14
C VAL A 166 23.01 34.35 -1.57
N ASN A 167 23.85 35.10 -2.28
CA ASN A 167 25.15 34.64 -2.70
C ASN A 167 26.15 34.91 -1.56
N LYS A 168 27.36 34.34 -1.69
CA LYS A 168 28.36 34.45 -0.62
C LYS A 168 28.88 35.88 -0.47
N MET A 169 28.86 36.66 -1.56
CA MET A 169 29.31 38.04 -1.45
C MET A 169 28.24 38.95 -0.87
N GLY A 170 27.02 38.46 -0.70
CA GLY A 170 25.94 39.24 -0.15
C GLY A 170 24.89 39.67 -1.15
N LYS A 171 25.11 39.43 -2.44
CA LYS A 171 24.10 39.75 -3.43
C LYS A 171 22.94 38.78 -3.34
N VAL A 172 21.73 39.28 -3.52
CA VAL A 172 20.52 38.49 -3.38
C VAL A 172 19.80 38.46 -4.73
N ILE A 173 19.16 37.32 -5.02
CA ILE A 173 18.46 37.12 -6.28
C ILE A 173 17.06 36.61 -5.94
N LEU A 174 16.06 37.42 -6.27
CA LEU A 174 14.68 37.15 -5.86
C LEU A 174 14.00 36.26 -6.89
N TYR A 175 13.78 35.00 -6.52
CA TYR A 175 13.01 34.08 -7.35
C TYR A 175 11.54 34.22 -7.00
N LEU A 176 10.70 34.31 -8.02
CA LEU A 176 9.27 34.53 -7.84
C LEU A 176 8.45 33.55 -8.65
N SER A 177 7.19 33.43 -8.25
CA SER A 177 6.17 32.84 -9.09
C SER A 177 4.85 33.45 -8.65
N CYS A 178 3.80 33.18 -9.41
CA CYS A 178 2.47 33.62 -9.05
C CYS A 178 1.44 32.58 -9.47
N SER A 179 0.69 32.09 -8.51
CA SER A 179 -0.47 31.24 -8.75
C SER A 179 -1.70 32.12 -8.61
N ALA A 180 -2.87 31.52 -8.61
CA ALA A 180 -4.08 32.21 -8.23
C ALA A 180 -4.72 31.48 -7.06
N ASP A 181 -5.48 32.21 -6.25
CA ASP A 181 -6.15 31.63 -5.10
C ASP A 181 -7.66 31.77 -5.32
N PHE A 182 -8.37 30.65 -5.18
CA PHE A 182 -9.83 30.69 -5.17
C PHE A 182 -10.29 30.67 -3.72
N SER A 183 -10.89 31.77 -3.27
CA SER A 183 -11.43 31.83 -1.92
C SER A 183 -12.72 32.62 -1.95
N THR A 184 -13.36 32.68 -0.79
CA THR A 184 -14.57 33.48 -0.65
C THR A 184 -14.68 33.99 0.78
N ASN A 185 -15.22 35.19 0.92
CA ASN A 185 -15.56 35.72 2.23
C ASN A 185 -16.86 35.18 2.76
N LYS A 186 -17.63 34.49 1.93
CA LYS A 186 -18.96 34.00 2.28
C LYS A 186 -18.85 32.52 2.66
N ASN A 187 -18.98 32.25 3.95
CA ASN A 187 -19.03 30.89 4.46
C ASN A 187 -20.42 30.29 4.25
N ILE A 188 -20.70 29.17 4.91
CA ILE A 188 -21.98 28.50 4.71
C ILE A 188 -23.12 29.30 5.34
N TYR A 189 -22.85 30.04 6.41
CA TYR A 189 -23.91 30.66 7.19
C TYR A 189 -24.63 31.75 6.42
N GLU A 190 -23.90 32.54 5.63
CA GLU A 190 -24.56 33.52 4.78
C GLU A 190 -25.30 32.87 3.63
N MET A 191 -24.87 31.68 3.21
CA MET A 191 -25.59 30.95 2.17
C MET A 191 -26.88 30.35 2.71
N LEU A 192 -26.87 29.94 3.99
CA LEU A 192 -28.08 29.41 4.62
C LEU A 192 -29.06 30.52 4.97
N LYS A 193 -28.54 31.69 5.33
CA LYS A 193 -29.40 32.87 5.45
C LYS A 193 -29.97 33.25 4.08
N GLU A 194 -29.19 33.04 3.02
CA GLU A 194 -29.71 33.13 1.67
C GLU A 194 -30.52 31.90 1.28
N GLY A 195 -30.35 30.78 2.00
CA GLY A 195 -31.17 29.60 1.80
C GLY A 195 -30.70 28.71 0.67
N LEU A 196 -29.40 28.57 0.48
CA LEU A 196 -28.86 27.86 -0.68
C LEU A 196 -28.71 26.37 -0.37
N GLU A 197 -28.93 25.54 -1.39
CA GLU A 197 -28.83 24.09 -1.25
C GLU A 197 -27.38 23.69 -1.09
N VAL A 198 -27.02 23.22 0.10
CA VAL A 198 -25.62 22.93 0.40
C VAL A 198 -25.42 21.47 0.77
N GLU A 199 -26.31 20.58 0.32
CA GLU A 199 -26.12 19.17 0.55
C GLU A 199 -25.19 18.58 -0.50
N GLY A 200 -24.35 17.63 -0.09
CA GLY A 200 -23.35 17.06 -0.96
C GLY A 200 -22.25 18.00 -1.38
N LEU A 201 -22.05 19.10 -0.64
CA LEU A 201 -21.14 20.14 -1.08
C LEU A 201 -19.80 20.00 -0.39
N ALA A 202 -18.73 20.15 -1.15
CA ALA A 202 -17.37 20.01 -0.62
C ALA A 202 -17.00 21.27 0.14
N VAL A 203 -16.70 21.13 1.44
CA VAL A 203 -16.40 22.25 2.31
C VAL A 203 -15.10 21.99 3.05
N LYS A 204 -14.54 23.06 3.60
CA LYS A 204 -13.36 22.99 4.46
C LYS A 204 -13.65 23.79 5.71
N SER A 205 -12.92 23.49 6.79
CA SER A 205 -13.06 24.23 8.02
C SER A 205 -11.86 25.14 8.19
N GLU A 206 -12.11 26.43 8.47
CA GLU A 206 -11.03 27.33 8.79
C GLU A 206 -10.57 27.22 10.25
N TRP A 207 -11.21 26.37 11.06
CA TRP A 207 -10.89 26.28 12.47
C TRP A 207 -9.95 25.13 12.80
N SER A 208 -9.99 24.04 12.04
CA SER A 208 -9.11 22.91 12.28
C SER A 208 -8.23 22.68 11.05
N ASN A 209 -6.98 22.32 11.32
CA ASN A 209 -6.00 22.11 10.26
C ASN A 209 -5.91 20.64 9.82
N ILE A 210 -6.95 19.85 10.09
CA ILE A 210 -6.98 18.46 9.68
C ILE A 210 -7.15 18.39 8.17
N SER A 211 -6.25 17.68 7.50
CA SER A 211 -6.27 17.55 6.05
C SER A 211 -7.11 16.33 5.69
N GLY A 212 -8.37 16.57 5.35
CA GLY A 212 -9.30 15.52 5.03
C GLY A 212 -10.51 16.07 4.29
N ASN A 213 -10.95 15.37 3.26
CA ASN A 213 -11.90 15.94 2.30
C ASN A 213 -13.29 15.90 2.90
N LEU A 214 -13.81 17.06 3.28
CA LEU A 214 -15.07 17.19 4.00
C LEU A 214 -16.20 17.52 3.05
N VAL A 215 -17.31 16.78 3.16
CA VAL A 215 -18.52 17.04 2.37
C VAL A 215 -19.73 17.01 3.28
N ILE A 216 -20.68 17.92 3.03
CA ILE A 216 -21.88 18.02 3.84
C ILE A 216 -22.83 16.88 3.51
N GLU A 217 -23.35 16.22 4.55
CA GLU A 217 -24.38 15.22 4.36
C GLU A 217 -25.77 15.86 4.26
N SER A 218 -26.12 16.71 5.22
CA SER A 218 -27.46 17.30 5.28
C SER A 218 -27.39 18.60 6.06
N VAL A 219 -28.55 19.23 6.23
CA VAL A 219 -28.70 20.42 7.06
C VAL A 219 -29.74 20.09 8.12
N LEU A 220 -29.27 19.79 9.33
CA LEU A 220 -30.17 19.48 10.42
C LEU A 220 -30.76 20.76 10.98
N GLU A 221 -32.09 20.82 11.08
CA GLU A 221 -32.79 21.98 11.64
C GLU A 221 -32.58 22.13 13.14
N THR A 222 -31.99 21.12 13.80
CA THR A 222 -31.51 21.21 15.16
C THR A 222 -30.56 22.39 15.33
N LYS A 223 -30.81 23.20 16.35
CA LYS A 223 -30.01 24.39 16.59
C LYS A 223 -28.76 24.05 17.38
N ILE A 224 -27.82 24.99 17.39
CA ILE A 224 -26.50 24.73 17.97
C ILE A 224 -26.52 24.85 19.48
N SER A 225 -27.51 25.58 20.03
CA SER A 225 -27.64 25.66 21.47
C SER A 225 -28.27 24.39 22.05
N GLU A 226 -28.98 23.65 21.22
CA GLU A 226 -29.63 22.42 21.68
C GLU A 226 -28.58 21.33 21.89
N PRO A 227 -28.68 20.55 22.96
CA PRO A 227 -27.65 19.52 23.22
C PRO A 227 -27.76 18.37 22.24
N THR A 228 -26.63 18.00 21.67
CA THR A 228 -26.58 17.03 20.58
C THR A 228 -26.54 15.61 21.14
N SER A 229 -26.23 14.65 20.27
CA SER A 229 -26.08 13.26 20.69
C SER A 229 -24.78 13.02 21.45
N LEU A 230 -23.87 14.00 21.47
CA LEU A 230 -22.66 13.93 22.30
C LEU A 230 -22.92 14.30 23.75
N GLY A 231 -24.16 14.59 24.13
CA GLY A 231 -24.52 14.93 25.48
C GLY A 231 -24.60 16.41 25.77
N GLN A 232 -23.86 17.23 25.03
CA GLN A 232 -23.84 18.67 25.22
C GLN A 232 -24.10 19.37 23.89
N SER A 233 -24.20 20.69 23.97
CA SER A 233 -24.32 21.51 22.77
C SER A 233 -22.95 21.76 22.16
N LEU A 234 -22.96 22.26 20.92
CA LEU A 234 -21.70 22.42 20.18
C LEU A 234 -20.97 23.69 20.61
N ILE A 235 -21.72 24.70 21.06
CA ILE A 235 -21.12 25.92 21.57
C ILE A 235 -20.28 25.62 22.81
N ASP A 236 -20.87 24.84 23.74
CA ASP A 236 -20.12 24.42 24.91
C ASP A 236 -19.08 23.36 24.56
N TYR A 237 -19.24 22.69 23.41
CA TYR A 237 -18.20 21.77 22.94
C TYR A 237 -16.94 22.52 22.55
N TYR A 238 -17.08 23.68 21.90
CA TYR A 238 -15.89 24.47 21.61
C TYR A 238 -15.44 25.31 22.80
N LYS A 239 -16.35 25.61 23.74
CA LYS A 239 -15.93 26.29 24.97
C LYS A 239 -15.11 25.37 25.87
N ASN A 240 -15.47 24.10 25.93
CA ASN A 240 -14.71 23.15 26.76
C ASN A 240 -13.35 22.82 26.14
N ASN A 241 -13.17 23.03 24.84
CA ASN A 241 -12.00 22.58 24.12
C ASN A 241 -11.06 23.72 23.75
N ASN A 242 -10.91 24.69 24.67
CA ASN A 242 -9.92 25.78 24.59
C ASN A 242 -10.13 26.69 23.39
N GLN A 243 -11.35 26.79 22.88
CA GLN A 243 -11.67 27.71 21.80
C GLN A 243 -13.00 28.41 22.07
N GLY A 244 -13.18 28.89 23.30
CA GLY A 244 -14.36 29.69 23.62
C GLY A 244 -14.29 31.10 23.08
N TYR A 245 -13.15 31.52 22.55
CA TYR A 245 -13.03 32.85 21.97
C TYR A 245 -13.72 32.92 20.61
N ARG A 246 -13.82 31.78 19.92
CA ARG A 246 -14.47 31.77 18.61
C ARG A 246 -15.98 31.92 18.73
N VAL A 247 -16.56 31.35 19.79
CA VAL A 247 -17.99 31.51 20.04
C VAL A 247 -18.29 32.74 20.88
N LYS A 248 -17.27 33.49 21.30
CA LYS A 248 -17.51 34.64 22.16
C LYS A 248 -18.05 35.82 21.36
N ASP A 249 -17.61 35.98 20.12
CA ASP A 249 -18.07 37.08 19.29
C ASP A 249 -19.39 36.82 18.59
N PHE A 250 -20.15 35.81 19.01
CA PHE A 250 -21.42 35.51 18.37
C PHE A 250 -22.51 36.46 18.86
N THR A 251 -23.62 36.46 18.13
CA THR A 251 -24.81 37.20 18.50
C THR A 251 -25.92 36.22 18.88
N ASP A 252 -27.06 36.76 19.30
CA ASP A 252 -28.22 35.93 19.59
C ASP A 252 -28.87 35.42 18.31
N GLU A 253 -28.64 36.11 17.20
CA GLU A 253 -29.02 35.59 15.89
C GLU A 253 -28.18 34.37 15.52
N ASP A 254 -26.91 34.36 15.96
CA ASP A 254 -25.99 33.30 15.59
C ASP A 254 -26.35 31.97 16.24
N LEU A 255 -27.05 32.01 17.38
CA LEU A 255 -27.48 30.76 18.03
C LEU A 255 -28.63 30.09 17.29
N ASN A 256 -29.27 30.78 16.35
CA ASN A 256 -30.30 30.17 15.51
C ASN A 256 -29.74 29.50 14.28
N ALA A 257 -28.43 29.25 14.24
CA ALA A 257 -27.83 28.55 13.12
C ALA A 257 -28.18 27.07 13.18
N ASN A 258 -28.67 26.54 12.07
CA ASN A 258 -28.96 25.12 11.97
C ASN A 258 -27.65 24.33 11.89
N ILE A 259 -27.60 23.21 12.60
CA ILE A 259 -26.42 22.35 12.56
C ILE A 259 -26.31 21.70 11.20
N VAL A 260 -25.15 21.85 10.55
CA VAL A 260 -24.84 21.12 9.33
C VAL A 260 -23.85 20.02 9.67
N ASN A 261 -24.21 18.79 9.34
CA ASN A 261 -23.32 17.66 9.54
C ASN A 261 -22.43 17.51 8.32
N VAL A 262 -21.35 16.75 8.48
CA VAL A 262 -20.31 16.66 7.46
C VAL A 262 -19.69 15.28 7.51
N ARG A 263 -19.39 14.72 6.35
CA ARG A 263 -18.69 13.45 6.28
C ARG A 263 -17.20 13.67 6.52
N GLY A 264 -16.62 12.81 7.35
CA GLY A 264 -15.23 12.99 7.73
C GLY A 264 -14.38 11.76 7.53
N ASN A 265 -14.78 10.90 6.60
CA ASN A 265 -14.03 9.77 6.03
C ASN A 265 -13.82 8.63 7.02
N LYS A 266 -14.22 8.79 8.27
CA LYS A 266 -14.34 7.72 9.26
C LYS A 266 -15.65 7.77 9.99
N LYS A 267 -16.14 8.96 10.33
CA LYS A 267 -17.44 9.14 10.95
C LYS A 267 -17.90 10.56 10.71
N ILE A 268 -19.19 10.80 10.93
CA ILE A 268 -19.77 12.11 10.71
C ILE A 268 -19.40 13.03 11.87
N TYR A 269 -18.76 14.15 11.55
CA TYR A 269 -18.44 15.17 12.54
C TYR A 269 -19.61 16.13 12.69
N MET A 270 -19.77 16.65 13.90
CA MET A 270 -20.86 17.56 14.24
C MET A 270 -20.27 18.96 14.34
N TYR A 271 -20.51 19.78 13.31
CA TYR A 271 -19.89 21.09 13.19
C TYR A 271 -20.91 22.19 13.06
N ILE A 272 -20.58 23.34 13.61
CA ILE A 272 -21.34 24.58 13.47
C ILE A 272 -21.14 25.11 12.05
N PRO A 273 -22.15 25.71 11.40
CA PRO A 273 -21.93 26.25 10.05
C PRO A 273 -21.04 27.48 10.00
N HIS A 274 -20.72 28.09 11.14
CA HIS A 274 -19.79 29.21 11.13
C HIS A 274 -18.36 28.74 10.90
N ALA A 275 -18.07 27.49 11.27
CA ALA A 275 -16.73 26.94 11.14
C ALA A 275 -16.36 26.60 9.72
N LEU A 276 -17.33 26.45 8.84
CA LEU A 276 -17.14 25.78 7.56
C LEU A 276 -17.24 26.74 6.39
N LYS A 277 -16.24 26.68 5.51
CA LYS A 277 -16.15 27.44 4.30
C LYS A 277 -16.23 26.48 3.12
N PRO A 278 -16.97 26.80 2.06
CA PRO A 278 -17.03 25.88 0.92
C PRO A 278 -15.71 25.84 0.15
N ILE A 279 -15.36 24.65 -0.34
CA ILE A 279 -14.18 24.48 -1.18
C ILE A 279 -14.48 25.09 -2.54
N ILE A 280 -13.61 25.97 -2.99
CA ILE A 280 -13.87 26.80 -4.16
C ILE A 280 -13.00 26.27 -5.29
N THR A 281 -13.58 25.42 -6.13
CA THR A 281 -12.89 24.87 -7.28
C THR A 281 -13.41 25.49 -8.57
N ARG A 282 -12.89 25.03 -9.71
CA ARG A 282 -13.46 25.41 -10.99
C ARG A 282 -14.87 24.83 -11.14
N GLU A 283 -15.09 23.62 -10.62
CA GLU A 283 -16.40 22.98 -10.72
C GLU A 283 -17.43 23.72 -9.90
N TYR A 284 -17.01 24.30 -8.77
CA TYR A 284 -17.96 24.99 -7.90
C TYR A 284 -18.37 26.32 -8.52
N LEU A 285 -17.42 27.01 -9.14
CA LEU A 285 -17.75 28.20 -9.93
C LEU A 285 -18.65 27.86 -11.11
N ALA A 286 -18.43 26.70 -11.73
CA ALA A 286 -19.26 26.29 -12.85
C ALA A 286 -20.68 25.98 -12.40
N LYS A 287 -20.84 25.47 -11.18
CA LYS A 287 -22.17 25.22 -10.65
C LYS A 287 -22.84 26.51 -10.20
N ASN A 288 -22.07 27.48 -9.70
CA ASN A 288 -22.65 28.70 -9.13
C ASN A 288 -22.61 29.91 -10.05
N ASP A 289 -21.44 30.35 -10.50
CA ASP A 289 -21.32 31.61 -11.24
C ASP A 289 -20.53 31.38 -12.52
N PRO A 290 -21.20 30.97 -13.60
CA PRO A 290 -20.46 30.62 -14.82
C PRO A 290 -19.83 31.78 -15.54
N GLU A 291 -20.41 32.99 -15.45
CA GLU A 291 -19.80 34.14 -16.10
C GLU A 291 -18.49 34.53 -15.41
N PHE A 292 -18.46 34.41 -14.09
CA PHE A 292 -17.22 34.65 -13.36
C PHE A 292 -16.19 33.58 -13.66
N SER A 293 -16.63 32.33 -13.80
CA SER A 293 -15.71 31.23 -14.07
C SER A 293 -15.15 31.32 -15.48
N LYS A 294 -15.89 31.89 -16.41
CA LYS A 294 -15.35 32.10 -17.75
C LYS A 294 -14.48 33.34 -17.82
N GLU A 295 -14.77 34.36 -17.01
CA GLU A 295 -14.08 35.63 -17.20
C GLU A 295 -12.72 35.66 -16.52
N ILE A 296 -12.48 34.78 -15.54
CA ILE A 296 -11.17 34.71 -14.90
C ILE A 296 -10.25 33.74 -15.60
N GLU A 297 -10.68 33.15 -16.72
CA GLU A 297 -9.89 32.15 -17.41
C GLU A 297 -8.70 32.80 -18.11
N GLN A 298 -8.80 34.09 -18.39
CA GLN A 298 -7.64 34.85 -18.83
C GLN A 298 -6.83 35.39 -17.67
N LEU A 299 -7.25 35.15 -16.43
CA LEU A 299 -6.55 35.65 -15.27
C LEU A 299 -5.80 34.59 -14.50
N ILE A 300 -6.22 33.32 -14.58
CA ILE A 300 -5.50 32.26 -13.92
C ILE A 300 -4.55 31.55 -14.86
N LYS A 301 -4.86 31.47 -16.15
CA LYS A 301 -3.97 30.88 -17.15
C LYS A 301 -3.22 32.03 -17.79
N MET A 302 -1.99 32.21 -17.34
CA MET A 302 -1.25 33.44 -17.53
C MET A 302 -0.03 33.17 -18.38
N ASN A 303 0.06 33.82 -19.54
CA ASN A 303 1.26 33.76 -20.33
C ASN A 303 2.41 34.49 -19.64
N MET A 304 3.61 34.40 -20.23
CA MET A 304 4.79 34.90 -19.55
C MET A 304 4.83 36.41 -19.48
N ASN A 305 4.18 37.10 -20.42
CA ASN A 305 4.13 38.55 -20.36
C ASN A 305 3.26 39.01 -19.21
N TYR A 306 2.12 38.35 -19.01
CA TYR A 306 1.23 38.77 -17.93
C TYR A 306 1.76 38.33 -16.57
N ARG A 307 2.43 37.18 -16.50
CA ARG A 307 3.14 36.83 -15.28
C ARG A 307 4.26 37.81 -14.97
N TYR A 308 4.96 38.28 -16.01
CA TYR A 308 5.99 39.29 -15.80
C TYR A 308 5.41 40.60 -15.31
N GLU A 309 4.25 41.00 -15.81
CA GLU A 309 3.63 42.23 -15.35
C GLU A 309 3.12 42.10 -13.92
N THR A 310 2.60 40.92 -13.58
CA THR A 310 2.16 40.65 -12.20
C THR A 310 3.32 40.72 -11.24
N LEU A 311 4.43 40.07 -11.57
CA LEU A 311 5.59 40.09 -10.69
C LEU A 311 6.30 41.43 -10.71
N LYS A 312 6.18 42.20 -11.80
CA LYS A 312 6.69 43.56 -11.82
C LYS A 312 5.95 44.44 -10.84
N SER A 313 4.62 44.36 -10.83
CA SER A 313 3.85 45.12 -9.86
C SER A 313 4.15 44.67 -8.43
N PHE A 314 4.38 43.37 -8.24
CA PHE A 314 4.77 42.85 -6.94
C PHE A 314 6.10 43.43 -6.45
N VAL A 315 7.11 43.44 -7.33
CA VAL A 315 8.43 43.93 -6.96
C VAL A 315 8.42 45.44 -6.76
N ASN A 316 7.59 46.16 -7.53
CA ASN A 316 7.45 47.58 -7.29
C ASN A 316 6.72 47.86 -5.99
N ASP A 317 5.86 46.92 -5.55
CA ASP A 317 5.20 47.08 -4.26
C ASP A 317 6.10 46.69 -3.10
N ILE A 318 7.13 45.88 -3.33
CA ILE A 318 8.13 45.67 -2.29
C ILE A 318 8.92 46.95 -2.07
N GLY A 319 9.62 47.42 -3.09
CA GLY A 319 10.41 48.61 -2.94
C GLY A 319 11.65 48.36 -2.10
N VAL A 320 12.30 49.47 -1.76
CA VAL A 320 13.55 49.43 -1.01
C VAL A 320 13.27 49.08 0.45
N ILE A 321 14.06 48.18 1.01
CA ILE A 321 13.96 47.80 2.41
C ILE A 321 15.05 48.56 3.14
N GLU A 322 14.64 49.42 4.08
CA GLU A 322 15.55 50.39 4.69
C GLU A 322 16.50 49.77 5.71
N GLU A 323 16.36 48.49 6.02
CA GLU A 323 17.13 47.84 7.07
C GLU A 323 18.02 46.72 6.57
N LEU A 324 18.35 46.70 5.27
CA LEU A 324 19.28 45.73 4.70
C LEU A 324 20.27 46.44 3.78
N ASN A 325 20.86 47.52 4.30
CA ASN A 325 21.73 48.45 3.54
C ASN A 325 21.02 48.98 2.30
N ASN A 326 19.75 49.35 2.49
CA ASN A 326 18.85 49.84 1.43
C ASN A 326 18.75 48.84 0.27
N LEU A 327 18.36 47.62 0.62
CA LEU A 327 18.20 46.57 -0.38
C LEU A 327 16.91 46.78 -1.17
N SER A 328 17.05 47.07 -2.45
CA SER A 328 15.91 47.15 -3.35
C SER A 328 16.09 46.10 -4.44
N PHE A 329 15.05 45.90 -5.24
CA PHE A 329 15.07 44.91 -6.30
C PHE A 329 14.85 45.56 -7.65
N LYS A 330 15.51 45.02 -8.68
CA LYS A 330 15.16 45.36 -10.05
C LYS A 330 13.78 44.80 -10.37
N ASN A 331 13.04 45.50 -11.22
CA ASN A 331 11.72 45.06 -11.62
C ASN A 331 11.68 44.49 -13.03
N LYS A 332 12.76 43.86 -13.46
CA LYS A 332 12.86 43.25 -14.79
C LYS A 332 13.64 41.94 -14.69
N TYR A 333 13.37 41.03 -15.62
CA TYR A 333 14.07 39.75 -15.61
C TYR A 333 15.51 39.91 -16.09
N TYR A 334 16.30 38.86 -15.84
CA TYR A 334 17.63 38.77 -16.41
C TYR A 334 17.56 38.64 -17.92
N GLU A 335 18.39 39.42 -18.62
CA GLU A 335 18.42 39.35 -20.08
C GLU A 335 18.96 38.01 -20.57
N ASP A 336 19.80 37.35 -19.78
CA ASP A 336 20.21 35.99 -20.06
C ASP A 336 20.52 35.30 -18.74
N VAL A 337 20.20 34.00 -18.67
CA VAL A 337 20.42 33.23 -17.45
C VAL A 337 21.82 32.66 -17.34
N LYS A 338 22.76 33.11 -18.17
CA LYS A 338 24.16 32.81 -17.91
C LYS A 338 24.65 33.53 -16.66
N LEU A 339 23.95 34.57 -16.21
CA LEU A 339 24.23 35.20 -14.93
C LEU A 339 23.78 34.36 -13.75
N LEU A 340 23.00 33.30 -14.00
CA LEU A 340 22.57 32.39 -12.95
C LEU A 340 23.25 31.03 -13.01
N GLY A 341 24.15 30.83 -13.95
CA GLY A 341 24.77 29.54 -14.15
C GLY A 341 24.03 28.63 -15.10
N TYR A 342 22.75 28.86 -15.32
CA TYR A 342 21.95 28.21 -16.35
C TYR A 342 22.55 28.48 -17.73
N SER A 343 22.38 27.52 -18.63
CA SER A 343 22.82 27.69 -20.01
C SER A 343 21.64 27.46 -20.94
N SER A 344 21.30 28.49 -21.70
CA SER A 344 20.16 28.45 -22.61
C SER A 344 20.49 27.67 -23.87
N GLY A 345 19.45 27.33 -24.62
CA GLY A 345 19.63 26.65 -25.87
C GLY A 345 18.33 26.04 -26.34
N LYS A 346 18.27 25.77 -27.64
CA LYS A 346 17.13 25.10 -28.26
C LYS A 346 17.58 23.78 -28.83
N ILE A 347 16.87 22.72 -28.48
CA ILE A 347 17.17 21.38 -28.97
C ILE A 347 16.65 21.25 -30.39
N ASP A 348 17.45 20.63 -31.26
CA ASP A 348 17.01 20.29 -32.61
C ASP A 348 15.79 19.38 -32.57
N GLU A 349 14.83 19.68 -33.42
CA GLU A 349 13.60 18.92 -33.52
C GLU A 349 13.89 17.52 -34.05
N PRO A 350 13.15 16.50 -33.60
CA PRO A 350 13.30 15.16 -34.19
C PRO A 350 12.87 15.12 -35.64
N VAL A 351 13.32 14.08 -36.34
CA VAL A 351 12.80 13.71 -37.64
C VAL A 351 12.03 12.41 -37.46
N LEU A 352 10.90 12.29 -38.13
CA LEU A 352 10.03 11.14 -37.97
C LEU A 352 9.82 10.47 -39.32
N MET A 353 9.83 9.14 -39.32
CA MET A 353 9.75 8.36 -40.54
C MET A 353 8.34 7.81 -40.70
N GLY A 354 7.82 7.88 -41.93
CA GLY A 354 6.56 7.28 -42.27
C GLY A 354 6.70 6.16 -43.28
N ALA A 355 5.60 5.90 -43.98
CA ALA A 355 5.65 4.94 -45.07
C ALA A 355 6.43 5.48 -46.26
N LYS A 356 6.46 6.80 -46.43
CA LYS A 356 7.19 7.43 -47.51
C LYS A 356 8.48 8.09 -47.07
N GLY A 357 8.62 8.41 -45.78
CA GLY A 357 9.83 9.05 -45.31
C GLY A 357 9.57 10.14 -44.27
N ILE A 358 10.23 11.28 -44.43
CA ILE A 358 10.13 12.37 -43.46
C ILE A 358 8.73 12.97 -43.52
N ILE A 359 8.06 12.97 -42.37
CA ILE A 359 6.79 13.68 -42.20
C ILE A 359 7.10 15.02 -41.56
N LYS A 360 6.39 16.07 -41.98
CA LYS A 360 6.67 17.40 -41.45
C LYS A 360 5.83 17.68 -40.22
N ASN A 361 4.62 17.12 -40.16
CA ASN A 361 3.78 17.15 -38.98
C ASN A 361 3.48 15.73 -38.58
N LYS A 362 2.74 15.58 -37.48
CA LYS A 362 2.09 14.31 -37.22
C LYS A 362 0.79 14.18 -37.99
N MET A 363 0.33 15.27 -38.61
CA MET A 363 -0.85 15.20 -39.46
C MET A 363 -0.56 14.52 -40.78
N GLN A 364 0.69 14.58 -41.25
CA GLN A 364 1.03 14.04 -42.55
C GLN A 364 1.22 12.53 -42.54
N ILE A 365 1.06 11.87 -41.40
CA ILE A 365 1.19 10.42 -41.38
C ILE A 365 -0.03 9.77 -41.99
N PHE A 366 -1.12 10.51 -42.14
CA PHE A 366 -2.34 9.98 -42.73
C PHE A 366 -2.37 10.19 -44.23
N SER A 367 -1.50 11.04 -44.76
CA SER A 367 -1.26 11.18 -46.19
C SER A 367 -0.12 10.30 -46.66
N ASN A 368 0.99 10.29 -45.94
CA ASN A 368 2.13 9.47 -46.35
C ASN A 368 1.91 8.01 -46.02
N GLY A 369 1.17 7.72 -44.96
CA GLY A 369 0.92 6.34 -44.61
C GLY A 369 1.67 5.97 -43.35
N PHE A 370 1.11 5.00 -42.62
CA PHE A 370 1.69 4.55 -41.36
C PHE A 370 3.01 3.83 -41.61
N TYR A 371 3.89 3.85 -40.60
CA TYR A 371 5.21 3.25 -40.76
C TYR A 371 5.14 1.73 -40.69
N LYS A 372 4.54 1.19 -39.64
CA LYS A 372 4.55 -0.24 -39.40
C LYS A 372 3.12 -0.70 -39.13
N LEU A 373 2.50 -1.25 -40.13
CA LEU A 373 1.23 -1.91 -39.90
C LEU A 373 1.46 -3.25 -39.22
N PRO A 374 0.55 -3.69 -38.37
CA PRO A 374 0.67 -5.04 -37.79
C PRO A 374 0.37 -6.10 -38.84
N GLU A 375 1.02 -7.24 -38.68
CA GLU A 375 0.85 -8.33 -39.63
C GLU A 375 -0.53 -8.96 -39.45
N GLY A 376 -1.26 -9.07 -40.55
CA GLY A 376 -2.57 -9.68 -40.53
C GLY A 376 -3.67 -8.71 -40.90
N LYS A 377 -4.84 -8.97 -40.33
CA LYS A 377 -6.05 -8.24 -40.61
C LYS A 377 -6.87 -8.15 -39.34
N VAL A 378 -7.46 -6.98 -39.10
CA VAL A 378 -8.14 -6.70 -37.85
C VAL A 378 -9.58 -6.30 -38.13
N ARG A 379 -10.51 -7.09 -37.62
CA ARG A 379 -11.94 -6.90 -37.87
C ARG A 379 -12.53 -6.17 -36.68
N PHE A 380 -13.28 -5.11 -36.94
CA PHE A 380 -13.87 -4.33 -35.88
C PHE A 380 -15.03 -5.06 -35.22
N GLY A 381 -15.58 -4.43 -34.19
CA GLY A 381 -16.83 -4.87 -33.61
C GLY A 381 -17.28 -3.79 -32.64
N VAL A 382 -18.50 -3.32 -32.79
CA VAL A 382 -18.88 -2.06 -32.17
C VAL A 382 -19.93 -2.28 -31.11
N LEU A 383 -19.65 -1.79 -29.91
CA LEU A 383 -20.68 -1.57 -28.90
C LEU A 383 -21.14 -0.13 -28.98
N TYR A 384 -22.41 0.09 -28.65
CA TYR A 384 -22.99 1.42 -28.71
C TYR A 384 -24.20 1.42 -27.79
N PRO A 385 -24.53 2.55 -27.17
CA PRO A 385 -25.75 2.60 -26.38
C PRO A 385 -26.98 2.62 -27.27
N LYS A 386 -28.04 1.94 -26.80
CA LYS A 386 -29.20 1.63 -27.63
C LYS A 386 -29.97 2.87 -28.07
N GLU A 387 -29.83 3.98 -27.33
CA GLU A 387 -30.52 5.20 -27.71
C GLU A 387 -29.75 6.04 -28.71
N PHE A 388 -28.59 5.57 -29.17
CA PHE A 388 -27.72 6.36 -30.04
C PHE A 388 -27.29 5.56 -31.25
N ASP A 389 -28.25 4.83 -31.85
CA ASP A 389 -27.93 3.85 -32.87
C ASP A 389 -27.51 4.50 -34.19
N GLY A 390 -28.26 5.51 -34.64
CA GLY A 390 -27.92 6.15 -35.90
C GLY A 390 -26.68 7.02 -35.78
N VAL A 391 -26.52 7.69 -34.64
CA VAL A 391 -25.32 8.47 -34.37
C VAL A 391 -24.10 7.58 -34.31
N SER A 392 -24.23 6.40 -33.71
CA SER A 392 -23.13 5.44 -33.65
C SER A 392 -22.82 4.86 -35.01
N ARG A 393 -23.86 4.60 -35.80
CA ARG A 393 -23.68 4.13 -37.18
C ARG A 393 -22.88 5.13 -38.00
N LYS A 394 -23.22 6.42 -37.89
CA LYS A 394 -22.49 7.45 -38.61
C LYS A 394 -21.07 7.60 -38.08
N ALA A 395 -20.88 7.37 -36.77
CA ALA A 395 -19.54 7.45 -36.18
C ALA A 395 -18.63 6.36 -36.72
N ILE A 396 -19.10 5.11 -36.71
CA ILE A 396 -18.27 4.00 -37.19
C ILE A 396 -18.09 4.09 -38.71
N ARG A 397 -19.09 4.65 -39.40
CA ARG A 397 -18.94 4.91 -40.83
C ARG A 397 -17.82 5.90 -41.10
N ALA A 398 -17.73 6.97 -40.30
CA ALA A 398 -16.66 7.95 -40.48
C ALA A 398 -15.31 7.36 -40.11
N ILE A 399 -15.26 6.53 -39.07
CA ILE A 399 -14.01 5.90 -38.65
C ILE A 399 -13.50 4.95 -39.73
N TYR A 400 -14.40 4.12 -40.28
CA TYR A 400 -13.98 3.13 -41.26
C TYR A 400 -13.67 3.78 -42.60
N ASP A 401 -14.38 4.86 -42.95
CA ASP A 401 -14.05 5.56 -44.19
C ASP A 401 -12.75 6.34 -44.07
N PHE A 402 -12.41 6.78 -42.86
CA PHE A 402 -11.08 7.35 -42.65
C PHE A 402 -10.01 6.28 -42.74
N SER A 403 -10.25 5.15 -42.07
CA SER A 403 -9.20 4.15 -41.86
C SER A 403 -8.93 3.37 -43.14
N LYS A 404 -9.94 2.67 -43.64
CA LYS A 404 -9.76 1.81 -44.80
C LYS A 404 -9.90 2.59 -46.11
N GLU A 405 -11.04 3.23 -46.31
CA GLU A 405 -11.32 3.80 -47.62
C GLU A 405 -10.65 5.15 -47.85
N GLY A 406 -10.10 5.77 -46.81
CA GLY A 406 -9.41 7.04 -46.99
C GLY A 406 -10.33 8.19 -47.33
N LYS A 407 -11.58 8.13 -46.88
CA LYS A 407 -12.60 9.09 -47.28
C LYS A 407 -13.12 9.83 -46.07
N TYR A 408 -13.30 11.14 -46.20
CA TYR A 408 -13.86 11.96 -45.14
C TYR A 408 -15.10 12.67 -45.65
N HIS A 409 -16.17 12.62 -44.84
CA HIS A 409 -17.55 12.90 -45.24
C HIS A 409 -17.97 12.09 -46.47
N GLY A 410 -17.55 10.83 -46.53
CA GLY A 410 -17.94 9.95 -47.61
C GLY A 410 -17.19 10.12 -48.91
N GLU A 411 -16.47 11.22 -49.10
CA GLU A 411 -15.76 11.47 -50.34
C GLU A 411 -14.25 11.33 -50.11
N SER A 412 -13.55 10.88 -51.15
CA SER A 412 -12.11 10.69 -51.06
C SER A 412 -11.40 12.03 -50.94
N ASN A 413 -10.56 12.15 -49.91
CA ASN A 413 -9.95 13.42 -49.54
C ASN A 413 -8.45 13.34 -49.76
N LYS A 414 -7.83 14.50 -50.02
CA LYS A 414 -6.39 14.55 -50.24
C LYS A 414 -5.62 14.43 -48.93
N TYR A 415 -6.28 14.65 -47.79
CA TYR A 415 -5.64 14.55 -46.50
C TYR A 415 -5.33 13.12 -46.09
N ILE A 416 -6.13 12.15 -46.55
CA ILE A 416 -6.12 10.81 -46.00
C ILE A 416 -5.78 9.83 -47.11
N ALA A 417 -4.73 9.05 -46.90
CA ALA A 417 -4.38 8.02 -47.86
C ALA A 417 -5.26 6.80 -47.66
N GLU A 418 -5.54 6.10 -48.75
CA GLU A 418 -6.35 4.90 -48.69
C GLU A 418 -5.59 3.77 -48.02
N HIS A 419 -6.35 2.93 -47.30
CA HIS A 419 -5.85 1.72 -46.63
C HIS A 419 -4.77 2.07 -45.61
N LEU A 420 -5.14 2.89 -44.62
CA LEU A 420 -4.21 3.23 -43.55
C LEU A 420 -3.97 2.04 -42.63
N ILE A 421 -5.05 1.39 -42.21
CA ILE A 421 -4.97 0.16 -41.43
C ILE A 421 -5.80 -0.90 -42.12
N ASN A 422 -5.33 -2.15 -42.05
CA ASN A 422 -5.98 -3.26 -42.75
C ASN A 422 -7.19 -3.69 -41.92
N VAL A 423 -8.25 -2.91 -42.03
CA VAL A 423 -9.48 -3.17 -41.30
C VAL A 423 -10.56 -3.61 -42.27
N GLU A 424 -11.39 -4.55 -41.81
CA GLU A 424 -12.56 -5.00 -42.53
C GLU A 424 -13.76 -4.77 -41.61
N PHE A 425 -14.59 -3.81 -41.96
CA PHE A 425 -15.85 -3.59 -41.27
C PHE A 425 -16.95 -3.54 -42.33
N ASN A 426 -17.50 -4.71 -42.64
CA ASN A 426 -18.65 -4.79 -43.51
C ASN A 426 -19.89 -4.82 -42.64
N PRO A 427 -20.77 -3.81 -42.72
CA PRO A 427 -21.98 -3.82 -41.90
C PRO A 427 -22.96 -4.93 -42.25
N LYS A 428 -22.85 -5.52 -43.44
CA LYS A 428 -23.58 -6.75 -43.71
C LYS A 428 -22.98 -7.92 -42.96
N GLU A 429 -21.65 -7.96 -42.84
CA GLU A 429 -20.97 -9.03 -42.12
C GLU A 429 -20.87 -8.73 -40.63
N CYS A 430 -20.25 -7.61 -40.28
CA CYS A 430 -19.82 -7.34 -38.92
C CYS A 430 -20.98 -6.89 -38.05
N ILE A 431 -20.71 -6.70 -36.76
CA ILE A 431 -21.74 -6.63 -35.74
C ILE A 431 -21.84 -5.23 -35.16
N PHE A 432 -23.06 -4.84 -34.81
CA PHE A 432 -23.38 -3.71 -33.96
C PHE A 432 -24.13 -4.24 -32.75
N GLU A 433 -23.42 -4.75 -31.76
CA GLU A 433 -24.05 -5.14 -30.52
C GLU A 433 -24.36 -3.88 -29.75
N GLY A 434 -25.63 -3.68 -29.42
CA GLY A 434 -26.03 -2.52 -28.63
C GLY A 434 -26.28 -2.90 -27.19
N TYR A 435 -25.92 -2.00 -26.28
CA TYR A 435 -26.05 -2.25 -24.86
C TYR A 435 -26.91 -1.19 -24.20
N GLU A 436 -27.81 -1.63 -23.32
CA GLU A 436 -28.65 -0.71 -22.56
C GLU A 436 -27.80 0.01 -21.52
N LEU A 437 -27.97 1.32 -21.42
CA LEU A 437 -27.33 2.06 -20.35
C LEU A 437 -28.00 1.71 -19.02
N GLY A 438 -27.19 1.60 -17.98
CA GLY A 438 -27.69 1.02 -16.74
C GLY A 438 -26.61 0.50 -15.83
N ASP A 439 -26.73 -0.77 -15.44
CA ASP A 439 -25.86 -1.35 -14.44
C ASP A 439 -24.45 -1.55 -14.99
N ILE A 440 -23.52 -1.81 -14.07
CA ILE A 440 -22.14 -2.09 -14.44
C ILE A 440 -21.98 -3.55 -14.85
N THR A 441 -22.72 -4.45 -14.19
CA THR A 441 -22.70 -5.85 -14.58
C THR A 441 -23.32 -6.07 -15.96
N GLU A 442 -24.23 -5.19 -16.39
CA GLU A 442 -24.77 -5.33 -17.74
C GLU A 442 -23.78 -4.84 -18.78
N TYR A 443 -22.95 -3.86 -18.43
CA TYR A 443 -21.86 -3.43 -19.30
C TYR A 443 -20.83 -4.53 -19.45
N LYS A 444 -20.56 -5.24 -18.35
CA LYS A 444 -19.61 -6.34 -18.40
C LYS A 444 -20.16 -7.50 -19.22
N LYS A 445 -21.46 -7.79 -19.08
CA LYS A 445 -22.04 -8.85 -19.89
C LYS A 445 -22.15 -8.44 -21.35
N ALA A 446 -22.29 -7.15 -21.64
CA ALA A 446 -22.25 -6.69 -23.03
C ALA A 446 -20.87 -6.90 -23.64
N ALA A 447 -19.82 -6.63 -22.86
CA ALA A 447 -18.48 -6.90 -23.36
C ALA A 447 -18.24 -8.40 -23.53
N LEU A 448 -18.81 -9.22 -22.66
CA LEU A 448 -18.67 -10.67 -22.84
C LEU A 448 -19.44 -11.16 -24.06
N LYS A 449 -20.60 -10.57 -24.34
CA LYS A 449 -21.36 -10.97 -25.53
C LYS A 449 -20.69 -10.49 -26.80
N LEU A 450 -19.84 -9.47 -26.71
CA LEU A 450 -19.09 -9.10 -27.90
C LEU A 450 -17.79 -9.89 -28.00
N ASN A 451 -17.34 -10.51 -26.91
CA ASN A 451 -16.32 -11.54 -27.06
C ASN A 451 -16.91 -12.85 -27.58
N ASN A 452 -18.21 -13.06 -27.37
CA ASN A 452 -18.87 -14.34 -27.62
C ASN A 452 -18.82 -14.75 -29.09
N TYR A 453 -18.67 -13.80 -30.00
CA TYR A 453 -18.41 -14.08 -31.41
C TYR A 453 -16.92 -13.95 -31.66
N ASN A 454 -16.40 -14.80 -32.55
CA ASN A 454 -14.97 -14.91 -32.76
C ASN A 454 -14.45 -13.91 -33.79
N ASN A 455 -15.33 -13.26 -34.55
CA ASN A 455 -14.92 -12.40 -35.65
C ASN A 455 -14.69 -10.96 -35.25
N VAL A 456 -14.32 -10.70 -34.00
CA VAL A 456 -14.04 -9.36 -33.52
C VAL A 456 -12.58 -9.32 -33.09
N ASP A 457 -11.80 -8.42 -33.67
CA ASP A 457 -10.40 -8.32 -33.36
C ASP A 457 -10.03 -6.96 -32.80
N PHE A 458 -10.98 -6.02 -32.76
CA PHE A 458 -10.79 -4.70 -32.16
C PHE A 458 -12.18 -4.10 -31.94
N VAL A 459 -12.32 -3.32 -30.88
CA VAL A 459 -13.63 -2.81 -30.48
C VAL A 459 -13.61 -1.28 -30.56
N ILE A 460 -14.69 -0.70 -31.09
CA ILE A 460 -14.81 0.75 -31.22
C ILE A 460 -15.99 1.16 -30.33
N ALA A 461 -16.09 0.57 -29.15
CA ALA A 461 -17.24 0.72 -28.27
C ALA A 461 -17.51 2.18 -27.93
N ILE A 462 -18.80 2.54 -27.95
CA ILE A 462 -19.25 3.89 -27.68
C ILE A 462 -19.68 3.96 -26.22
N VAL A 463 -19.03 4.82 -25.45
CA VAL A 463 -19.28 4.93 -24.02
C VAL A 463 -20.09 6.20 -23.77
N PRO A 464 -20.84 6.31 -22.68
CA PRO A 464 -21.39 7.62 -22.32
C PRO A 464 -20.30 8.56 -21.81
N ASN A 465 -20.68 9.80 -21.55
CA ASN A 465 -19.69 10.86 -21.36
C ASN A 465 -18.97 10.74 -20.02
N MET A 466 -17.75 11.32 -19.98
CA MET A 466 -17.02 11.42 -18.73
C MET A 466 -17.74 12.33 -17.74
N SER A 467 -18.38 13.37 -18.26
CA SER A 467 -19.33 14.19 -17.51
C SER A 467 -20.65 13.42 -17.44
N ASP A 468 -21.73 14.15 -17.12
CA ASP A 468 -23.10 13.61 -17.08
C ASP A 468 -23.19 12.50 -16.03
N GLU A 469 -23.10 12.94 -14.76
CA GLU A 469 -22.80 12.06 -13.63
C GLU A 469 -23.94 11.09 -13.29
N GLU A 470 -25.07 11.19 -14.00
CA GLU A 470 -26.05 10.12 -13.98
C GLU A 470 -25.59 8.96 -14.86
N ILE A 471 -26.56 8.09 -15.23
CA ILE A 471 -26.47 6.64 -15.39
C ILE A 471 -25.14 6.13 -15.95
N GLU A 472 -24.62 5.07 -15.29
CA GLU A 472 -23.19 4.80 -15.13
C GLU A 472 -22.39 4.80 -16.43
N ASN A 473 -21.16 5.30 -16.33
CA ASN A 473 -20.23 5.24 -17.44
C ASN A 473 -19.81 3.80 -17.69
N SER A 474 -19.58 3.46 -18.95
CA SER A 474 -19.27 2.09 -19.34
C SER A 474 -17.82 1.88 -19.73
N TYR A 475 -17.01 2.94 -19.72
CA TYR A 475 -15.59 2.82 -20.05
C TYR A 475 -14.89 1.86 -19.12
N ASN A 476 -15.08 2.03 -17.83
CA ASN A 476 -14.36 1.22 -16.85
C ASN A 476 -14.77 -0.26 -16.92
N PRO A 477 -16.06 -0.66 -16.98
CA PRO A 477 -16.33 -2.08 -17.17
C PRO A 477 -15.90 -2.63 -18.51
N PHE A 478 -16.01 -1.83 -19.58
CA PHE A 478 -15.56 -2.29 -20.89
C PHE A 478 -14.07 -2.57 -20.91
N LYS A 479 -13.25 -1.62 -20.44
CA LYS A 479 -11.81 -1.81 -20.48
C LYS A 479 -11.36 -2.89 -19.51
N LYS A 480 -12.06 -3.07 -18.39
CA LYS A 480 -11.78 -4.21 -17.51
C LYS A 480 -12.01 -5.53 -18.21
N ILE A 481 -13.17 -5.69 -18.87
CA ILE A 481 -13.45 -6.98 -19.48
C ILE A 481 -12.59 -7.18 -20.73
N TRP A 482 -12.26 -6.12 -21.45
CA TRP A 482 -11.42 -6.31 -22.64
C TRP A 482 -9.97 -6.56 -22.24
N ALA A 483 -9.54 -6.08 -21.07
CA ALA A 483 -8.23 -6.43 -20.58
C ALA A 483 -8.20 -7.87 -20.08
N GLU A 484 -9.31 -8.33 -19.49
CA GLU A 484 -9.39 -9.73 -19.06
C GLU A 484 -9.40 -10.69 -20.24
N LEU A 485 -9.78 -10.23 -21.43
CA LEU A 485 -9.93 -11.08 -22.59
C LEU A 485 -8.90 -10.78 -23.67
N ASN A 486 -8.00 -9.84 -23.41
CA ASN A 486 -6.92 -9.42 -24.30
C ASN A 486 -7.47 -9.00 -25.67
N LEU A 487 -8.54 -8.23 -25.65
CA LEU A 487 -9.10 -7.67 -26.86
C LEU A 487 -8.85 -6.17 -26.85
N PRO A 488 -8.07 -5.63 -27.77
CA PRO A 488 -7.82 -4.19 -27.77
C PRO A 488 -9.05 -3.43 -28.20
N SER A 489 -9.15 -2.18 -27.76
CA SER A 489 -10.39 -1.42 -27.91
C SER A 489 -10.14 0.07 -27.77
N GLN A 490 -10.69 0.84 -28.69
CA GLN A 490 -10.65 2.30 -28.66
C GLN A 490 -12.04 2.83 -28.33
N MET A 491 -12.18 3.44 -27.16
CA MET A 491 -13.47 3.91 -26.70
C MET A 491 -13.75 5.31 -27.21
N ILE A 492 -15.02 5.62 -27.42
CA ILE A 492 -15.46 6.91 -27.92
C ILE A 492 -16.67 7.34 -27.10
N SER A 493 -16.64 8.57 -26.59
CA SER A 493 -17.79 9.05 -25.85
C SER A 493 -18.92 9.42 -26.81
N VAL A 494 -20.12 9.60 -26.25
CA VAL A 494 -21.28 9.94 -27.05
C VAL A 494 -21.12 11.30 -27.68
N LYS A 495 -20.39 12.22 -27.02
CA LYS A 495 -20.16 13.54 -27.58
C LYS A 495 -19.32 13.47 -28.86
N THR A 496 -18.29 12.61 -28.88
CA THR A 496 -17.49 12.47 -30.10
C THR A 496 -18.26 11.73 -31.19
N ALA A 497 -19.15 10.82 -30.82
CA ALA A 497 -20.06 10.22 -31.79
C ALA A 497 -21.01 11.24 -32.37
N GLU A 498 -21.44 12.21 -31.55
CA GLU A 498 -22.27 13.30 -32.03
C GLU A 498 -21.49 14.24 -32.94
N ILE A 499 -20.19 14.40 -32.67
CA ILE A 499 -19.33 15.18 -33.56
C ILE A 499 -19.19 14.49 -34.91
N PHE A 500 -19.17 13.16 -34.91
CA PHE A 500 -19.06 12.42 -36.17
C PHE A 500 -20.38 12.41 -36.92
N ALA A 501 -21.49 12.30 -36.22
CA ALA A 501 -22.79 12.24 -36.90
C ALA A 501 -23.28 13.62 -37.32
N ASN A 502 -22.89 14.66 -36.60
CA ASN A 502 -23.27 16.03 -36.90
C ASN A 502 -22.15 16.80 -37.57
N SER A 503 -21.30 16.09 -38.30
CA SER A 503 -20.10 16.70 -38.87
C SER A 503 -20.43 17.49 -40.12
N ARG A 504 -20.04 18.76 -40.13
CA ARG A 504 -20.11 19.58 -41.33
C ARG A 504 -18.78 20.23 -41.68
N ASP A 505 -18.02 20.70 -40.69
CA ASP A 505 -16.69 21.24 -40.92
C ASP A 505 -15.66 20.13 -40.75
N ASN A 506 -14.38 20.51 -40.71
CA ASN A 506 -13.30 19.57 -40.47
C ASN A 506 -12.99 19.39 -38.99
N THR A 507 -13.94 19.68 -38.10
CA THR A 507 -13.69 19.55 -36.67
C THR A 507 -13.59 18.09 -36.26
N ALA A 508 -14.42 17.24 -36.85
CA ALA A 508 -14.40 15.80 -36.57
C ALA A 508 -13.15 15.11 -37.12
N LEU A 509 -12.47 15.74 -38.08
CA LEU A 509 -11.30 15.13 -38.70
C LEU A 509 -10.18 14.92 -37.70
N TYR A 510 -10.00 15.85 -36.77
CA TYR A 510 -8.91 15.77 -35.81
C TYR A 510 -9.21 14.74 -34.75
N TYR A 511 -10.50 14.57 -34.44
CA TYR A 511 -10.90 13.50 -33.54
C TYR A 511 -10.66 12.16 -34.22
N LEU A 512 -10.87 12.12 -35.54
CA LEU A 512 -10.57 10.91 -36.30
C LEU A 512 -9.07 10.63 -36.37
N HIS A 513 -8.25 11.69 -36.44
CA HIS A 513 -6.80 11.51 -36.43
C HIS A 513 -6.35 10.83 -35.15
N ASN A 514 -6.83 11.34 -34.01
CA ASN A 514 -6.36 10.77 -32.75
C ASN A 514 -7.02 9.43 -32.44
N ILE A 515 -8.24 9.18 -32.95
CA ILE A 515 -8.85 7.86 -32.81
C ILE A 515 -8.11 6.83 -33.64
N VAL A 516 -7.72 7.17 -34.87
CA VAL A 516 -7.01 6.22 -35.70
C VAL A 516 -5.59 5.97 -35.18
N LEU A 517 -4.95 6.98 -34.58
CA LEU A 517 -3.68 6.73 -33.92
C LEU A 517 -3.83 5.84 -32.70
N GLY A 518 -4.93 5.99 -31.98
CA GLY A 518 -5.20 5.07 -30.87
C GLY A 518 -5.46 3.66 -31.35
N ILE A 519 -6.22 3.53 -32.45
CA ILE A 519 -6.53 2.22 -33.01
C ILE A 519 -5.27 1.54 -33.53
N LEU A 520 -4.37 2.32 -34.12
CA LEU A 520 -3.12 1.76 -34.61
C LEU A 520 -2.22 1.34 -33.47
N GLY A 521 -2.02 2.21 -32.48
CA GLY A 521 -1.14 1.87 -31.38
C GLY A 521 -1.64 0.74 -30.51
N LYS A 522 -2.96 0.54 -30.48
CA LYS A 522 -3.51 -0.56 -29.69
C LYS A 522 -3.46 -1.91 -30.39
N ILE A 523 -3.29 -1.96 -31.70
CA ILE A 523 -3.13 -3.23 -32.40
C ILE A 523 -1.66 -3.51 -32.70
N GLY A 524 -0.75 -2.83 -32.02
CA GLY A 524 0.66 -3.07 -32.20
C GLY A 524 1.26 -2.42 -33.41
N GLY A 525 0.56 -1.49 -34.03
CA GLY A 525 1.16 -0.73 -35.10
C GLY A 525 2.02 0.40 -34.58
N ILE A 526 2.91 0.89 -35.43
CA ILE A 526 3.75 2.03 -35.09
C ILE A 526 3.61 3.06 -36.19
N PRO A 527 3.07 4.24 -35.91
CA PRO A 527 2.83 5.19 -36.98
C PRO A 527 4.08 5.94 -37.43
N TRP A 528 4.99 6.23 -36.52
CA TRP A 528 6.26 6.84 -36.88
C TRP A 528 7.33 6.45 -35.88
N VAL A 529 8.56 6.44 -36.36
CA VAL A 529 9.75 6.27 -35.53
C VAL A 529 10.73 7.35 -35.90
N VAL A 530 11.67 7.62 -35.00
CA VAL A 530 12.75 8.54 -35.30
C VAL A 530 13.78 7.84 -36.18
N LYS A 531 14.46 8.62 -37.01
CA LYS A 531 15.48 8.07 -37.88
C LYS A 531 16.74 7.73 -37.09
N ASP A 532 17.17 8.63 -36.22
CA ASP A 532 18.25 8.36 -35.30
C ASP A 532 18.01 9.15 -34.02
N MET A 533 18.65 8.72 -32.95
CA MET A 533 18.54 9.42 -31.68
C MET A 533 19.92 9.77 -31.18
N LYS A 534 20.06 11.00 -30.68
CA LYS A 534 21.36 11.52 -30.27
C LYS A 534 21.86 10.77 -29.04
N GLY A 535 23.13 10.40 -29.08
CA GLY A 535 23.80 9.77 -27.96
C GLY A 535 24.10 8.30 -28.21
N ASP A 536 24.82 7.73 -27.26
CA ASP A 536 25.08 6.28 -27.23
C ASP A 536 24.11 5.65 -26.24
N VAL A 537 22.95 5.26 -26.76
CA VAL A 537 21.91 4.62 -25.96
C VAL A 537 21.45 3.39 -26.73
N ASP A 538 21.08 2.33 -26.02
CA ASP A 538 20.51 1.17 -26.65
C ASP A 538 19.08 0.87 -26.19
N CYS A 539 18.77 1.11 -24.92
CA CYS A 539 17.39 0.99 -24.48
C CYS A 539 17.11 2.04 -23.41
N PHE A 540 15.87 2.51 -23.38
CA PHE A 540 15.38 3.42 -22.35
C PHE A 540 14.56 2.63 -21.35
N VAL A 541 14.65 2.98 -20.08
CA VAL A 541 13.82 2.38 -19.06
C VAL A 541 13.10 3.50 -18.35
N GLY A 542 11.79 3.46 -18.35
CA GLY A 542 11.06 4.50 -17.66
C GLY A 542 10.42 4.01 -16.39
N LEU A 543 11.01 4.34 -15.24
CA LEU A 543 10.48 3.91 -13.96
C LEU A 543 9.60 5.00 -13.37
N ASP A 544 8.50 4.60 -12.75
CA ASP A 544 7.59 5.54 -12.10
C ASP A 544 6.80 4.76 -11.07
N VAL A 545 6.68 5.34 -9.88
CA VAL A 545 5.87 4.77 -8.81
C VAL A 545 4.86 5.83 -8.41
N GLY A 546 3.60 5.64 -8.79
CA GLY A 546 2.57 6.61 -8.51
C GLY A 546 1.85 6.28 -7.22
N THR A 547 1.11 7.24 -6.69
CA THR A 547 0.28 7.02 -5.51
C THR A 547 -1.12 7.58 -5.77
N ARG A 548 -2.11 6.68 -5.81
CA ARG A 548 -3.47 7.15 -6.06
C ARG A 548 -4.06 7.81 -4.82
N GLU A 549 -4.12 7.07 -3.71
CA GLU A 549 -4.71 7.58 -2.48
C GLU A 549 -3.69 7.47 -1.35
N LYS A 550 -4.15 7.73 -0.14
CA LYS A 550 -3.32 7.58 1.05
C LYS A 550 -3.22 6.09 1.41
N GLY A 551 -2.03 5.54 1.28
CA GLY A 551 -1.81 4.14 1.57
C GLY A 551 -1.80 3.23 0.38
N ILE A 552 -2.07 3.75 -0.82
CA ILE A 552 -2.07 2.99 -2.05
C ILE A 552 -0.98 3.55 -2.95
N HIS A 553 -0.02 2.70 -3.32
CA HIS A 553 0.98 3.08 -4.29
C HIS A 553 0.81 2.24 -5.54
N TYR A 554 0.87 2.90 -6.70
CA TYR A 554 0.93 2.20 -7.97
C TYR A 554 2.20 1.35 -8.00
N PRO A 555 2.12 0.13 -8.51
CA PRO A 555 3.32 -0.69 -8.65
C PRO A 555 4.29 -0.06 -9.64
N ALA A 556 5.57 -0.40 -9.47
CA ALA A 556 6.65 0.29 -10.18
C ALA A 556 6.64 -0.07 -11.65
N CYS A 557 5.75 0.58 -12.40
CA CYS A 557 5.59 0.30 -13.81
C CYS A 557 6.79 0.79 -14.59
N SER A 558 7.47 -0.13 -15.27
CA SER A 558 8.58 0.19 -16.13
C SER A 558 8.14 0.07 -17.57
N VAL A 559 8.74 0.86 -18.46
CA VAL A 559 8.60 0.67 -19.89
C VAL A 559 9.99 0.58 -20.49
N VAL A 560 10.16 -0.27 -21.49
CA VAL A 560 11.44 -0.48 -22.12
C VAL A 560 11.29 -0.08 -23.58
N PHE A 561 12.15 0.81 -24.04
CA PHE A 561 12.11 1.24 -25.42
C PHE A 561 13.41 0.80 -26.09
N ASP A 562 13.50 0.94 -27.40
CA ASP A 562 14.83 0.86 -27.97
C ASP A 562 15.40 2.27 -28.07
N LYS A 563 16.50 2.41 -28.80
CA LYS A 563 17.01 3.74 -29.05
C LYS A 563 16.20 4.47 -30.12
N TYR A 564 15.31 3.78 -30.81
CA TYR A 564 14.44 4.43 -31.79
C TYR A 564 13.03 4.66 -31.26
N GLY A 565 12.83 4.55 -29.96
CA GLY A 565 11.63 5.01 -29.33
C GLY A 565 10.48 4.03 -29.28
N LYS A 566 10.52 2.96 -30.07
CA LYS A 566 9.39 2.04 -30.11
C LYS A 566 9.40 1.14 -28.89
N LEU A 567 8.21 0.79 -28.42
CA LEU A 567 8.08 0.12 -27.14
C LEU A 567 8.46 -1.35 -27.29
N ILE A 568 9.53 -1.73 -26.61
CA ILE A 568 9.93 -3.12 -26.52
C ILE A 568 9.03 -3.88 -25.54
N ASN A 569 8.80 -3.29 -24.38
CA ASN A 569 8.28 -4.05 -23.26
C ASN A 569 7.77 -3.09 -22.20
N TYR A 570 6.84 -3.57 -21.39
CA TYR A 570 6.51 -2.93 -20.13
C TYR A 570 6.46 -3.99 -19.05
N TYR A 571 6.91 -3.65 -17.85
CA TYR A 571 6.89 -4.59 -16.74
C TYR A 571 6.14 -3.97 -15.57
N LYS A 572 5.11 -4.67 -15.11
CA LYS A 572 4.36 -4.26 -13.93
C LYS A 572 4.54 -5.34 -12.87
N PRO A 573 5.23 -5.06 -11.76
CA PRO A 573 5.29 -6.04 -10.68
C PRO A 573 3.94 -6.22 -10.00
N ASN A 574 3.64 -7.46 -9.63
CA ASN A 574 2.30 -7.78 -9.14
C ASN A 574 2.10 -7.29 -7.71
N ILE A 575 3.17 -7.06 -6.98
CA ILE A 575 3.05 -6.64 -5.57
C ILE A 575 3.18 -5.12 -5.49
N PRO A 576 2.41 -4.46 -4.63
CA PRO A 576 2.68 -3.06 -4.33
C PRO A 576 3.90 -2.94 -3.44
N GLN A 577 4.36 -1.71 -3.25
CA GLN A 577 5.54 -1.52 -2.44
C GLN A 577 5.36 -0.39 -1.44
N ASN A 578 6.44 -0.04 -0.74
CA ASN A 578 6.41 0.98 0.30
C ASN A 578 6.90 2.30 -0.31
N GLY A 579 6.02 2.95 -1.07
CA GLY A 579 6.31 4.29 -1.50
C GLY A 579 7.28 4.37 -2.66
N GLU A 580 7.93 5.53 -2.74
CA GLU A 580 8.74 5.92 -3.87
C GLU A 580 10.08 5.21 -3.93
N LYS A 581 10.38 4.37 -2.94
CA LYS A 581 11.57 3.53 -2.94
C LYS A 581 11.21 2.21 -3.60
N ILE A 582 11.91 1.88 -4.69
CA ILE A 582 11.74 0.58 -5.31
C ILE A 582 12.67 -0.40 -4.62
N ASN A 583 12.12 -1.51 -4.12
CA ASN A 583 12.93 -2.53 -3.49
C ASN A 583 13.86 -3.17 -4.51
N THR A 584 15.00 -3.66 -4.04
CA THR A 584 16.01 -4.18 -4.97
C THR A 584 15.60 -5.50 -5.59
N GLU A 585 14.65 -6.22 -4.96
CA GLU A 585 14.07 -7.37 -5.65
C GLU A 585 13.19 -6.92 -6.80
N ILE A 586 12.54 -5.76 -6.65
CA ILE A 586 11.70 -5.24 -7.72
C ILE A 586 12.58 -4.70 -8.84
N LEU A 587 13.72 -4.10 -8.50
CA LEU A 587 14.68 -3.69 -9.53
C LEU A 587 15.30 -4.90 -10.20
N GLN A 588 15.45 -6.00 -9.47
CA GLN A 588 15.91 -7.26 -10.06
C GLN A 588 14.92 -7.75 -11.11
N GLU A 589 13.63 -7.81 -10.73
CA GLU A 589 12.57 -8.22 -11.66
C GLU A 589 12.51 -7.31 -12.88
N ILE A 590 12.48 -5.99 -12.65
CA ILE A 590 12.35 -5.00 -13.71
C ILE A 590 13.53 -5.07 -14.67
N PHE A 591 14.76 -5.02 -14.17
CA PHE A 591 15.87 -4.90 -15.08
C PHE A 591 16.31 -6.22 -15.67
N ASP A 592 16.01 -7.35 -15.01
CA ASP A 592 16.13 -8.62 -15.71
C ASP A 592 15.14 -8.70 -16.86
N LYS A 593 13.93 -8.18 -16.66
CA LYS A 593 12.96 -8.15 -17.76
C LYS A 593 13.41 -7.22 -18.88
N VAL A 594 14.10 -6.13 -18.53
CA VAL A 594 14.67 -5.20 -19.51
C VAL A 594 15.71 -5.91 -20.38
N LEU A 595 16.69 -6.54 -19.72
CA LEU A 595 17.79 -7.16 -20.45
C LEU A 595 17.32 -8.39 -21.22
N ILE A 596 16.34 -9.11 -20.67
CA ILE A 596 15.70 -10.23 -21.36
C ILE A 596 15.00 -9.76 -22.63
N SER A 597 14.26 -8.66 -22.56
CA SER A 597 13.46 -8.26 -23.71
C SER A 597 14.34 -7.65 -24.79
N TYR A 598 15.39 -6.93 -24.38
CA TYR A 598 16.33 -6.42 -25.37
C TYR A 598 17.15 -7.56 -25.98
N GLU A 599 17.45 -8.60 -25.19
CA GLU A 599 18.13 -9.78 -25.72
C GLU A 599 17.26 -10.51 -26.73
N GLU A 600 15.97 -10.63 -26.45
CA GLU A 600 15.06 -11.32 -27.37
C GLU A 600 14.89 -10.55 -28.66
N GLU A 601 14.62 -9.25 -28.57
CA GLU A 601 14.36 -8.50 -29.78
C GLU A 601 15.61 -8.06 -30.50
N ASN A 602 16.80 -8.23 -29.90
CA ASN A 602 18.01 -7.74 -30.56
C ASN A 602 19.19 -8.69 -30.56
N GLY A 603 19.21 -9.74 -29.73
CA GLY A 603 20.26 -10.73 -29.80
C GLY A 603 21.43 -10.51 -28.88
N ALA A 604 21.47 -9.40 -28.13
CA ALA A 604 22.60 -9.11 -27.26
C ALA A 604 22.13 -8.21 -26.13
N TYR A 605 22.98 -8.06 -25.12
CA TYR A 605 22.71 -7.10 -24.07
C TYR A 605 22.95 -5.68 -24.58
N PRO A 606 22.29 -4.69 -23.98
CA PRO A 606 22.57 -3.30 -24.37
C PRO A 606 23.90 -2.83 -23.81
N LYS A 607 24.65 -2.12 -24.66
CA LYS A 607 25.87 -1.47 -24.20
C LYS A 607 25.54 -0.34 -23.24
N ASN A 608 24.42 0.32 -23.44
CA ASN A 608 24.03 1.49 -22.67
C ASN A 608 22.55 1.43 -22.34
N ILE A 609 22.21 1.80 -21.12
CA ILE A 609 20.83 1.95 -20.69
C ILE A 609 20.68 3.36 -20.15
N VAL A 610 19.59 4.02 -20.50
CA VAL A 610 19.25 5.30 -19.90
C VAL A 610 17.95 5.10 -19.13
N ILE A 611 17.99 5.31 -17.83
CA ILE A 611 16.83 5.13 -16.97
C ILE A 611 16.21 6.50 -16.75
N HIS A 612 14.96 6.65 -17.15
CA HIS A 612 14.19 7.87 -16.89
C HIS A 612 13.29 7.58 -15.70
N ARG A 613 13.81 7.86 -14.51
CA ARG A 613 13.01 7.71 -13.31
C ARG A 613 12.15 8.96 -13.14
N ALA A 614 10.85 8.76 -12.98
CA ALA A 614 9.93 9.87 -12.84
C ALA A 614 9.80 10.25 -11.37
N GLY A 615 10.36 11.39 -11.00
CA GLY A 615 10.35 11.82 -9.62
C GLY A 615 11.75 11.80 -9.06
N PHE A 616 11.92 11.24 -7.88
CA PHE A 616 13.24 11.09 -7.28
C PHE A 616 13.71 9.65 -7.43
N SER A 617 14.95 9.48 -7.86
CA SER A 617 15.56 8.16 -7.93
C SER A 617 16.22 7.87 -6.58
N ARG A 618 15.37 7.56 -5.61
CA ARG A 618 15.85 7.31 -4.26
C ARG A 618 16.35 5.89 -4.04
N GLU A 619 16.58 5.11 -5.08
CA GLU A 619 17.00 3.74 -4.86
C GLU A 619 18.51 3.64 -4.75
N ASP A 620 18.96 2.44 -4.37
CA ASP A 620 20.36 2.18 -4.14
C ASP A 620 21.15 2.26 -5.44
N LEU A 621 21.97 3.30 -5.57
CA LEU A 621 22.90 3.38 -6.68
C LEU A 621 23.96 2.30 -6.59
N ASP A 622 24.23 1.80 -5.37
CA ASP A 622 25.10 0.65 -5.20
C ASP A 622 24.51 -0.59 -5.85
N TRP A 623 23.17 -0.75 -5.78
CA TRP A 623 22.53 -1.86 -6.47
C TRP A 623 22.71 -1.75 -7.98
N TYR A 624 22.53 -0.55 -8.54
CA TYR A 624 22.69 -0.35 -9.96
C TYR A 624 24.12 -0.59 -10.41
N GLU A 625 25.08 -0.09 -9.64
CA GLU A 625 26.48 -0.27 -10.01
C GLU A 625 26.88 -1.74 -9.92
N ASN A 626 26.36 -2.45 -8.92
CA ASN A 626 26.61 -3.89 -8.82
C ASN A 626 25.98 -4.65 -9.99
N TYR A 627 24.68 -4.40 -10.25
CA TYR A 627 23.93 -5.16 -11.23
C TYR A 627 24.41 -4.90 -12.65
N PHE A 628 24.89 -3.70 -12.93
CA PHE A 628 25.33 -3.41 -14.28
C PHE A 628 26.85 -3.39 -14.41
N GLY A 629 27.60 -3.61 -13.34
CA GLY A 629 29.01 -3.83 -13.48
C GLY A 629 29.28 -5.31 -13.51
N LYS A 630 28.31 -6.09 -13.03
CA LYS A 630 28.38 -7.52 -13.17
C LYS A 630 28.13 -7.95 -14.62
N LYS A 631 27.47 -7.11 -15.41
CA LYS A 631 27.11 -7.44 -16.77
C LYS A 631 27.77 -6.52 -17.80
N ASN A 632 28.67 -5.63 -17.35
CA ASN A 632 29.44 -4.72 -18.20
C ASN A 632 28.53 -3.81 -19.01
N ILE A 633 27.50 -3.28 -18.36
CA ILE A 633 26.52 -2.38 -18.96
C ILE A 633 26.74 -1.01 -18.38
N LYS A 634 27.10 -0.05 -19.23
CA LYS A 634 27.07 1.34 -18.80
C LYS A 634 25.63 1.76 -18.66
N PHE A 635 25.31 2.53 -17.63
CA PHE A 635 23.95 2.94 -17.40
C PHE A 635 23.92 4.40 -16.97
N ASN A 636 22.73 5.00 -17.07
CA ASN A 636 22.50 6.38 -16.74
C ASN A 636 21.17 6.45 -16.02
N ILE A 637 21.04 7.34 -15.03
CA ILE A 637 19.75 7.57 -14.40
C ILE A 637 19.44 9.06 -14.50
N ILE A 638 18.30 9.37 -15.11
CA ILE A 638 17.83 10.74 -15.27
C ILE A 638 16.53 10.86 -14.49
N GLU A 639 16.42 11.88 -13.66
CA GLU A 639 15.18 12.15 -12.91
C GLU A 639 14.40 13.20 -13.67
N VAL A 640 13.32 12.79 -14.31
CA VAL A 640 12.48 13.70 -15.07
C VAL A 640 11.29 14.07 -14.20
N LYS A 641 11.15 15.36 -13.88
CA LYS A 641 10.20 15.80 -12.88
C LYS A 641 9.25 16.85 -13.43
N LYS A 642 7.95 16.61 -13.26
CA LYS A 642 6.90 17.46 -13.79
C LYS A 642 6.63 18.67 -12.92
N SER A 643 6.20 18.42 -11.69
CA SER A 643 5.61 19.44 -10.83
C SER A 643 6.70 20.38 -10.36
N THR A 644 6.79 21.52 -11.02
CA THR A 644 7.81 22.50 -10.71
C THR A 644 7.24 23.90 -10.87
N PRO A 645 7.33 24.74 -9.84
CA PRO A 645 6.82 26.11 -9.98
C PRO A 645 7.69 27.01 -10.83
N LEU A 646 8.86 26.55 -11.28
CA LEU A 646 9.68 27.39 -12.14
C LEU A 646 9.08 27.44 -13.53
N LYS A 647 9.00 28.65 -14.08
CA LYS A 647 8.58 28.88 -15.45
C LYS A 647 9.73 29.50 -16.21
N ILE A 648 9.96 29.04 -17.42
CA ILE A 648 10.98 29.61 -18.29
C ILE A 648 10.31 30.59 -19.23
N ALA A 649 10.62 31.85 -19.09
CA ALA A 649 10.10 32.86 -19.99
C ALA A 649 11.11 33.12 -21.10
N SER A 650 10.63 33.59 -22.23
CA SER A 650 11.49 33.89 -23.37
C SER A 650 11.47 35.39 -23.61
N ILE A 651 12.65 35.96 -23.84
CA ILE A 651 12.79 37.40 -23.99
C ILE A 651 13.13 37.74 -25.43
N ASN A 652 12.36 38.65 -26.02
CA ASN A 652 12.69 39.26 -27.29
C ASN A 652 12.80 40.76 -27.04
N GLU A 653 13.99 41.18 -26.59
CA GLU A 653 14.31 42.56 -26.26
C GLU A 653 13.31 43.17 -25.27
N GLY A 654 13.27 42.60 -24.07
CA GLY A 654 12.39 43.06 -23.03
C GLY A 654 10.95 42.59 -23.12
N ASN A 655 10.52 42.09 -24.28
CA ASN A 655 9.15 41.65 -24.47
C ASN A 655 9.07 40.18 -24.09
N ILE A 656 8.53 39.92 -22.90
CA ILE A 656 8.43 38.58 -22.37
C ILE A 656 7.38 37.81 -23.15
N THR A 657 7.65 36.53 -23.42
CA THR A 657 6.71 35.70 -24.15
C THR A 657 6.92 34.25 -23.75
N ASN A 658 6.00 33.40 -24.17
CA ASN A 658 6.19 31.97 -23.99
C ASN A 658 7.34 31.49 -24.87
N PRO A 659 8.10 30.49 -24.43
CA PRO A 659 9.18 29.97 -25.27
C PRO A 659 8.67 28.84 -26.17
N GLU A 660 9.43 28.59 -27.23
CA GLU A 660 9.13 27.47 -28.10
C GLU A 660 9.47 26.16 -27.41
N LYS A 661 8.94 25.07 -27.93
CA LYS A 661 9.27 23.77 -27.37
C LYS A 661 10.69 23.38 -27.75
N GLY A 662 11.32 22.60 -26.88
CA GLY A 662 12.70 22.25 -27.05
C GLY A 662 13.68 23.28 -26.55
N SER A 663 13.20 24.32 -25.89
CA SER A 663 14.08 25.31 -25.29
C SER A 663 14.41 24.88 -23.87
N TYR A 664 15.69 24.91 -23.52
CA TYR A 664 16.13 24.45 -22.22
C TYR A 664 17.03 25.48 -21.56
N ILE A 665 17.12 25.39 -20.23
CA ILE A 665 18.15 26.06 -19.45
C ILE A 665 18.90 24.97 -18.67
N LEU A 666 20.19 25.15 -18.48
CA LEU A 666 21.07 24.07 -18.08
C LEU A 666 22.17 24.57 -17.16
N ARG A 667 22.20 24.06 -15.92
CA ARG A 667 23.29 24.36 -14.99
C ARG A 667 23.69 23.08 -14.27
N GLY A 668 24.86 22.56 -14.63
CA GLY A 668 25.37 21.39 -13.95
C GLY A 668 24.59 20.15 -14.28
N ASN A 669 24.02 19.53 -13.26
CA ASN A 669 23.22 18.34 -13.44
C ASN A 669 21.75 18.59 -13.23
N LYS A 670 21.29 19.82 -13.37
CA LYS A 670 19.87 20.15 -13.33
C LYS A 670 19.53 20.95 -14.57
N ALA A 671 18.46 20.57 -15.24
CA ALA A 671 18.04 21.25 -16.46
C ALA A 671 16.53 21.40 -16.46
N TYR A 672 16.08 22.57 -16.89
CA TYR A 672 14.66 22.83 -17.11
C TYR A 672 14.46 23.01 -18.60
N MET A 673 13.55 22.24 -19.17
CA MET A 673 13.34 22.20 -20.61
C MET A 673 11.86 22.32 -20.92
N VAL A 674 11.53 23.13 -21.92
CA VAL A 674 10.17 23.33 -22.37
C VAL A 674 9.86 22.32 -23.46
N THR A 675 8.75 21.60 -23.31
CA THR A 675 8.37 20.59 -24.27
C THR A 675 7.09 20.93 -25.03
N THR A 676 6.31 21.89 -24.56
CA THR A 676 5.02 22.20 -25.15
C THR A 676 5.04 23.60 -25.76
N ASP A 677 4.51 23.70 -26.98
CA ASP A 677 4.32 24.96 -27.66
C ASP A 677 2.92 25.44 -27.28
N ILE A 678 2.85 26.51 -26.50
CA ILE A 678 1.59 27.10 -26.10
C ILE A 678 1.57 28.55 -26.54
N LYS A 679 0.61 28.88 -27.38
CA LYS A 679 0.41 30.26 -27.78
C LYS A 679 -0.22 31.03 -26.64
N GLU A 680 -0.04 32.35 -26.67
CA GLU A 680 -0.58 33.22 -25.64
C GLU A 680 -2.10 33.22 -25.69
N ASN A 681 -2.70 33.55 -24.54
CA ASN A 681 -4.10 33.41 -24.11
C ASN A 681 -4.46 31.96 -23.80
N LEU A 682 -3.52 31.01 -23.92
CA LEU A 682 -3.74 29.65 -23.48
C LEU A 682 -2.89 29.30 -22.26
N GLY A 683 -2.12 30.24 -21.75
CA GLY A 683 -1.32 30.01 -20.59
C GLY A 683 0.15 30.07 -20.89
N SER A 684 0.92 29.32 -20.11
CA SER A 684 2.36 29.33 -20.16
C SER A 684 2.83 27.90 -20.07
N PRO A 685 3.92 27.55 -20.76
CA PRO A 685 4.38 26.17 -20.74
C PRO A 685 4.99 25.83 -19.38
N LYS A 686 4.55 24.72 -18.81
CA LYS A 686 5.15 24.25 -17.58
C LYS A 686 6.35 23.36 -17.94
N PRO A 687 7.58 23.84 -17.78
CA PRO A 687 8.73 23.08 -18.25
C PRO A 687 9.02 21.91 -17.34
N LEU A 688 9.77 20.95 -17.87
CA LEU A 688 10.14 19.76 -17.13
C LEU A 688 11.40 20.01 -16.33
N LYS A 689 11.42 19.57 -15.08
CA LYS A 689 12.64 19.57 -14.28
C LYS A 689 13.35 18.27 -14.53
N ILE A 690 14.51 18.35 -15.16
CA ILE A 690 15.25 17.18 -15.62
C ILE A 690 16.60 17.22 -14.93
N GLU A 691 16.94 16.16 -14.21
CA GLU A 691 18.21 16.12 -13.50
C GLU A 691 18.77 14.71 -13.46
N LYS A 692 20.10 14.63 -13.56
CA LYS A 692 20.81 13.35 -13.64
C LYS A 692 21.28 12.96 -12.25
N SER A 693 20.85 11.80 -11.77
CA SER A 693 21.30 11.36 -10.46
C SER A 693 22.56 10.50 -10.56
N TYR A 694 22.76 9.80 -11.68
CA TYR A 694 24.03 9.17 -12.00
C TYR A 694 24.09 8.87 -13.48
N GLY A 695 25.27 9.02 -14.05
CA GLY A 695 25.49 8.57 -15.41
C GLY A 695 26.81 9.09 -15.92
N ASP A 696 27.14 8.66 -17.14
CA ASP A 696 28.33 9.14 -17.82
C ASP A 696 27.99 10.13 -18.93
N ILE A 697 26.74 10.17 -19.37
CA ILE A 697 26.31 11.08 -20.42
C ILE A 697 26.39 12.52 -19.93
N ASP A 698 26.71 13.43 -20.86
CA ASP A 698 26.48 14.84 -20.57
C ASP A 698 24.99 15.11 -20.53
N MET A 699 24.63 16.24 -19.94
CA MET A 699 23.23 16.49 -19.66
C MET A 699 22.47 16.88 -20.92
N LEU A 700 23.17 17.47 -21.89
CA LEU A 700 22.51 17.91 -23.13
C LEU A 700 22.07 16.72 -23.97
N THR A 701 22.81 15.61 -23.92
CA THR A 701 22.40 14.40 -24.62
C THR A 701 21.15 13.81 -24.00
N ALA A 702 21.05 13.82 -22.67
CA ALA A 702 19.84 13.34 -22.02
C ALA A 702 18.68 14.28 -22.30
N LEU A 703 18.95 15.57 -22.49
CA LEU A 703 17.90 16.50 -22.87
C LEU A 703 17.43 16.24 -24.29
N SER A 704 18.35 15.95 -25.20
CA SER A 704 17.96 15.65 -26.58
C SER A 704 17.18 14.34 -26.66
N GLN A 705 17.57 13.36 -25.86
CA GLN A 705 16.83 12.10 -25.78
C GLN A 705 15.44 12.31 -25.20
N ILE A 706 15.33 13.17 -24.18
CA ILE A 706 14.03 13.38 -23.55
C ILE A 706 13.11 14.17 -24.46
N TYR A 707 13.64 15.18 -25.15
CA TYR A 707 12.80 15.95 -26.07
C TYR A 707 12.45 15.14 -27.31
N ALA A 708 13.32 14.24 -27.75
CA ALA A 708 12.94 13.36 -28.85
C ALA A 708 11.93 12.32 -28.37
N LEU A 709 11.97 11.99 -27.09
CA LEU A 709 11.00 11.07 -26.52
C LEU A 709 9.67 11.75 -26.17
N THR A 710 9.60 13.08 -26.23
CA THR A 710 8.28 13.72 -26.15
C THR A 710 7.60 13.71 -27.51
N GLN A 711 8.36 13.94 -28.58
CA GLN A 711 7.82 14.14 -29.91
C GLN A 711 7.48 12.85 -30.62
N ILE A 712 7.72 11.70 -30.01
CA ILE A 712 7.47 10.42 -30.68
C ILE A 712 6.31 9.76 -29.93
N HIS A 713 5.45 10.57 -29.31
CA HIS A 713 4.22 10.05 -28.75
C HIS A 713 3.29 9.63 -29.87
N VAL A 714 2.88 8.37 -29.86
CA VAL A 714 2.21 7.76 -30.99
C VAL A 714 0.73 7.55 -30.73
N GLY A 715 0.11 8.39 -29.91
CA GLY A 715 -1.30 8.29 -29.68
C GLY A 715 -2.03 9.60 -29.82
N ALA A 716 -1.31 10.60 -30.34
CA ALA A 716 -1.87 11.91 -30.56
C ALA A 716 -1.11 12.57 -31.68
N THR A 717 -1.79 13.46 -32.39
CA THR A 717 -1.11 14.25 -33.40
C THR A 717 -0.43 15.49 -32.82
N LYS A 718 -0.49 15.69 -31.51
CA LYS A 718 0.32 16.70 -30.86
C LYS A 718 1.01 16.08 -29.65
N SER A 719 2.26 16.47 -29.45
CA SER A 719 3.19 15.71 -28.65
C SER A 719 2.87 15.82 -27.17
N LEU A 720 3.44 14.90 -26.40
CA LEU A 720 3.23 14.84 -24.97
C LEU A 720 4.19 15.83 -24.29
N ARG A 721 3.82 16.29 -23.10
CA ARG A 721 4.71 17.16 -22.35
C ARG A 721 5.87 16.37 -21.77
N LEU A 722 5.60 15.16 -21.32
CA LEU A 722 6.57 14.24 -20.78
C LEU A 722 7.27 13.47 -21.89
N PRO A 723 8.49 13.00 -21.66
CA PRO A 723 9.02 11.93 -22.51
C PRO A 723 8.19 10.69 -22.30
N ILE A 724 8.04 9.90 -23.36
CA ILE A 724 7.10 8.78 -23.26
C ILE A 724 7.63 7.62 -22.45
N THR A 725 8.88 7.66 -21.99
CA THR A 725 9.31 6.76 -20.92
C THR A 725 8.50 7.00 -19.66
N THR A 726 8.68 8.18 -19.06
CA THR A 726 7.92 8.53 -17.86
C THR A 726 6.46 8.79 -18.20
N GLY A 727 6.18 9.25 -19.42
CA GLY A 727 4.80 9.50 -19.83
C GLY A 727 4.00 8.23 -19.98
N TYR A 728 4.57 7.21 -20.63
CA TYR A 728 3.86 5.95 -20.76
C TYR A 728 3.87 5.18 -19.47
N ALA A 729 4.88 5.40 -18.61
CA ALA A 729 4.82 4.84 -17.27
C ALA A 729 3.65 5.44 -16.50
N ASP A 730 3.41 6.74 -16.66
CA ASP A 730 2.25 7.37 -16.04
C ASP A 730 0.94 6.87 -16.64
N LYS A 731 0.93 6.61 -17.95
CA LYS A 731 -0.28 6.11 -18.59
C LYS A 731 -0.59 4.68 -18.18
N ILE A 732 0.43 3.86 -17.97
CA ILE A 732 0.21 2.51 -17.44
C ILE A 732 -0.24 2.61 -16.00
N CYS A 733 0.29 3.57 -15.24
CA CYS A 733 -0.14 3.76 -13.86
C CYS A 733 -1.59 4.22 -13.80
N LYS A 734 -2.07 4.94 -14.82
CA LYS A 734 -3.48 5.28 -14.87
C LYS A 734 -4.32 4.10 -15.33
N ALA A 735 -3.93 3.46 -16.43
CA ALA A 735 -4.61 2.27 -16.92
C ALA A 735 -4.02 1.01 -16.30
N ILE A 736 -3.97 0.97 -14.97
CA ILE A 736 -3.32 -0.12 -14.27
C ILE A 736 -4.28 -1.27 -14.04
N GLU A 737 -5.57 -1.01 -13.94
CA GLU A 737 -6.55 -2.09 -13.91
C GLU A 737 -7.01 -2.47 -15.31
N PHE A 738 -6.34 -1.97 -16.34
CA PHE A 738 -6.70 -2.21 -17.73
C PHE A 738 -5.60 -2.96 -18.47
N ILE A 739 -4.65 -3.54 -17.73
CA ILE A 739 -3.53 -4.22 -18.39
C ILE A 739 -4.01 -5.55 -18.94
N PRO A 740 -3.76 -5.84 -20.23
CA PRO A 740 -4.32 -7.06 -20.82
C PRO A 740 -3.67 -8.32 -20.29
N GLN A 741 -4.40 -9.42 -20.37
CA GLN A 741 -3.97 -10.65 -19.72
C GLN A 741 -2.78 -11.28 -20.42
N GLY A 742 -2.87 -11.49 -21.73
CA GLY A 742 -1.87 -12.24 -22.47
C GLY A 742 -0.46 -11.69 -22.51
N ARG A 743 0.41 -12.34 -23.27
CA ARG A 743 1.85 -12.11 -23.18
C ARG A 743 2.21 -10.69 -23.59
N VAL A 744 3.02 -10.04 -22.73
CA VAL A 744 3.31 -8.63 -22.86
C VAL A 744 4.10 -8.37 -24.14
N ASP A 745 3.65 -7.39 -24.92
CA ASP A 745 4.19 -7.18 -26.25
C ASP A 745 4.11 -5.69 -26.59
N ASN A 746 4.21 -5.39 -27.87
CA ASN A 746 4.23 -4.01 -28.34
C ASN A 746 2.85 -3.42 -28.56
N ARG A 747 1.77 -4.06 -28.10
CA ARG A 747 0.46 -3.45 -28.22
C ARG A 747 0.22 -2.49 -27.07
N LEU A 748 0.24 -1.20 -27.37
CA LEU A 748 0.10 -0.15 -26.38
C LEU A 748 -1.37 -0.04 -26.03
N PHE A 749 -1.80 -0.85 -25.06
CA PHE A 749 -3.18 -0.88 -24.61
C PHE A 749 -3.60 0.44 -23.98
N PHE A 750 -2.64 1.14 -23.38
CA PHE A 750 -2.93 2.28 -22.52
C PHE A 750 -3.12 3.56 -23.32
N LEU A 751 -2.76 3.52 -24.58
CA LEU A 751 -2.57 4.71 -25.37
C LEU A 751 -3.87 5.35 -25.85
N VAL D 7 -19.41 -41.53 23.68
CA VAL D 7 -18.69 -40.67 22.76
C VAL D 7 -17.69 -39.80 23.50
N SER D 8 -17.02 -38.91 22.76
CA SER D 8 -16.02 -38.02 23.31
C SER D 8 -16.60 -36.62 23.40
N ASN D 9 -16.54 -36.03 24.59
CA ASN D 9 -16.97 -34.66 24.75
C ASN D 9 -15.92 -33.70 24.19
N LEU D 10 -16.29 -32.44 24.13
CA LEU D 10 -15.37 -31.37 23.79
C LEU D 10 -15.42 -30.33 24.87
N THR D 11 -14.28 -29.68 25.10
CA THR D 11 -14.17 -28.67 26.14
C THR D 11 -13.20 -27.60 25.67
N VAL D 12 -13.10 -26.53 26.45
CA VAL D 12 -12.12 -25.49 26.20
C VAL D 12 -11.25 -25.35 27.44
N GLU D 13 -10.14 -24.63 27.28
CA GLU D 13 -9.21 -24.36 28.37
C GLU D 13 -9.84 -23.34 29.31
N ALA D 14 -10.72 -23.83 30.18
CA ALA D 14 -11.54 -23.00 31.03
C ALA D 14 -11.64 -23.62 32.41
N PHE D 15 -11.41 -22.82 33.43
CA PHE D 15 -11.54 -23.28 34.80
C PHE D 15 -12.63 -22.46 35.50
N GLU D 16 -13.51 -23.14 36.20
CA GLU D 16 -14.60 -22.47 36.91
C GLU D 16 -14.07 -21.83 38.18
N GLY D 17 -14.63 -20.67 38.53
CA GLY D 17 -14.28 -20.01 39.77
C GLY D 17 -15.20 -20.40 40.92
N ILE D 18 -14.65 -21.11 41.91
CA ILE D 18 -15.41 -21.51 43.08
C ILE D 18 -15.78 -20.29 43.90
N GLY D 19 -17.08 -20.13 44.19
CA GLY D 19 -17.55 -18.95 44.87
C GLY D 19 -17.73 -17.78 43.91
N SER D 20 -18.19 -16.68 44.47
CA SER D 20 -18.54 -15.50 43.67
C SER D 20 -17.79 -14.28 44.17
N VAL D 21 -17.63 -13.30 43.27
CA VAL D 21 -17.13 -11.98 43.63
C VAL D 21 -18.32 -11.14 44.05
N ASN D 22 -18.06 -10.06 44.77
CA ASN D 22 -19.17 -9.26 45.24
C ASN D 22 -19.00 -7.81 44.80
N PRO D 23 -20.11 -7.08 44.67
CA PRO D 23 -20.01 -5.64 44.41
C PRO D 23 -19.33 -4.91 45.56
N MET D 24 -18.22 -4.26 45.25
CA MET D 24 -17.39 -3.64 46.27
C MET D 24 -17.00 -2.25 45.83
N LEU D 25 -16.59 -1.44 46.81
CA LEU D 25 -16.46 0.00 46.62
C LEU D 25 -15.23 0.33 45.80
N PHE D 26 -15.40 1.19 44.80
CA PHE D 26 -14.31 1.68 43.99
C PHE D 26 -14.07 3.14 44.32
N TYR D 27 -13.18 3.77 43.57
CA TYR D 27 -12.93 5.20 43.68
C TYR D 27 -12.76 5.77 42.27
N GLN D 28 -13.87 6.17 41.67
CA GLN D 28 -13.92 6.65 40.30
C GLN D 28 -13.19 7.97 40.14
N TYR D 29 -12.29 8.03 39.16
CA TYR D 29 -11.51 9.22 38.87
C TYR D 29 -11.82 9.67 37.44
N LYS D 30 -11.25 10.80 37.02
CA LYS D 30 -11.42 11.31 35.66
C LYS D 30 -10.11 11.90 35.14
N VAL D 31 -9.98 11.94 33.81
CA VAL D 31 -8.79 12.40 33.12
C VAL D 31 -9.22 13.48 32.13
N THR D 32 -8.48 14.59 32.09
CA THR D 32 -8.66 15.64 31.10
C THR D 32 -7.35 15.84 30.35
N GLY D 33 -7.45 16.24 29.08
CA GLY D 33 -6.33 16.39 28.18
C GLY D 33 -5.53 17.67 28.35
N LYS D 34 -4.62 17.69 29.32
CA LYS D 34 -3.91 18.91 29.71
C LYS D 34 -2.99 19.44 28.60
N GLY D 35 -2.58 18.62 27.64
CA GLY D 35 -1.65 19.04 26.61
C GLY D 35 -2.26 19.99 25.58
N LYS D 36 -1.55 20.12 24.45
CA LYS D 36 -2.02 20.96 23.36
C LYS D 36 -3.22 20.35 22.66
N TYR D 37 -3.36 19.04 22.75
CA TYR D 37 -4.55 18.30 22.35
C TYR D 37 -5.65 18.52 23.40
N ASP D 38 -6.79 17.86 23.19
CA ASP D 38 -7.77 17.74 24.26
C ASP D 38 -8.44 16.37 24.25
N ASN D 39 -7.88 15.39 23.54
CA ASN D 39 -8.53 14.10 23.35
C ASN D 39 -8.10 13.17 24.47
N VAL D 40 -9.04 12.84 25.35
CA VAL D 40 -8.74 11.98 26.50
C VAL D 40 -8.67 10.52 26.11
N TYR D 41 -9.30 10.15 24.99
CA TYR D 41 -9.20 8.79 24.51
C TYR D 41 -7.83 8.49 23.93
N LYS D 42 -7.11 9.52 23.47
CA LYS D 42 -5.75 9.39 22.99
C LYS D 42 -4.75 9.19 24.12
N ILE D 43 -5.14 9.45 25.37
CA ILE D 43 -4.21 9.37 26.50
C ILE D 43 -4.76 8.53 27.64
N ILE D 44 -5.89 7.84 27.46
CA ILE D 44 -6.58 7.21 28.58
C ILE D 44 -5.79 6.02 29.13
N LYS D 45 -5.22 5.20 28.24
CA LYS D 45 -4.49 4.01 28.69
C LYS D 45 -3.13 4.39 29.22
N SER D 46 -2.50 5.40 28.62
CA SER D 46 -1.22 5.88 29.13
C SER D 46 -1.39 6.55 30.49
N ALA D 47 -2.54 7.21 30.71
CA ALA D 47 -2.83 7.78 32.02
C ALA D 47 -3.01 6.70 33.06
N ARG D 48 -3.73 5.62 32.71
CA ARG D 48 -3.87 4.48 33.60
C ARG D 48 -2.52 3.86 33.94
N TYR D 49 -1.64 3.74 32.94
CA TYR D 49 -0.35 3.09 33.20
C TYR D 49 0.59 3.97 34.01
N LYS D 50 0.58 5.29 33.76
CA LYS D 50 1.43 6.18 34.55
C LYS D 50 0.92 6.30 35.98
N MET D 51 -0.40 6.27 36.16
CA MET D 51 -0.94 6.21 37.51
C MET D 51 -0.58 4.90 38.20
N HIS D 52 -0.63 3.79 37.48
CA HIS D 52 -0.34 2.49 38.06
C HIS D 52 1.12 2.35 38.45
N SER D 53 2.02 2.73 37.54
CA SER D 53 3.44 2.59 37.81
C SER D 53 3.92 3.64 38.80
N LYS D 54 3.30 4.82 38.81
CA LYS D 54 3.71 5.90 39.70
C LYS D 54 3.14 5.76 41.10
N ASN D 55 2.42 4.70 41.40
CA ASN D 55 1.80 4.53 42.70
C ASN D 55 1.98 3.09 43.19
N ARG D 56 3.23 2.60 43.11
CA ARG D 56 3.71 1.28 43.59
C ARG D 56 2.82 0.10 43.16
N PHE D 57 2.34 0.17 41.91
CA PHE D 57 1.62 -0.90 41.21
C PHE D 57 0.35 -1.32 41.95
N LYS D 58 -0.51 -0.42 42.08
CA LYS D 58 -1.83 -0.47 42.66
C LYS D 58 -2.90 -0.51 41.55
N PRO D 59 -4.03 -1.18 41.78
CA PRO D 59 -4.95 -1.47 40.67
C PRO D 59 -5.68 -0.25 40.16
N VAL D 60 -5.56 0.00 38.86
CA VAL D 60 -6.27 1.07 38.18
C VAL D 60 -7.01 0.43 37.01
N PHE D 61 -8.25 0.85 36.76
CA PHE D 61 -9.05 0.25 35.72
C PHE D 61 -9.57 1.34 34.80
N ILE D 62 -10.10 0.94 33.65
CA ILE D 62 -10.48 1.86 32.58
C ILE D 62 -11.91 1.58 32.15
N LYS D 63 -12.80 2.52 32.38
CA LYS D 63 -14.07 2.62 31.64
C LYS D 63 -13.78 3.78 30.68
N ASP D 64 -14.76 4.12 29.82
CA ASP D 64 -14.63 4.94 28.59
C ASP D 64 -13.81 6.21 28.82
N ASP D 65 -14.14 7.04 29.81
CA ASP D 65 -13.21 8.02 30.32
C ASP D 65 -12.94 7.84 31.81
N LYS D 66 -13.70 6.97 32.46
CA LYS D 66 -13.68 6.82 33.90
C LYS D 66 -12.56 5.88 34.31
N LEU D 67 -11.71 6.33 35.23
CA LEU D 67 -10.72 5.48 35.87
C LEU D 67 -11.22 5.07 37.25
N TYR D 68 -11.41 3.78 37.43
CA TYR D 68 -11.79 3.22 38.71
C TYR D 68 -10.54 2.69 39.40
N THR D 69 -10.57 2.68 40.73
CA THR D 69 -9.39 2.32 41.51
C THR D 69 -9.84 1.78 42.86
N LEU D 70 -9.32 0.61 43.23
CA LEU D 70 -9.86 -0.17 44.33
C LEU D 70 -9.66 0.46 45.70
N GLU D 71 -8.62 1.26 45.90
CA GLU D 71 -8.43 1.95 47.15
C GLU D 71 -8.24 3.44 46.90
N LYS D 72 -8.48 4.23 47.95
CA LYS D 72 -8.44 5.68 47.86
C LYS D 72 -7.01 6.14 47.62
N LEU D 73 -6.73 6.63 46.42
CA LEU D 73 -5.39 7.04 46.08
C LEU D 73 -5.37 8.52 45.71
N PRO D 74 -4.28 9.24 46.02
CA PRO D 74 -4.30 10.71 45.89
C PRO D 74 -4.33 11.17 44.45
N ASP D 75 -4.94 12.32 44.24
CA ASP D 75 -5.11 12.88 42.91
C ASP D 75 -3.77 13.32 42.34
N ILE D 76 -3.40 12.72 41.21
CA ILE D 76 -2.08 12.90 40.64
C ILE D 76 -2.18 14.01 39.59
N GLU D 77 -1.67 15.19 39.95
CA GLU D 77 -1.44 16.29 39.02
C GLU D 77 -0.02 16.29 38.49
N ASP D 78 0.78 15.28 38.85
CA ASP D 78 2.21 15.30 38.56
C ASP D 78 2.47 15.05 37.07
N LEU D 79 1.57 14.33 36.41
CA LEU D 79 1.81 13.96 35.02
C LEU D 79 1.62 15.15 34.09
N ASP D 80 2.40 15.18 33.02
CA ASP D 80 2.39 16.31 32.09
C ASP D 80 1.25 16.21 31.09
N PHE D 81 0.53 15.10 31.06
CA PHE D 81 -0.51 14.90 30.07
C PHE D 81 -1.88 14.59 30.66
N ALA D 82 -1.96 14.20 31.92
CA ALA D 82 -3.22 13.78 32.53
C ALA D 82 -3.33 14.33 33.93
N ASN D 83 -4.42 15.06 34.19
CA ASN D 83 -4.72 15.56 35.52
C ASN D 83 -5.81 14.69 36.16
N ILE D 84 -5.37 13.59 36.74
CA ILE D 84 -6.29 12.64 37.36
C ILE D 84 -6.81 13.24 38.67
N ASN D 85 -8.13 13.27 38.81
CA ASN D 85 -8.76 13.86 39.98
C ASN D 85 -9.93 13.02 40.43
N PHE D 86 -10.08 12.89 41.76
CA PHE D 86 -11.20 12.18 42.33
C PHE D 86 -12.51 12.91 42.04
N VAL D 87 -13.55 12.15 41.74
CA VAL D 87 -14.85 12.72 41.47
C VAL D 87 -15.88 12.14 42.42
N LYS D 88 -16.07 10.81 42.37
CA LYS D 88 -17.03 10.18 43.26
C LYS D 88 -16.53 8.79 43.60
N SER D 89 -17.04 8.26 44.71
CA SER D 89 -16.75 6.90 45.14
C SER D 89 -18.05 6.13 45.16
N GLU D 90 -18.07 4.98 44.50
CA GLU D 90 -19.31 4.25 44.31
C GLU D 90 -19.04 2.76 44.29
N VAL D 91 -20.12 1.98 44.39
CA VAL D 91 -20.06 0.54 44.24
C VAL D 91 -20.64 0.20 42.87
N LEU D 92 -19.78 -0.23 41.96
CA LEU D 92 -20.25 -0.58 40.62
C LEU D 92 -20.99 -1.91 40.64
N SER D 93 -22.16 -1.92 40.01
CA SER D 93 -22.98 -3.12 39.93
C SER D 93 -22.35 -4.10 38.95
N ILE D 94 -22.73 -5.37 39.05
CA ILE D 94 -22.04 -6.41 38.30
C ILE D 94 -22.47 -6.39 36.83
N GLU D 95 -23.78 -6.28 36.58
CA GLU D 95 -24.31 -6.53 35.25
C GLU D 95 -23.99 -5.42 34.27
N ASP D 96 -23.57 -4.26 34.75
CA ASP D 96 -23.15 -3.17 33.88
C ASP D 96 -21.65 -3.24 33.60
N ASN D 97 -20.91 -3.97 34.42
CA ASN D 97 -19.47 -3.79 34.57
C ASN D 97 -18.75 -5.13 34.53
N MET D 98 -19.02 -5.89 33.46
CA MET D 98 -18.36 -7.17 33.27
C MET D 98 -16.85 -6.99 33.09
N SER D 99 -16.46 -6.02 32.28
CA SER D 99 -15.05 -5.85 31.93
C SER D 99 -14.23 -5.34 33.11
N ILE D 100 -14.83 -4.51 33.96
CA ILE D 100 -14.08 -3.94 35.08
C ILE D 100 -13.86 -5.02 36.14
N TYR D 101 -14.86 -5.86 36.39
CA TYR D 101 -14.65 -6.99 37.29
C TYR D 101 -13.72 -8.03 36.69
N GLY D 102 -13.69 -8.16 35.37
CA GLY D 102 -12.70 -9.04 34.75
C GLY D 102 -11.28 -8.56 34.98
N GLU D 103 -11.07 -7.25 34.85
CA GLU D 103 -9.73 -6.72 35.11
C GLU D 103 -9.39 -6.74 36.60
N VAL D 104 -10.41 -6.63 37.47
CA VAL D 104 -10.20 -6.82 38.92
C VAL D 104 -9.70 -8.22 39.21
N VAL D 105 -10.38 -9.22 38.66
CA VAL D 105 -10.04 -10.61 38.95
C VAL D 105 -8.67 -10.95 38.38
N GLU D 106 -8.33 -10.41 37.22
CA GLU D 106 -7.02 -10.73 36.67
C GLU D 106 -5.91 -9.97 37.39
N TYR D 107 -6.21 -8.79 37.94
CA TYR D 107 -5.26 -8.11 38.80
C TYR D 107 -5.00 -8.91 40.07
N TYR D 108 -6.05 -9.39 40.71
CA TYR D 108 -5.84 -10.10 41.97
C TYR D 108 -5.21 -11.46 41.75
N ILE D 109 -5.43 -12.07 40.59
CA ILE D 109 -4.71 -13.30 40.24
C ILE D 109 -3.23 -13.01 40.06
N ASN D 110 -2.90 -11.90 39.40
CA ASN D 110 -1.50 -11.48 39.25
C ASN D 110 -0.85 -11.19 40.60
N LEU D 111 -1.59 -10.51 41.49
CA LEU D 111 -1.07 -10.19 42.81
C LEU D 111 -0.90 -11.44 43.67
N LYS D 112 -1.77 -12.42 43.50
CA LYS D 112 -1.63 -13.65 44.27
C LYS D 112 -0.50 -14.51 43.73
N LEU D 113 -0.25 -14.45 42.42
CA LEU D 113 0.82 -15.27 41.85
C LEU D 113 2.20 -14.66 42.06
N LYS D 114 2.28 -13.34 42.29
CA LYS D 114 3.59 -12.73 42.54
C LYS D 114 4.25 -13.26 43.82
N LYS D 115 3.46 -13.71 44.79
CA LYS D 115 4.00 -14.22 46.04
C LYS D 115 4.10 -15.74 46.07
N VAL D 116 4.30 -16.40 44.93
CA VAL D 116 4.50 -17.85 44.87
C VAL D 116 5.86 -18.10 44.25
N LYS D 117 6.68 -18.92 44.92
CA LYS D 117 8.06 -19.14 44.52
C LYS D 117 8.34 -20.63 44.36
N VAL D 118 9.35 -20.93 43.53
CA VAL D 118 9.90 -22.27 43.41
C VAL D 118 11.27 -22.31 44.06
N LEU D 119 11.58 -23.43 44.70
CA LEU D 119 12.85 -23.76 45.36
C LEU D 119 13.21 -22.78 46.49
N GLY D 120 12.22 -22.09 47.05
CA GLY D 120 12.41 -21.28 48.23
C GLY D 120 13.06 -19.93 48.03
N LYS D 121 13.72 -19.70 46.89
CA LYS D 121 14.46 -18.46 46.70
C LYS D 121 14.14 -17.80 45.36
N TYR D 122 13.64 -18.57 44.42
CA TYR D 122 13.46 -18.18 43.04
C TYR D 122 12.00 -17.82 42.75
N PRO D 123 11.75 -16.61 42.24
CA PRO D 123 10.37 -16.21 41.92
C PRO D 123 9.83 -17.03 40.76
N LYS D 124 8.67 -17.63 40.96
CA LYS D 124 8.13 -18.55 39.97
C LYS D 124 7.61 -17.81 38.76
N TYR D 125 6.87 -16.72 38.96
CA TYR D 125 6.20 -16.01 37.89
C TYR D 125 6.82 -14.64 37.69
N ARG D 126 6.58 -14.06 36.51
CA ARG D 126 7.03 -12.72 36.19
C ARG D 126 5.79 -11.86 35.93
N ILE D 127 5.33 -11.15 36.96
CA ILE D 127 4.03 -10.52 36.98
C ILE D 127 4.15 -9.08 36.50
N ASN D 128 3.41 -8.74 35.44
CA ASN D 128 3.25 -7.35 35.01
C ASN D 128 1.85 -6.82 35.32
N TYR D 129 1.06 -7.58 36.07
CA TYR D 129 -0.34 -7.30 36.39
C TYR D 129 -1.16 -7.09 35.12
N SER D 130 -1.19 -8.13 34.29
CA SER D 130 -1.81 -8.05 32.98
C SER D 130 -2.47 -9.39 32.67
N LYS D 131 -2.83 -9.59 31.40
CA LYS D 131 -3.30 -10.89 30.94
C LYS D 131 -2.18 -11.91 30.96
N GLU D 132 -1.01 -11.56 30.44
CA GLU D 132 0.07 -12.52 30.25
C GLU D 132 0.92 -12.65 31.51
N ILE D 133 1.37 -13.87 31.78
CA ILE D 133 2.09 -14.22 33.00
C ILE D 133 3.20 -15.18 32.61
N LEU D 134 4.44 -14.70 32.58
CA LEU D 134 5.59 -15.55 32.33
C LEU D 134 5.92 -16.31 33.60
N SER D 135 5.97 -17.63 33.51
CA SER D 135 6.47 -18.45 34.62
C SER D 135 7.93 -18.79 34.32
N ASN D 136 8.77 -18.68 35.34
CA ASN D 136 10.19 -18.95 35.15
C ASN D 136 10.47 -20.43 35.01
N THR D 137 9.67 -21.27 35.66
CA THR D 137 9.82 -22.71 35.59
C THR D 137 8.71 -23.30 34.73
N LEU D 138 8.94 -24.52 34.26
CA LEU D 138 8.00 -25.25 33.43
C LEU D 138 7.62 -26.54 34.11
N LEU D 139 6.33 -26.85 34.12
CA LEU D 139 5.92 -28.21 34.39
C LEU D 139 6.38 -29.06 33.21
N THR D 140 7.26 -30.02 33.49
CA THR D 140 7.79 -30.87 32.44
C THR D 140 6.81 -32.01 32.14
N ARG D 141 7.23 -32.89 31.23
CA ARG D 141 6.41 -34.05 30.88
C ARG D 141 6.21 -35.01 32.05
N GLU D 142 7.14 -35.03 33.00
CA GLU D 142 7.05 -35.90 34.17
C GLU D 142 6.41 -35.19 35.37
N LEU D 143 5.67 -34.10 35.13
CA LEU D 143 4.88 -33.37 36.13
C LEU D 143 5.75 -32.80 37.27
N LYS D 144 6.90 -32.23 36.90
CA LYS D 144 7.78 -31.59 37.87
C LYS D 144 8.19 -30.21 37.37
N ASP D 145 8.09 -29.22 38.25
CA ASP D 145 8.48 -27.85 37.92
C ASP D 145 9.99 -27.77 37.85
N GLU D 146 10.52 -27.47 36.67
CA GLU D 146 11.96 -27.44 36.50
C GLU D 146 12.35 -26.35 35.52
N PHE D 147 13.38 -25.59 35.88
CA PHE D 147 13.97 -24.59 34.99
C PHE D 147 14.57 -25.24 33.77
N LYS D 148 14.17 -24.77 32.60
CA LYS D 148 14.72 -25.26 31.33
C LYS D 148 15.70 -24.20 30.83
N LYS D 149 16.97 -24.39 31.19
CA LYS D 149 18.03 -23.51 30.77
C LYS D 149 19.05 -24.34 29.99
N SER D 150 19.80 -23.68 29.13
CA SER D 150 20.86 -24.32 28.37
C SER D 150 22.21 -24.04 29.01
N ASN D 151 23.25 -24.68 28.46
CA ASN D 151 24.60 -24.30 28.84
C ASN D 151 24.94 -22.90 28.35
N LYS D 152 24.41 -22.51 27.19
CA LYS D 152 24.55 -21.16 26.67
C LYS D 152 23.48 -20.23 27.23
N GLY D 153 22.71 -20.68 28.21
CA GLY D 153 21.80 -19.82 28.94
C GLY D 153 20.51 -19.50 28.22
N PHE D 154 20.14 -20.26 27.21
CA PHE D 154 18.82 -20.07 26.59
C PHE D 154 17.76 -20.54 27.55
N ASN D 155 16.93 -19.61 28.01
CA ASN D 155 15.95 -19.91 29.04
C ASN D 155 14.60 -20.10 28.38
N LEU D 156 14.02 -21.28 28.57
CA LEU D 156 12.66 -21.54 28.16
C LEU D 156 11.73 -21.18 29.30
N LYS D 157 10.67 -20.43 28.98
CA LYS D 157 9.72 -19.96 29.98
C LYS D 157 8.32 -20.23 29.47
N ARG D 158 7.48 -20.82 30.32
CA ARG D 158 6.07 -20.98 29.97
C ARG D 158 5.40 -19.62 30.08
N LYS D 159 4.51 -19.31 29.14
CA LYS D 159 3.87 -18.00 29.08
C LYS D 159 2.37 -18.19 29.15
N PHE D 160 1.78 -17.86 30.28
CA PHE D 160 0.36 -18.07 30.50
C PHE D 160 -0.44 -16.87 30.01
N ARG D 161 -1.76 -17.01 29.99
CA ARG D 161 -2.64 -15.96 29.52
C ARG D 161 -3.98 -16.15 30.20
N ILE D 162 -4.22 -15.44 31.29
CA ILE D 162 -5.49 -15.48 31.99
C ILE D 162 -6.45 -14.55 31.26
N SER D 163 -7.72 -14.87 31.27
CA SER D 163 -8.79 -13.98 30.82
C SER D 163 -10.08 -14.37 31.51
N PRO D 164 -10.26 -13.98 32.77
CA PRO D 164 -11.48 -14.35 33.47
C PRO D 164 -12.65 -13.52 32.98
N VAL D 165 -13.80 -14.16 32.90
CA VAL D 165 -15.02 -13.53 32.45
C VAL D 165 -16.05 -13.66 33.56
N VAL D 166 -16.54 -12.52 34.05
CA VAL D 166 -17.45 -12.50 35.18
C VAL D 166 -18.88 -12.49 34.65
N ASN D 167 -19.73 -13.34 35.21
CA ASN D 167 -21.14 -13.38 34.85
C ASN D 167 -21.89 -12.34 35.69
N LYS D 168 -23.15 -12.10 35.34
CA LYS D 168 -23.93 -11.06 36.02
C LYS D 168 -24.25 -11.43 37.46
N MET D 169 -24.33 -12.72 37.76
CA MET D 169 -24.60 -13.13 39.13
C MET D 169 -23.35 -13.08 39.99
N GLY D 170 -22.19 -12.86 39.40
CA GLY D 170 -20.94 -12.79 40.13
C GLY D 170 -20.05 -14.00 39.97
N LYS D 171 -20.50 -15.06 39.31
CA LYS D 171 -19.65 -16.21 39.06
C LYS D 171 -18.61 -15.86 37.99
N VAL D 172 -17.39 -16.37 38.18
CA VAL D 172 -16.28 -16.05 37.31
C VAL D 172 -15.80 -17.35 36.65
N ILE D 173 -15.36 -17.24 35.40
CA ILE D 173 -14.92 -18.38 34.61
C ILE D 173 -13.54 -18.03 34.04
N LEU D 174 -12.53 -18.77 34.48
CA LEU D 174 -11.15 -18.44 34.15
C LEU D 174 -10.75 -19.10 32.84
N TYR D 175 -10.61 -18.31 31.78
CA TYR D 175 -10.12 -18.78 30.50
C TYR D 175 -8.60 -18.67 30.50
N LEU D 176 -7.94 -19.74 30.07
CA LEU D 176 -6.49 -19.81 30.09
C LEU D 176 -5.93 -20.26 28.74
N SER D 177 -4.64 -19.99 28.57
CA SER D 177 -3.85 -20.63 27.55
C SER D 177 -2.42 -20.62 28.04
N CYS D 178 -1.56 -21.33 27.33
CA CYS D 178 -0.14 -21.32 27.63
C CYS D 178 0.67 -21.41 26.34
N SER D 179 1.52 -20.42 26.14
CA SER D 179 2.52 -20.44 25.08
C SER D 179 3.84 -20.80 25.71
N ALA D 180 4.92 -20.69 24.96
CA ALA D 180 6.25 -20.76 25.53
C ALA D 180 6.99 -19.48 25.20
N ASP D 181 7.96 -19.12 26.03
CA ASP D 181 8.75 -17.91 25.82
C ASP D 181 10.20 -18.33 25.60
N PHE D 182 10.79 -17.85 24.52
CA PHE D 182 12.22 -18.02 24.30
C PHE D 182 12.91 -16.74 24.75
N SER D 183 13.72 -16.84 25.82
CA SER D 183 14.48 -15.70 26.29
C SER D 183 15.83 -16.18 26.78
N THR D 184 16.66 -15.23 27.15
CA THR D 184 17.95 -15.54 27.73
C THR D 184 18.37 -14.46 28.71
N ASN D 185 19.05 -14.87 29.77
CA ASN D 185 19.67 -13.93 30.69
C ASN D 185 20.98 -13.37 30.16
N LYS D 186 21.51 -13.95 29.08
CA LYS D 186 22.80 -13.58 28.54
C LYS D 186 22.59 -12.64 27.36
N ASN D 187 22.92 -11.37 27.57
CA ASN D 187 22.89 -10.37 26.51
C ASN D 187 24.16 -10.47 25.67
N ILE D 188 24.41 -9.47 24.84
CA ILE D 188 25.56 -9.52 23.93
C ILE D 188 26.87 -9.40 24.69
N TYR D 189 26.87 -8.68 25.83
CA TYR D 189 28.12 -8.34 26.51
C TYR D 189 28.82 -9.56 27.08
N GLU D 190 28.06 -10.51 27.63
CA GLU D 190 28.66 -11.75 28.09
C GLU D 190 29.12 -12.62 26.94
N MET D 191 28.49 -12.48 25.77
CA MET D 191 28.94 -13.22 24.59
C MET D 191 30.22 -12.62 24.02
N LEU D 192 30.39 -11.31 24.14
CA LEU D 192 31.61 -10.67 23.67
C LEU D 192 32.75 -10.88 24.65
N LYS D 193 32.45 -10.97 25.95
CA LYS D 193 33.43 -11.43 26.91
C LYS D 193 33.81 -12.88 26.65
N GLU D 194 32.85 -13.69 26.19
CA GLU D 194 33.12 -15.01 25.67
C GLU D 194 33.72 -14.96 24.27
N GLY D 195 33.54 -13.85 23.56
CA GLY D 195 34.17 -13.66 22.26
C GLY D 195 33.43 -14.29 21.10
N LEU D 196 32.10 -14.24 21.13
CA LEU D 196 31.29 -14.94 20.14
C LEU D 196 31.03 -14.07 18.93
N GLU D 197 30.97 -14.69 17.76
CA GLU D 197 30.74 -13.98 16.51
C GLU D 197 29.29 -13.51 16.44
N VAL D 198 29.09 -12.19 16.53
CA VAL D 198 27.75 -11.65 16.62
C VAL D 198 27.44 -10.70 15.46
N GLU D 199 28.13 -10.86 14.34
CA GLU D 199 27.82 -10.07 13.15
C GLU D 199 26.66 -10.70 12.38
N GLY D 200 25.80 -9.84 11.83
CA GLY D 200 24.62 -10.30 11.14
C GLY D 200 23.58 -10.92 12.04
N LEU D 201 23.63 -10.67 13.35
CA LEU D 201 22.80 -11.38 14.29
C LEU D 201 21.58 -10.54 14.65
N ALA D 202 20.41 -11.17 14.68
CA ALA D 202 19.17 -10.48 15.00
C ALA D 202 19.07 -10.25 16.49
N VAL D 203 18.99 -8.98 16.89
CA VAL D 203 18.97 -8.59 18.31
C VAL D 203 17.80 -7.67 18.56
N LYS D 204 17.46 -7.54 19.84
CA LYS D 204 16.45 -6.59 20.29
C LYS D 204 17.04 -5.80 21.46
N SER D 205 16.48 -4.62 21.71
CA SER D 205 16.91 -3.80 22.83
C SER D 205 15.86 -3.88 23.93
N GLU D 206 16.31 -4.16 25.15
CA GLU D 206 15.40 -4.10 26.30
C GLU D 206 15.20 -2.69 26.81
N TRP D 207 15.86 -1.68 26.23
CA TRP D 207 15.78 -0.32 26.74
C TRP D 207 14.79 0.54 25.98
N SER D 208 14.57 0.28 24.69
CA SER D 208 13.62 1.04 23.90
C SER D 208 12.53 0.12 23.39
N ASN D 209 11.29 0.64 23.38
CA ASN D 209 10.13 -0.12 22.95
C ASN D 209 9.81 0.08 21.47
N ILE D 210 10.79 0.52 20.67
CA ILE D 210 10.57 0.69 19.25
C ILE D 210 10.48 -0.68 18.59
N SER D 211 9.40 -0.90 17.83
CA SER D 211 9.16 -2.18 17.17
C SER D 211 9.79 -2.11 15.77
N GLY D 212 10.99 -2.66 15.65
CA GLY D 212 11.73 -2.64 14.41
C GLY D 212 12.83 -3.67 14.43
N ASN D 213 13.02 -4.38 13.33
CA ASN D 213 13.84 -5.58 13.33
C ASN D 213 15.31 -5.18 13.27
N LEU D 214 16.01 -5.36 14.39
CA LEU D 214 17.38 -4.89 14.57
C LEU D 214 18.37 -6.02 14.30
N VAL D 215 19.39 -5.76 13.48
CA VAL D 215 20.46 -6.70 13.22
C VAL D 215 21.81 -6.00 13.32
N ILE D 216 22.78 -6.70 13.89
CA ILE D 216 24.11 -6.14 14.09
C ILE D 216 24.86 -6.09 12.76
N GLU D 217 25.47 -4.95 12.47
CA GLU D 217 26.34 -4.84 11.30
C GLU D 217 27.75 -5.33 11.61
N SER D 218 28.35 -4.84 12.68
CA SER D 218 29.73 -5.18 13.01
C SER D 218 29.95 -4.97 14.50
N VAL D 219 31.18 -5.20 14.93
CA VAL D 219 31.61 -4.93 16.31
C VAL D 219 32.77 -3.95 16.21
N LEU D 220 32.49 -2.68 16.49
CA LEU D 220 33.53 -1.66 16.46
C LEU D 220 34.34 -1.73 17.74
N GLU D 221 35.66 -1.82 17.60
CA GLU D 221 36.57 -1.84 18.74
C GLU D 221 36.65 -0.51 19.48
N THR D 222 36.07 0.55 18.90
CA THR D 222 35.85 1.82 19.58
C THR D 222 35.08 1.60 20.88
N LYS D 223 35.60 2.18 21.97
CA LYS D 223 34.99 2.02 23.28
C LYS D 223 33.85 3.01 23.48
N ILE D 224 33.04 2.76 24.51
CA ILE D 224 31.82 3.53 24.71
C ILE D 224 32.12 4.86 25.39
N SER D 225 33.26 4.96 26.07
CA SER D 225 33.64 6.23 26.68
C SER D 225 34.21 7.19 25.64
N GLU D 226 34.69 6.65 24.51
CA GLU D 226 35.26 7.48 23.47
C GLU D 226 34.14 8.22 22.73
N PRO D 227 34.33 9.50 22.41
CA PRO D 227 33.25 10.25 21.74
C PRO D 227 33.06 9.81 20.30
N THR D 228 31.81 9.56 19.94
CA THR D 228 31.47 8.97 18.67
C THR D 228 31.35 10.04 17.59
N SER D 229 30.80 9.67 16.44
CA SER D 229 30.56 10.62 15.36
C SER D 229 29.39 11.56 15.65
N LEU D 230 28.62 11.29 16.71
CA LEU D 230 27.58 12.21 17.16
C LEU D 230 28.11 13.36 18.00
N GLY D 231 29.43 13.44 18.20
CA GLY D 231 30.05 14.50 18.95
C GLY D 231 30.35 14.17 20.39
N GLN D 232 29.59 13.24 20.99
CA GLN D 232 29.77 12.85 22.37
C GLN D 232 29.87 11.34 22.47
N SER D 233 30.13 10.87 23.69
CA SER D 233 30.14 9.44 23.95
C SER D 233 28.72 8.94 24.20
N LEU D 234 28.57 7.61 24.18
CA LEU D 234 27.25 7.01 24.26
C LEU D 234 26.75 6.98 25.70
N ILE D 235 27.67 6.90 26.67
CA ILE D 235 27.30 6.95 28.08
C ILE D 235 26.67 8.30 28.41
N ASP D 236 27.30 9.38 27.95
CA ASP D 236 26.73 10.71 28.13
C ASP D 236 25.53 10.92 27.22
N TYR D 237 25.41 10.12 26.15
CA TYR D 237 24.21 10.18 25.32
C TYR D 237 23.00 9.67 26.07
N TYR D 238 23.16 8.60 26.85
CA TYR D 238 22.03 8.16 27.67
C TYR D 238 21.90 8.95 28.96
N LYS D 239 22.98 9.60 29.42
CA LYS D 239 22.86 10.49 30.58
C LYS D 239 22.10 11.76 30.23
N ASN D 240 22.31 12.29 29.03
CA ASN D 240 21.61 13.50 28.60
C ASN D 240 20.14 13.23 28.31
N ASN D 241 19.77 11.98 28.05
CA ASN D 241 18.44 11.63 27.55
C ASN D 241 17.59 10.95 28.63
N ASN D 242 17.70 11.42 29.88
CA ASN D 242 16.85 11.02 31.01
C ASN D 242 16.95 9.54 31.35
N GLN D 243 18.07 8.90 31.04
CA GLN D 243 18.31 7.51 31.42
C GLN D 243 19.73 7.34 31.92
N GLY D 244 20.18 8.25 32.79
CA GLY D 244 21.48 8.08 33.43
C GLY D 244 21.49 7.04 34.53
N TYR D 245 20.31 6.52 34.91
CA TYR D 245 20.26 5.47 35.93
C TYR D 245 20.71 4.13 35.36
N ARG D 246 20.55 3.95 34.04
CA ARG D 246 20.96 2.68 33.43
C ARG D 246 22.48 2.56 33.36
N VAL D 247 23.16 3.69 33.14
CA VAL D 247 24.62 3.70 33.12
C VAL D 247 25.20 3.94 34.50
N LYS D 248 24.36 4.14 35.52
CA LYS D 248 24.87 4.43 36.86
C LYS D 248 25.41 3.18 37.54
N ASP D 249 24.78 2.04 37.29
CA ASP D 249 25.20 0.78 37.91
C ASP D 249 26.35 0.10 37.18
N PHE D 250 27.04 0.80 36.28
CA PHE D 250 28.15 0.20 35.55
C PHE D 250 29.41 0.13 36.41
N THR D 251 30.37 -0.66 35.95
CA THR D 251 31.69 -0.75 36.55
C THR D 251 32.72 -0.13 35.61
N ASP D 252 33.98 -0.10 36.07
CA ASP D 252 35.06 0.36 35.22
C ASP D 252 35.42 -0.67 34.16
N GLU D 253 35.08 -1.94 34.41
CA GLU D 253 35.18 -2.95 33.37
C GLU D 253 34.15 -2.70 32.28
N ASP D 254 32.99 -2.17 32.66
CA ASP D 254 31.89 -1.98 31.70
C ASP D 254 32.20 -0.90 30.68
N LEU D 255 33.09 0.04 31.01
CA LEU D 255 33.48 1.07 30.05
C LEU D 255 34.41 0.54 28.97
N ASN D 256 34.95 -0.66 29.13
CA ASN D 256 35.74 -1.29 28.09
C ASN D 256 34.90 -2.09 27.11
N ALA D 257 33.59 -1.87 27.09
CA ALA D 257 32.73 -2.55 26.14
C ALA D 257 32.91 -1.95 24.75
N ASN D 258 33.14 -2.81 23.76
CA ASN D 258 33.25 -2.35 22.39
C ASN D 258 31.87 -1.97 21.86
N ILE D 259 31.81 -0.88 21.11
CA ILE D 259 30.54 -0.43 20.52
C ILE D 259 30.12 -1.40 19.44
N VAL D 260 28.90 -1.92 19.53
CA VAL D 260 28.30 -2.70 18.46
C VAL D 260 27.27 -1.84 17.76
N ASN D 261 27.43 -1.70 16.45
CA ASN D 261 26.45 -0.96 15.65
C ASN D 261 25.35 -1.92 15.20
N VAL D 262 24.24 -1.35 14.76
CA VAL D 262 23.05 -2.13 14.48
C VAL D 262 22.28 -1.45 13.35
N ARG D 263 21.74 -2.27 12.45
CA ARG D 263 20.89 -1.74 11.38
C ARG D 263 19.50 -1.44 11.93
N GLY D 264 18.97 -0.28 11.56
CA GLY D 264 17.70 0.15 12.11
C GLY D 264 16.69 0.57 11.06
N ASN D 265 16.82 0.00 9.86
CA ASN D 265 15.86 0.02 8.76
C ASN D 265 15.69 1.40 8.12
N LYS D 266 16.32 2.43 8.67
CA LYS D 266 16.47 3.74 8.04
C LYS D 266 17.91 4.24 8.13
N LYS D 267 18.57 4.02 9.26
CA LYS D 267 19.97 4.37 9.43
C LYS D 267 20.54 3.53 10.57
N ILE D 268 21.87 3.49 10.64
CA ILE D 268 22.54 2.70 11.65
C ILE D 268 22.49 3.43 12.98
N TYR D 269 21.94 2.78 13.99
CA TYR D 269 21.91 3.31 15.34
C TYR D 269 23.19 2.93 16.08
N MET D 270 23.62 3.81 16.98
CA MET D 270 24.84 3.63 17.75
C MET D 270 24.45 3.23 19.16
N TYR D 271 24.60 1.94 19.48
CA TYR D 271 24.11 1.39 20.73
C TYR D 271 25.23 0.71 21.51
N ILE D 272 25.12 0.80 22.83
CA ILE D 272 25.98 0.08 23.77
C ILE D 272 25.60 -1.40 23.75
N PRO D 273 26.55 -2.34 23.88
CA PRO D 273 26.16 -3.76 23.90
C PRO D 273 25.42 -4.19 25.16
N HIS D 274 25.38 -3.37 26.20
CA HIS D 274 24.59 -3.71 27.37
C HIS D 274 23.10 -3.57 27.10
N ALA D 275 22.74 -2.71 26.15
CA ALA D 275 21.35 -2.46 25.83
C ALA D 275 20.69 -3.58 25.05
N LEU D 276 21.48 -4.44 24.42
CA LEU D 276 21.00 -5.30 23.36
C LEU D 276 21.01 -6.76 23.78
N LYS D 277 19.87 -7.42 23.57
CA LYS D 277 19.66 -8.83 23.82
C LYS D 277 19.43 -9.51 22.49
N PRO D 278 20.01 -10.69 22.25
CA PRO D 278 19.77 -11.37 20.97
C PRO D 278 18.35 -11.92 20.87
N ILE D 279 17.77 -11.85 19.67
CA ILE D 279 16.45 -12.41 19.40
C ILE D 279 16.59 -13.93 19.39
N ILE D 280 15.75 -14.59 20.18
CA ILE D 280 15.90 -16.01 20.45
C ILE D 280 14.80 -16.73 19.69
N THR D 281 15.13 -17.22 18.50
CA THR D 281 14.19 -17.97 17.68
C THR D 281 14.55 -19.46 17.68
N ARG D 282 13.79 -20.25 16.92
CA ARG D 282 14.18 -21.63 16.68
C ARG D 282 15.47 -21.70 15.86
N GLU D 283 15.63 -20.77 14.92
CA GLU D 283 16.82 -20.75 14.07
C GLU D 283 18.05 -20.41 14.87
N TYR D 284 17.90 -19.57 15.89
CA TYR D 284 19.05 -19.16 16.69
C TYR D 284 19.50 -20.29 17.60
N LEU D 285 18.55 -21.04 18.15
CA LEU D 285 18.87 -22.25 18.88
C LEU D 285 19.51 -23.29 17.97
N ALA D 286 19.05 -23.37 16.72
CA ALA D 286 19.63 -24.34 15.79
C ALA D 286 21.06 -23.96 15.42
N LYS D 287 21.37 -22.66 15.39
CA LYS D 287 22.73 -22.23 15.14
C LYS D 287 23.62 -22.41 16.37
N ASN D 288 23.06 -22.25 17.57
CA ASN D 288 23.86 -22.29 18.79
C ASN D 288 23.81 -23.60 19.56
N ASP D 289 22.63 -24.04 19.99
CA ASP D 289 22.54 -25.21 20.88
C ASP D 289 21.52 -26.19 20.32
N PRO D 290 21.94 -27.09 19.43
CA PRO D 290 20.97 -27.98 18.77
C PRO D 290 20.36 -29.03 19.67
N GLU D 291 21.08 -29.49 20.71
CA GLU D 291 20.50 -30.47 21.61
C GLU D 291 19.38 -29.85 22.45
N PHE D 292 19.56 -28.59 22.86
CA PHE D 292 18.51 -27.89 23.56
C PHE D 292 17.32 -27.61 22.65
N SER D 293 17.59 -27.30 21.38
CA SER D 293 16.52 -27.01 20.44
C SER D 293 15.73 -28.26 20.08
N LYS D 294 16.37 -29.43 20.13
CA LYS D 294 15.63 -30.66 19.89
C LYS D 294 14.91 -31.12 21.16
N GLU D 295 15.45 -30.81 22.34
CA GLU D 295 14.89 -31.41 23.55
C GLU D 295 13.67 -30.66 24.06
N ILE D 296 13.51 -29.39 23.68
CA ILE D 296 12.33 -28.63 24.07
C ILE D 296 11.19 -28.78 23.08
N GLU D 297 11.36 -29.60 22.06
CA GLU D 297 10.35 -29.75 21.03
C GLU D 297 9.14 -30.51 21.56
N GLN D 298 9.33 -31.29 22.61
CA GLN D 298 8.21 -31.87 23.33
C GLN D 298 7.69 -30.93 24.40
N LEU D 299 8.28 -29.76 24.58
CA LEU D 299 7.85 -28.81 25.60
C LEU D 299 7.13 -27.61 25.04
N ILE D 300 7.38 -27.22 23.79
CA ILE D 300 6.67 -26.12 23.19
C ILE D 300 5.49 -26.59 22.35
N LYS D 301 5.57 -27.78 21.75
CA LYS D 301 4.46 -28.34 20.98
C LYS D 301 3.74 -29.30 21.91
N MET D 302 2.64 -28.83 22.46
CA MET D 302 2.03 -29.41 23.64
C MET D 302 0.65 -29.93 23.28
N ASN D 303 0.45 -31.23 23.45
CA ASN D 303 -0.88 -31.80 23.31
C ASN D 303 -1.80 -31.32 24.43
N MET D 304 -3.08 -31.69 24.33
CA MET D 304 -4.07 -31.13 25.25
C MET D 304 -3.92 -31.67 26.66
N ASN D 305 -3.37 -32.87 26.81
CA ASN D 305 -3.14 -33.40 28.15
C ASN D 305 -2.03 -32.63 28.85
N TYR D 306 -0.96 -32.32 28.14
CA TYR D 306 0.13 -31.60 28.76
C TYR D 306 -0.19 -30.13 28.98
N ARG D 307 -0.98 -29.53 28.07
CA ARG D 307 -1.51 -28.19 28.32
C ARG D 307 -2.43 -28.19 29.53
N TYR D 308 -3.23 -29.23 29.69
CA TYR D 308 -4.10 -29.33 30.85
C TYR D 308 -3.30 -29.47 32.14
N GLU D 309 -2.20 -30.21 32.10
CA GLU D 309 -1.38 -30.35 33.31
C GLU D 309 -0.64 -29.05 33.63
N THR D 310 -0.21 -28.33 32.60
CA THR D 310 0.42 -27.03 32.80
C THR D 310 -0.55 -26.03 33.42
N LEU D 311 -1.76 -25.96 32.89
CA LEU D 311 -2.74 -25.04 33.44
C LEU D 311 -3.28 -25.51 34.78
N LYS D 312 -3.26 -26.82 35.04
CA LYS D 312 -3.61 -27.33 36.36
C LYS D 312 -2.62 -26.86 37.42
N SER D 313 -1.32 -26.97 37.11
CA SER D 313 -0.30 -26.47 38.02
C SER D 313 -0.42 -24.97 38.21
N PHE D 314 -0.75 -24.25 37.14
CA PHE D 314 -0.97 -22.81 37.23
C PHE D 314 -2.13 -22.45 38.16
N VAL D 315 -3.26 -23.14 38.02
CA VAL D 315 -4.44 -22.84 38.83
C VAL D 315 -4.21 -23.27 40.28
N ASN D 316 -3.47 -24.35 40.50
CA ASN D 316 -3.12 -24.71 41.86
C ASN D 316 -2.15 -23.71 42.48
N ASP D 317 -1.34 -23.04 41.65
CA ASP D 317 -0.46 -22.01 42.16
C ASP D 317 -1.18 -20.69 42.40
N ILE D 318 -2.32 -20.46 41.74
CA ILE D 318 -3.15 -19.33 42.12
C ILE D 318 -3.73 -19.54 43.51
N GLY D 319 -4.54 -20.57 43.67
CA GLY D 319 -5.14 -20.83 44.95
C GLY D 319 -6.24 -19.82 45.25
N VAL D 320 -6.70 -19.87 46.49
CA VAL D 320 -7.80 -19.03 46.95
C VAL D 320 -7.31 -17.60 47.15
N ILE D 321 -8.10 -16.64 46.67
CA ILE D 321 -7.80 -15.23 46.83
C ILE D 321 -8.66 -14.73 47.98
N GLU D 322 -8.00 -14.27 49.05
CA GLU D 322 -8.68 -14.00 50.31
C GLU D 322 -9.49 -12.72 50.31
N GLU D 323 -9.44 -11.95 49.23
CA GLU D 323 -10.10 -10.65 49.16
C GLU D 323 -11.19 -10.56 48.10
N LEU D 324 -11.73 -11.68 47.66
CA LEU D 324 -12.85 -11.71 46.73
C LEU D 324 -13.90 -12.73 47.19
N ASN D 325 -14.27 -12.62 48.48
CA ASN D 325 -15.14 -13.57 49.18
C ASN D 325 -14.59 -15.00 49.07
N ASN D 326 -13.27 -15.12 49.27
CA ASN D 326 -12.52 -16.38 49.16
C ASN D 326 -12.73 -17.04 47.80
N LEU D 327 -12.44 -16.29 46.75
CA LEU D 327 -12.57 -16.80 45.39
C LEU D 327 -11.42 -17.74 45.06
N SER D 328 -11.75 -19.02 44.86
CA SER D 328 -10.77 -19.99 44.41
C SER D 328 -11.25 -20.54 43.07
N PHE D 329 -10.39 -21.31 42.42
CA PHE D 329 -10.71 -21.88 41.11
C PHE D 329 -10.65 -23.40 41.16
N LYS D 330 -11.54 -24.04 40.40
CA LYS D 330 -11.38 -25.46 40.14
C LYS D 330 -10.16 -25.68 39.26
N ASN D 331 -9.50 -26.82 39.45
CA ASN D 331 -8.31 -27.16 38.67
C ASN D 331 -8.60 -28.23 37.62
N LYS D 332 -9.80 -28.26 37.06
CA LYS D 332 -10.20 -29.20 36.03
C LYS D 332 -11.09 -28.50 35.01
N TYR D 333 -11.09 -29.02 33.78
CA TYR D 333 -11.92 -28.42 32.75
C TYR D 333 -13.39 -28.76 32.95
N TYR D 334 -14.24 -28.04 32.23
CA TYR D 334 -15.65 -28.36 32.17
C TYR D 334 -15.86 -29.69 31.46
N GLU D 335 -16.70 -30.54 32.05
CA GLU D 335 -16.99 -31.84 31.45
C GLU D 335 -17.75 -31.69 30.14
N ASP D 336 -18.52 -30.62 29.98
CA ASP D 336 -19.12 -30.28 28.70
C ASP D 336 -19.28 -28.77 28.62
N VAL D 337 -19.10 -28.22 27.41
CA VAL D 337 -19.19 -26.79 27.21
C VAL D 337 -20.60 -26.31 26.97
N LYS D 338 -21.62 -27.13 27.23
CA LYS D 338 -22.98 -26.62 27.30
C LYS D 338 -23.17 -25.70 28.50
N LEU D 339 -22.29 -25.79 29.50
CA LEU D 339 -22.26 -24.85 30.61
C LEU D 339 -21.71 -23.49 30.20
N LEU D 340 -21.11 -23.38 29.01
CA LEU D 340 -20.61 -22.12 28.50
C LEU D 340 -21.44 -21.55 27.36
N GLY D 341 -22.52 -22.23 26.98
CA GLY D 341 -23.30 -21.82 25.83
C GLY D 341 -22.85 -22.41 24.53
N TYR D 342 -21.60 -22.85 24.43
CA TYR D 342 -21.07 -23.62 23.32
C TYR D 342 -21.86 -24.91 23.14
N SER D 343 -21.96 -25.37 21.90
CA SER D 343 -22.61 -26.64 21.62
C SER D 343 -21.64 -27.53 20.86
N SER D 344 -21.32 -28.68 21.44
CA SER D 344 -20.37 -29.62 20.87
C SER D 344 -21.00 -30.42 19.75
N GLY D 345 -20.14 -31.08 18.98
CA GLY D 345 -20.61 -31.93 17.91
C GLY D 345 -19.49 -32.27 16.95
N LYS D 346 -19.69 -33.35 16.21
CA LYS D 346 -18.76 -33.78 15.18
C LYS D 346 -19.45 -33.72 13.83
N ILE D 347 -18.81 -33.06 12.88
CA ILE D 347 -19.34 -32.94 11.52
C ILE D 347 -19.09 -34.24 10.79
N ASP D 348 -20.09 -34.70 10.03
CA ASP D 348 -19.93 -35.84 9.14
C ASP D 348 -18.84 -35.57 8.12
N GLU D 349 -18.01 -36.58 7.90
CA GLU D 349 -16.90 -36.50 6.96
C GLU D 349 -17.44 -36.40 5.54
N PRO D 350 -16.75 -35.67 4.65
CA PRO D 350 -17.16 -35.66 3.24
C PRO D 350 -17.00 -37.02 2.58
N VAL D 351 -17.68 -37.18 1.45
CA VAL D 351 -17.43 -38.27 0.53
C VAL D 351 -16.79 -37.68 -0.72
N LEU D 352 -15.81 -38.37 -1.27
CA LEU D 352 -15.07 -37.88 -2.41
C LEU D 352 -15.17 -38.85 -3.56
N MET D 353 -15.33 -38.33 -4.77
CA MET D 353 -15.55 -39.13 -5.96
C MET D 353 -14.26 -39.24 -6.76
N GLY D 354 -13.95 -40.43 -7.25
CA GLY D 354 -12.84 -40.64 -8.13
C GLY D 354 -13.28 -41.11 -9.51
N ALA D 355 -12.36 -41.77 -10.21
CA ALA D 355 -12.71 -42.37 -11.49
C ALA D 355 -13.61 -43.58 -11.30
N LYS D 356 -13.51 -44.25 -10.16
CA LYS D 356 -14.34 -45.41 -9.87
C LYS D 356 -15.46 -45.11 -8.88
N GLY D 357 -15.34 -44.05 -8.07
CA GLY D 357 -16.36 -43.75 -7.10
C GLY D 357 -15.81 -43.26 -5.78
N ILE D 358 -16.36 -43.79 -4.67
CA ILE D 358 -15.96 -43.36 -3.33
C ILE D 358 -14.54 -43.79 -3.05
N ILE D 359 -13.67 -42.82 -2.74
CA ILE D 359 -12.33 -43.11 -2.25
C ILE D 359 -12.37 -43.01 -0.73
N LYS D 360 -11.63 -43.90 -0.06
CA LYS D 360 -11.66 -43.91 1.39
C LYS D 360 -10.60 -42.99 1.98
N ASN D 361 -9.47 -42.86 1.28
CA ASN D 361 -8.44 -41.88 1.62
C ASN D 361 -8.23 -40.99 0.41
N LYS D 362 -7.33 -40.02 0.56
CA LYS D 362 -6.81 -39.35 -0.61
C LYS D 362 -5.68 -40.14 -1.24
N MET D 363 -5.20 -41.19 -0.56
CA MET D 363 -4.21 -42.07 -1.15
C MET D 363 -4.80 -42.97 -2.22
N GLN D 364 -6.09 -43.28 -2.11
CA GLN D 364 -6.72 -44.22 -3.04
C GLN D 364 -7.06 -43.59 -4.38
N ILE D 365 -6.79 -42.30 -4.58
CA ILE D 365 -7.08 -41.69 -5.86
C ILE D 365 -6.06 -42.13 -6.91
N PHE D 366 -4.94 -42.68 -6.47
CA PHE D 366 -3.91 -43.15 -7.38
C PHE D 366 -4.12 -44.60 -7.77
N SER D 367 -4.96 -45.31 -7.04
CA SER D 367 -5.42 -46.65 -7.40
C SER D 367 -6.71 -46.60 -8.20
N ASN D 368 -7.69 -45.80 -7.73
CA ASN D 368 -8.96 -45.73 -8.43
C ASN D 368 -8.86 -44.88 -9.68
N GLY D 369 -7.98 -43.89 -9.68
CA GLY D 369 -7.84 -43.04 -10.83
C GLY D 369 -8.39 -41.65 -10.59
N PHE D 370 -7.83 -40.67 -11.28
CA PHE D 370 -8.25 -39.29 -11.12
C PHE D 370 -9.66 -39.07 -11.64
N TYR D 371 -10.33 -38.07 -11.09
CA TYR D 371 -11.72 -37.82 -11.47
C TYR D 371 -11.81 -37.16 -12.84
N LYS D 372 -11.11 -36.06 -13.04
CA LYS D 372 -11.25 -35.26 -14.25
C LYS D 372 -9.86 -35.00 -14.82
N LEU D 373 -9.48 -35.76 -15.79
CA LEU D 373 -8.27 -35.44 -16.53
C LEU D 373 -8.54 -34.25 -17.46
N PRO D 374 -7.55 -33.40 -17.69
CA PRO D 374 -7.72 -32.34 -18.68
C PRO D 374 -7.73 -32.90 -20.09
N GLU D 375 -8.48 -32.23 -20.96
CA GLU D 375 -8.58 -32.68 -22.34
C GLU D 375 -7.28 -32.42 -23.08
N GLY D 376 -6.76 -33.47 -23.72
CA GLY D 376 -5.56 -33.35 -24.50
C GLY D 376 -4.43 -34.20 -23.93
N LYS D 377 -3.22 -33.70 -24.17
CA LYS D 377 -1.99 -34.39 -23.82
C LYS D 377 -0.96 -33.37 -23.40
N VAL D 378 -0.22 -33.68 -22.34
CA VAL D 378 0.70 -32.72 -21.73
C VAL D 378 2.11 -33.30 -21.72
N ARG D 379 3.02 -32.63 -22.42
CA ARG D 379 4.39 -33.09 -22.58
C ARG D 379 5.25 -32.36 -21.57
N PHE D 380 6.07 -33.12 -20.84
CA PHE D 380 6.91 -32.52 -19.82
C PHE D 380 8.08 -31.76 -20.44
N GLY D 381 8.87 -31.14 -19.57
CA GLY D 381 10.13 -30.57 -19.97
C GLY D 381 10.86 -30.17 -18.71
N VAL D 382 12.09 -30.63 -18.54
CA VAL D 382 12.70 -30.62 -17.23
C VAL D 382 13.89 -29.68 -17.20
N LEU D 383 13.88 -28.73 -16.26
CA LEU D 383 15.08 -28.03 -15.86
C LEU D 383 15.69 -28.73 -14.66
N TYR D 384 17.01 -28.66 -14.55
CA TYR D 384 17.73 -29.31 -13.46
C TYR D 384 19.07 -28.60 -13.33
N PRO D 385 19.62 -28.53 -12.12
CA PRO D 385 20.96 -27.96 -11.99
C PRO D 385 22.02 -28.92 -12.52
N LYS D 386 23.06 -28.35 -13.14
CA LYS D 386 24.01 -29.12 -13.93
C LYS D 386 24.83 -30.09 -13.09
N GLU D 387 24.94 -29.85 -11.80
CA GLU D 387 25.70 -30.75 -10.94
C GLU D 387 24.86 -31.91 -10.42
N PHE D 388 23.60 -32.01 -10.82
CA PHE D 388 22.69 -33.01 -10.28
C PHE D 388 21.97 -33.75 -11.39
N ASP D 389 22.72 -34.12 -12.44
CA ASP D 389 22.11 -34.62 -13.67
C ASP D 389 21.56 -36.04 -13.49
N GLY D 390 22.33 -36.94 -12.88
CA GLY D 390 21.85 -38.30 -12.71
C GLY D 390 20.77 -38.40 -11.66
N VAL D 391 20.88 -37.60 -10.60
CA VAL D 391 19.85 -37.53 -9.57
C VAL D 391 18.55 -36.99 -10.15
N SER D 392 18.65 -35.98 -11.02
CA SER D 392 17.47 -35.42 -11.67
C SER D 392 16.87 -36.39 -12.67
N ARG D 393 17.72 -37.13 -13.40
CA ARG D 393 17.25 -38.18 -14.30
C ARG D 393 16.45 -39.23 -13.56
N LYS D 394 16.94 -39.68 -12.41
CA LYS D 394 16.22 -40.66 -11.61
C LYS D 394 14.94 -40.08 -11.02
N ALA D 395 14.95 -38.78 -10.71
CA ALA D 395 13.76 -38.11 -10.19
C ALA D 395 12.65 -38.07 -11.22
N ILE D 396 12.96 -37.62 -12.44
CA ILE D 396 11.95 -37.52 -13.49
C ILE D 396 11.53 -38.91 -13.95
N ARG D 397 12.44 -39.89 -13.87
CA ARG D 397 12.09 -41.28 -14.14
C ARG D 397 11.05 -41.78 -13.15
N ALA D 398 11.23 -41.47 -11.87
CA ALA D 398 10.26 -41.91 -10.86
C ALA D 398 8.92 -41.19 -11.01
N ILE D 399 8.96 -39.90 -11.36
CA ILE D 399 7.74 -39.13 -11.58
C ILE D 399 6.96 -39.67 -12.76
N TYR D 400 7.64 -39.94 -13.87
CA TYR D 400 6.95 -40.40 -15.08
C TYR D 400 6.49 -41.84 -14.93
N ASP D 401 7.24 -42.67 -14.20
CA ASP D 401 6.80 -44.04 -13.98
C ASP D 401 5.63 -44.08 -13.00
N PHE D 402 5.55 -43.13 -12.08
CA PHE D 402 4.35 -43.01 -11.25
C PHE D 402 3.17 -42.55 -12.08
N SER D 403 3.39 -41.51 -12.89
CA SER D 403 2.28 -40.81 -13.55
C SER D 403 1.71 -41.63 -14.69
N LYS D 404 2.53 -41.93 -15.70
CA LYS D 404 2.07 -42.62 -16.88
C LYS D 404 2.07 -44.14 -16.68
N GLU D 405 3.22 -44.71 -16.38
CA GLU D 405 3.33 -46.15 -16.40
C GLU D 405 2.79 -46.82 -15.14
N GLY D 406 2.51 -46.07 -14.09
CA GLY D 406 1.94 -46.65 -12.88
C GLY D 406 2.92 -47.53 -12.12
N LYS D 407 4.21 -47.24 -12.22
CA LYS D 407 5.24 -48.10 -11.68
C LYS D 407 6.05 -47.34 -10.63
N TYR D 408 6.35 -48.00 -9.52
CA TYR D 408 7.17 -47.43 -8.47
C TYR D 408 8.39 -48.31 -8.24
N HIS D 409 9.57 -47.67 -8.15
CA HIS D 409 10.88 -48.32 -8.29
C HIS D 409 10.99 -49.15 -9.56
N GLY D 410 10.43 -48.66 -10.66
CA GLY D 410 10.52 -49.34 -11.93
C GLY D 410 9.59 -50.50 -12.14
N GLU D 411 8.97 -51.03 -11.09
CA GLU D 411 8.09 -52.18 -11.21
C GLU D 411 6.64 -51.74 -10.98
N SER D 412 5.72 -52.44 -11.66
CA SER D 412 4.31 -52.11 -11.55
C SER D 412 3.78 -52.46 -10.16
N ASN D 413 3.15 -51.48 -9.52
CA ASN D 413 2.76 -51.57 -8.12
C ASN D 413 1.24 -51.57 -8.02
N LYS D 414 0.73 -52.20 -6.96
CA LYS D 414 -0.71 -52.25 -6.74
C LYS D 414 -1.26 -50.92 -6.22
N TYR D 415 -0.38 -50.05 -5.71
CA TYR D 415 -0.81 -48.75 -5.20
C TYR D 415 -1.21 -47.79 -6.31
N ILE D 416 -0.60 -47.91 -7.49
CA ILE D 416 -0.67 -46.87 -8.51
C ILE D 416 -1.31 -47.46 -9.76
N ALA D 417 -2.39 -46.84 -10.21
CA ALA D 417 -3.01 -47.27 -11.46
C ALA D 417 -2.25 -46.70 -12.63
N GLU D 418 -2.26 -47.44 -13.73
CA GLU D 418 -1.58 -47.01 -14.94
C GLU D 418 -2.34 -45.86 -15.59
N HIS D 419 -1.58 -44.96 -16.22
CA HIS D 419 -2.07 -43.81 -16.96
C HIS D 419 -2.93 -42.90 -16.08
N LEU D 420 -2.31 -42.36 -15.03
CA LEU D 420 -2.99 -41.41 -14.16
C LEU D 420 -3.19 -40.08 -14.86
N ILE D 421 -2.15 -39.56 -15.49
CA ILE D 421 -2.24 -38.36 -16.29
C ILE D 421 -1.66 -38.66 -17.66
N ASN D 422 -2.25 -38.04 -18.69
CA ASN D 422 -1.86 -38.31 -20.08
C ASN D 422 -0.60 -37.52 -20.36
N VAL D 423 0.52 -38.05 -19.87
CA VAL D 423 1.83 -37.42 -20.06
C VAL D 423 2.67 -38.25 -21.00
N GLU D 424 3.45 -37.56 -21.83
CA GLU D 424 4.42 -38.17 -22.71
C GLU D 424 5.76 -37.55 -22.36
N PHE D 425 6.63 -38.35 -21.76
CA PHE D 425 8.01 -37.96 -21.51
C PHE D 425 8.90 -39.05 -22.07
N ASN D 426 9.27 -38.94 -23.34
CA ASN D 426 10.24 -39.83 -23.94
C ASN D 426 11.60 -39.17 -23.85
N PRO D 427 12.55 -39.74 -23.10
CA PRO D 427 13.88 -39.12 -23.02
C PRO D 427 14.65 -39.11 -24.33
N LYS D 428 14.26 -39.94 -25.30
CA LYS D 428 14.80 -39.79 -26.64
C LYS D 428 14.20 -38.57 -27.33
N GLU D 429 12.92 -38.30 -27.08
CA GLU D 429 12.25 -37.14 -27.67
C GLU D 429 12.45 -35.89 -26.82
N CYS D 430 12.02 -35.96 -25.56
CA CYS D 430 11.87 -34.76 -24.74
C CYS D 430 13.22 -34.29 -24.20
N ILE D 431 13.18 -33.16 -23.49
CA ILE D 431 14.38 -32.37 -23.22
C ILE D 431 14.73 -32.41 -21.74
N PHE D 432 16.03 -32.38 -21.48
CA PHE D 432 16.62 -32.10 -20.17
C PHE D 432 17.50 -30.87 -20.34
N GLU D 433 16.91 -29.69 -20.29
CA GLU D 433 17.70 -28.46 -20.30
C GLU D 433 18.28 -28.30 -18.91
N GLY D 434 19.61 -28.23 -18.82
CA GLY D 434 20.26 -28.02 -17.55
C GLY D 434 20.71 -26.58 -17.39
N TYR D 435 20.61 -26.06 -16.16
CA TYR D 435 20.96 -24.69 -15.89
C TYR D 435 22.04 -24.61 -14.82
N GLU D 436 23.01 -23.73 -15.04
CA GLU D 436 24.06 -23.50 -14.06
C GLU D 436 23.49 -22.75 -12.87
N LEU D 437 23.84 -23.18 -11.67
CA LEU D 437 23.48 -22.44 -10.48
C LEU D 437 24.31 -21.16 -10.42
N GLY D 438 23.70 -20.08 -9.98
CA GLY D 438 24.33 -18.79 -10.14
C GLY D 438 23.38 -17.62 -10.07
N ASP D 439 23.40 -16.78 -11.11
CA ASP D 439 22.66 -15.54 -11.11
C ASP D 439 21.16 -15.80 -11.26
N ILE D 440 20.38 -14.75 -10.99
CA ILE D 440 18.93 -14.82 -11.15
C ILE D 440 18.55 -14.59 -12.60
N THR D 441 19.28 -13.73 -13.30
CA THR D 441 19.03 -13.53 -14.72
C THR D 441 19.37 -14.76 -15.54
N GLU D 442 20.30 -15.60 -15.07
CA GLU D 442 20.58 -16.84 -15.79
C GLU D 442 19.48 -17.87 -15.56
N TYR D 443 18.84 -17.83 -14.39
CA TYR D 443 17.67 -18.69 -14.14
C TYR D 443 16.52 -18.27 -15.02
N LYS D 444 16.35 -16.96 -15.21
CA LYS D 444 15.29 -16.46 -16.07
C LYS D 444 15.56 -16.80 -17.53
N LYS D 445 16.81 -16.70 -17.97
CA LYS D 445 17.13 -17.08 -19.33
C LYS D 445 17.04 -18.59 -19.53
N ALA D 446 17.27 -19.39 -18.48
CA ALA D 446 17.04 -20.83 -18.57
C ALA D 446 15.57 -21.14 -18.76
N ALA D 447 14.70 -20.43 -18.05
CA ALA D 447 13.27 -20.60 -18.25
C ALA D 447 12.83 -20.15 -19.64
N LEU D 448 13.45 -19.09 -20.16
CA LEU D 448 13.12 -18.67 -21.52
C LEU D 448 13.60 -19.67 -22.56
N LYS D 449 14.77 -20.29 -22.33
CA LYS D 449 15.26 -21.30 -23.27
C LYS D 449 14.44 -22.58 -23.19
N LEU D 450 13.74 -22.80 -22.08
CA LEU D 450 12.84 -23.95 -22.07
C LEU D 450 11.46 -23.58 -22.60
N ASN D 451 11.14 -22.28 -22.68
CA ASN D 451 10.00 -21.90 -23.49
C ASN D 451 10.34 -21.92 -24.98
N ASN D 452 11.62 -21.79 -25.32
CA ASN D 452 12.09 -21.59 -26.69
C ASN D 452 11.73 -22.76 -27.61
N TYR D 453 11.54 -23.95 -27.06
CA TYR D 453 11.01 -25.09 -27.80
C TYR D 453 9.52 -25.20 -27.53
N ASN D 454 8.77 -25.61 -28.54
CA ASN D 454 7.31 -25.60 -28.47
C ASN D 454 6.74 -26.88 -27.87
N ASN D 455 7.55 -27.92 -27.70
CA ASN D 455 7.06 -29.23 -27.27
C ASN D 455 7.06 -29.41 -25.76
N VAL D 456 6.94 -28.33 -24.99
CA VAL D 456 6.90 -28.39 -23.55
C VAL D 456 5.56 -27.85 -23.10
N ASP D 457 4.80 -28.66 -22.36
CA ASP D 457 3.49 -28.25 -21.91
C ASP D 457 3.39 -28.24 -20.39
N PHE D 458 4.43 -28.68 -19.69
CA PHE D 458 4.50 -28.64 -18.24
C PHE D 458 5.95 -28.83 -17.85
N VAL D 459 6.37 -28.19 -16.76
CA VAL D 459 7.77 -28.18 -16.36
C VAL D 459 7.91 -28.86 -15.01
N ILE D 460 8.94 -29.70 -14.86
CA ILE D 460 9.22 -30.40 -13.61
C ILE D 460 10.57 -29.89 -13.10
N ALA D 461 10.79 -28.59 -13.22
CA ALA D 461 12.09 -27.98 -12.94
C ALA D 461 12.58 -28.28 -11.53
N ILE D 462 13.87 -28.58 -11.44
CA ILE D 462 14.52 -28.93 -10.18
C ILE D 462 15.20 -27.68 -9.64
N VAL D 463 14.79 -27.25 -8.46
CA VAL D 463 15.30 -26.01 -7.87
C VAL D 463 16.28 -26.38 -6.76
N PRO D 464 17.21 -25.53 -6.37
CA PRO D 464 17.96 -25.77 -5.14
C PRO D 464 17.09 -25.56 -3.91
N ASN D 465 17.65 -25.85 -2.74
CA ASN D 465 16.83 -25.99 -1.54
C ASN D 465 16.34 -24.65 -1.01
N MET D 466 15.23 -24.70 -0.27
CA MET D 466 14.73 -23.51 0.44
C MET D 466 15.71 -23.05 1.49
N SER D 467 16.37 -24.01 2.14
CA SER D 467 17.51 -23.76 3.00
C SER D 467 18.74 -23.55 2.11
N ASP D 468 19.93 -23.67 2.70
CA ASP D 468 21.21 -23.57 1.99
C ASP D 468 21.36 -22.18 1.36
N GLU D 469 21.55 -21.20 2.25
CA GLU D 469 21.33 -19.78 1.93
C GLU D 469 22.40 -19.22 0.98
N GLU D 470 23.39 -20.03 0.61
CA GLU D 470 24.23 -19.70 -0.54
C GLU D 470 23.50 -19.98 -1.84
N ILE D 471 24.28 -20.08 -2.93
CA ILE D 471 24.01 -19.65 -4.30
C ILE D 471 22.56 -19.80 -4.75
N GLU D 472 22.04 -18.72 -5.37
CA GLU D 472 20.63 -18.30 -5.32
C GLU D 472 19.62 -19.40 -5.66
N ASN D 473 18.50 -19.37 -4.96
CA ASN D 473 17.39 -20.26 -5.27
C ASN D 473 16.78 -19.85 -6.61
N SER D 474 16.29 -20.84 -7.35
CA SER D 474 15.77 -20.62 -8.69
C SER D 474 14.26 -20.73 -8.77
N TYR D 475 13.59 -21.05 -7.67
CA TYR D 475 12.13 -21.14 -7.65
C TYR D 475 11.49 -19.84 -8.07
N ASN D 476 11.91 -18.75 -7.45
CA ASN D 476 11.29 -17.46 -7.70
C ASN D 476 11.50 -16.98 -9.14
N PRO D 477 12.71 -17.02 -9.75
CA PRO D 477 12.78 -16.65 -11.17
C PRO D 477 12.07 -17.61 -12.10
N PHE D 478 12.08 -18.91 -11.78
CA PHE D 478 11.37 -19.87 -12.62
C PHE D 478 9.88 -19.61 -12.62
N LYS D 479 9.26 -19.47 -11.44
CA LYS D 479 7.82 -19.27 -11.39
C LYS D 479 7.42 -17.90 -11.93
N LYS D 480 8.29 -16.89 -11.79
CA LYS D 480 8.03 -15.60 -12.44
C LYS D 480 7.98 -15.74 -13.95
N ILE D 481 8.98 -16.41 -14.54
CA ILE D 481 9.01 -16.49 -16.00
C ILE D 481 7.93 -17.45 -16.51
N TRP D 482 7.60 -18.49 -15.76
CA TRP D 482 6.56 -19.39 -16.22
C TRP D 482 5.18 -18.77 -16.05
N ALA D 483 5.01 -17.86 -15.09
CA ALA D 483 3.77 -17.12 -15.02
C ALA D 483 3.67 -16.09 -16.13
N GLU D 484 4.81 -15.49 -16.52
CA GLU D 484 4.80 -14.57 -17.64
C GLU D 484 4.49 -15.24 -18.97
N LEU D 485 4.71 -16.56 -19.06
CA LEU D 485 4.56 -17.29 -20.30
C LEU D 485 3.41 -18.27 -20.26
N ASN D 486 2.68 -18.31 -19.13
CA ASN D 486 1.52 -19.17 -18.91
C ASN D 486 1.86 -20.64 -19.12
N LEU D 487 3.00 -21.05 -18.61
CA LEU D 487 3.41 -22.44 -18.65
C LEU D 487 3.33 -23.00 -17.24
N PRO D 488 2.47 -23.97 -16.97
CA PRO D 488 2.39 -24.51 -15.61
C PRO D 488 3.62 -25.34 -15.29
N SER D 489 3.93 -25.45 -14.00
CA SER D 489 5.21 -26.03 -13.58
C SER D 489 5.16 -26.46 -12.13
N GLN D 490 5.62 -27.68 -11.86
CA GLN D 490 5.76 -28.22 -10.52
C GLN D 490 7.23 -28.29 -10.15
N MET D 491 7.64 -27.48 -9.18
CA MET D 491 9.04 -27.39 -8.80
C MET D 491 9.38 -28.44 -7.76
N ILE D 492 10.63 -28.89 -7.78
CA ILE D 492 11.12 -29.90 -6.87
C ILE D 492 12.49 -29.48 -6.38
N SER D 493 12.70 -29.50 -5.07
CA SER D 493 14.00 -29.16 -4.54
C SER D 493 14.98 -30.29 -4.77
N VAL D 494 16.27 -29.99 -4.60
CA VAL D 494 17.32 -30.99 -4.79
C VAL D 494 17.20 -32.10 -3.75
N LYS D 495 16.71 -31.76 -2.55
CA LYS D 495 16.53 -32.79 -1.51
C LYS D 495 15.48 -33.82 -1.92
N THR D 496 14.38 -33.38 -2.53
CA THR D 496 13.37 -34.34 -2.97
C THR D 496 13.85 -35.14 -4.19
N ALA D 497 14.68 -34.52 -5.04
CA ALA D 497 15.33 -35.27 -6.11
C ALA D 497 16.29 -36.32 -5.55
N GLU D 498 16.96 -36.01 -4.44
CA GLU D 498 17.81 -36.98 -3.77
C GLU D 498 16.99 -38.09 -3.13
N ILE D 499 15.78 -37.76 -2.65
CA ILE D 499 14.88 -38.78 -2.13
C ILE D 499 14.44 -39.72 -3.25
N PHE D 500 14.26 -39.18 -4.45
CA PHE D 500 13.86 -40.02 -5.58
C PHE D 500 15.01 -40.86 -6.10
N ALA D 501 16.22 -40.30 -6.12
CA ALA D 501 17.35 -41.04 -6.66
C ALA D 501 17.92 -42.02 -5.64
N ASN D 502 17.79 -41.73 -4.36
CA ASN D 502 18.27 -42.60 -3.29
C ASN D 502 17.13 -43.40 -2.66
N SER D 503 16.10 -43.69 -3.42
CA SER D 503 14.90 -44.30 -2.88
C SER D 503 15.10 -45.79 -2.68
N ARG D 504 14.86 -46.27 -1.46
CA ARG D 504 14.81 -47.70 -1.18
C ARG D 504 13.53 -48.12 -0.48
N ASP D 505 13.01 -47.32 0.44
CA ASP D 505 11.74 -47.59 1.08
C ASP D 505 10.63 -46.89 0.31
N ASN D 506 9.43 -46.86 0.89
CA ASN D 506 8.30 -46.14 0.31
C ASN D 506 8.23 -44.68 0.75
N THR D 507 9.34 -44.10 1.18
CA THR D 507 9.32 -42.71 1.65
C THR D 507 9.13 -41.75 0.49
N ALA D 508 9.75 -42.03 -0.65
CA ALA D 508 9.60 -41.21 -1.85
C ALA D 508 8.22 -41.29 -2.45
N LEU D 509 7.46 -42.34 -2.14
CA LEU D 509 6.14 -42.53 -2.72
C LEU D 509 5.19 -41.41 -2.35
N TYR D 510 5.28 -40.92 -1.12
CA TYR D 510 4.37 -39.89 -0.65
C TYR D 510 4.73 -38.54 -1.23
N TYR D 511 6.02 -38.34 -1.50
CA TYR D 511 6.44 -37.14 -2.19
C TYR D 511 5.94 -37.20 -3.62
N LEU D 512 5.91 -38.41 -4.21
CA LEU D 512 5.35 -38.58 -5.55
C LEU D 512 3.84 -38.38 -5.56
N HIS D 513 3.15 -38.77 -4.48
CA HIS D 513 1.72 -38.52 -4.39
C HIS D 513 1.42 -37.03 -4.44
N ASN D 514 2.13 -36.25 -3.65
CA ASN D 514 1.83 -34.82 -3.61
C ASN D 514 2.38 -34.09 -4.83
N ILE D 515 3.45 -34.59 -5.45
CA ILE D 515 3.92 -34.00 -6.71
C ILE D 515 2.93 -34.26 -7.83
N VAL D 516 2.38 -35.48 -7.91
CA VAL D 516 1.43 -35.77 -8.97
C VAL D 516 0.12 -35.04 -8.75
N LEU D 517 -0.30 -34.84 -7.50
CA LEU D 517 -1.47 -33.99 -7.26
C LEU D 517 -1.20 -32.54 -7.63
N GLY D 518 0.02 -32.05 -7.41
CA GLY D 518 0.36 -30.73 -7.89
C GLY D 518 0.39 -30.63 -9.40
N ILE D 519 0.91 -31.65 -10.07
CA ILE D 519 0.97 -31.68 -11.53
C ILE D 519 -0.43 -31.74 -12.12
N LEU D 520 -1.32 -32.50 -11.47
CA LEU D 520 -2.69 -32.57 -11.95
C LEU D 520 -3.43 -31.26 -11.76
N GLY D 521 -3.35 -30.68 -10.55
CA GLY D 521 -4.07 -29.44 -10.28
C GLY D 521 -3.55 -28.27 -11.09
N LYS D 522 -2.28 -28.30 -11.49
CA LYS D 522 -1.73 -27.22 -12.28
C LYS D 522 -2.05 -27.30 -13.76
N ILE D 523 -2.46 -28.46 -14.28
CA ILE D 523 -2.88 -28.57 -15.66
C ILE D 523 -4.40 -28.58 -15.78
N GLY D 524 -5.09 -28.12 -14.75
CA GLY D 524 -6.53 -28.03 -14.80
C GLY D 524 -7.25 -29.32 -14.55
N GLY D 525 -6.57 -30.34 -14.06
CA GLY D 525 -7.25 -31.54 -13.66
C GLY D 525 -7.88 -31.41 -12.29
N ILE D 526 -8.83 -32.29 -12.01
CA ILE D 526 -9.47 -32.33 -10.70
C ILE D 526 -9.41 -33.76 -10.19
N PRO D 527 -8.69 -34.04 -9.12
CA PRO D 527 -8.54 -35.43 -8.70
C PRO D 527 -9.74 -35.98 -7.97
N TRP D 528 -10.45 -35.16 -7.20
CA TRP D 528 -11.67 -35.60 -6.57
C TRP D 528 -12.60 -34.41 -6.36
N VAL D 529 -13.90 -34.71 -6.34
CA VAL D 529 -14.92 -33.75 -5.99
C VAL D 529 -15.83 -34.41 -4.95
N VAL D 530 -16.57 -33.59 -4.22
CA VAL D 530 -17.58 -34.10 -3.30
C VAL D 530 -18.80 -34.50 -4.10
N LYS D 531 -19.53 -35.50 -3.58
CA LYS D 531 -20.74 -35.95 -4.24
C LYS D 531 -21.87 -34.96 -4.03
N ASP D 532 -22.03 -34.48 -2.81
CA ASP D 532 -22.97 -33.41 -2.52
C ASP D 532 -22.43 -32.58 -1.36
N MET D 533 -22.91 -31.36 -1.24
CA MET D 533 -22.51 -30.50 -0.15
C MET D 533 -23.74 -30.03 0.60
N LYS D 534 -23.65 -30.04 1.93
CA LYS D 534 -24.79 -29.72 2.78
C LYS D 534 -25.16 -28.25 2.65
N GLY D 535 -26.45 -28.00 2.51
CA GLY D 535 -26.98 -26.65 2.47
C GLY D 535 -27.48 -26.27 1.10
N ASP D 536 -28.09 -25.09 1.05
CA ASP D 536 -28.50 -24.46 -0.20
C ASP D 536 -27.45 -23.42 -0.58
N VAL D 537 -26.46 -23.86 -1.32
CA VAL D 537 -25.37 -23.01 -1.78
C VAL D 537 -25.20 -23.27 -3.27
N ASP D 538 -24.84 -22.24 -4.02
CA ASP D 538 -24.51 -22.41 -5.43
C ASP D 538 -23.08 -22.05 -5.77
N CYS D 539 -22.52 -21.01 -5.13
CA CYS D 539 -21.11 -20.72 -5.31
C CYS D 539 -20.54 -20.20 -4.00
N PHE D 540 -19.26 -20.49 -3.78
CA PHE D 540 -18.50 -19.97 -2.65
C PHE D 540 -17.62 -18.84 -3.13
N VAL D 541 -17.46 -17.81 -2.31
CA VAL D 541 -16.53 -16.74 -2.62
C VAL D 541 -15.58 -16.62 -1.45
N GLY D 542 -14.29 -16.75 -1.72
CA GLY D 542 -13.34 -16.62 -0.64
C GLY D 542 -12.56 -15.34 -0.72
N LEU D 543 -12.90 -14.36 0.12
CA LEU D 543 -12.22 -13.08 0.12
C LEU D 543 -11.13 -13.08 1.18
N ASP D 544 -10.00 -12.48 0.86
CA ASP D 544 -8.88 -12.36 1.79
C ASP D 544 -8.03 -11.20 1.34
N VAL D 545 -7.63 -10.36 2.28
CA VAL D 545 -6.73 -9.26 2.04
C VAL D 545 -5.55 -9.42 2.98
N GLY D 546 -4.41 -9.84 2.44
CA GLY D 546 -3.23 -10.08 3.25
C GLY D 546 -2.34 -8.86 3.32
N THR D 547 -1.42 -8.85 4.26
CA THR D 547 -0.44 -7.77 4.38
C THR D 547 0.96 -8.38 4.53
N ARG D 548 1.82 -8.20 3.53
CA ARG D 548 3.16 -8.75 3.64
C ARG D 548 4.02 -7.95 4.60
N GLU D 549 4.19 -6.65 4.33
CA GLU D 549 5.04 -5.81 5.16
C GLU D 549 4.22 -4.62 5.67
N LYS D 550 4.91 -3.67 6.27
CA LYS D 550 4.28 -2.43 6.71
C LYS D 550 4.08 -1.51 5.52
N GLY D 551 2.81 -1.27 5.17
CA GLY D 551 2.49 -0.42 4.05
C GLY D 551 2.18 -1.15 2.76
N ILE D 552 2.29 -2.47 2.76
CA ILE D 552 1.99 -3.29 1.59
C ILE D 552 0.85 -4.21 1.95
N HIS D 553 -0.25 -4.10 1.20
CA HIS D 553 -1.36 -5.02 1.36
C HIS D 553 -1.50 -5.85 0.09
N TYR D 554 -1.68 -7.15 0.27
CA TYR D 554 -2.04 -8.02 -0.83
C TYR D 554 -3.38 -7.57 -1.40
N PRO D 555 -3.54 -7.56 -2.72
CA PRO D 555 -4.83 -7.23 -3.31
C PRO D 555 -5.88 -8.26 -2.94
N ALA D 556 -7.13 -7.84 -2.97
CA ALA D 556 -8.23 -8.64 -2.41
C ALA D 556 -8.52 -9.83 -3.30
N CYS D 557 -7.71 -10.87 -3.15
CA CYS D 557 -7.82 -12.06 -3.97
C CYS D 557 -9.08 -12.83 -3.61
N SER D 558 -9.95 -13.00 -4.58
CA SER D 558 -11.17 -13.79 -4.42
C SER D 558 -10.98 -15.11 -5.14
N VAL D 559 -11.63 -16.16 -4.66
CA VAL D 559 -11.76 -17.41 -5.39
C VAL D 559 -13.24 -17.76 -5.46
N VAL D 560 -13.67 -18.31 -6.58
CA VAL D 560 -15.06 -18.67 -6.79
C VAL D 560 -15.11 -20.16 -7.00
N PHE D 561 -15.93 -20.84 -6.21
CA PHE D 561 -16.09 -22.27 -6.34
C PHE D 561 -17.51 -22.55 -6.78
N ASP D 562 -17.82 -23.80 -7.12
CA ASP D 562 -19.23 -24.14 -7.18
C ASP D 562 -19.64 -24.72 -5.84
N LYS D 563 -20.83 -25.32 -5.80
CA LYS D 563 -21.21 -26.02 -4.59
C LYS D 563 -20.53 -27.37 -4.47
N TYR D 564 -19.84 -27.83 -5.50
CA TYR D 564 -19.09 -29.08 -5.44
C TYR D 564 -17.60 -28.84 -5.27
N GLY D 565 -17.19 -27.64 -4.91
CA GLY D 565 -15.84 -27.38 -4.47
C GLY D 565 -14.83 -27.09 -5.55
N LYS D 566 -15.13 -27.37 -6.80
CA LYS D 566 -14.14 -27.17 -7.85
C LYS D 566 -14.03 -25.69 -8.21
N LEU D 567 -12.83 -25.27 -8.55
CA LEU D 567 -12.56 -23.84 -8.71
C LEU D 567 -13.13 -23.36 -10.03
N ILE D 568 -14.10 -22.47 -9.95
CA ILE D 568 -14.63 -21.78 -11.11
C ILE D 568 -13.67 -20.70 -11.58
N ASN D 569 -13.18 -19.91 -10.65
CA ASN D 569 -12.57 -18.64 -11.01
C ASN D 569 -11.77 -18.12 -9.83
N TYR D 570 -10.77 -17.29 -10.12
CA TYR D 570 -10.17 -16.43 -9.11
C TYR D 570 -10.05 -15.03 -9.69
N TYR D 571 -10.26 -14.02 -8.85
CA TYR D 571 -10.15 -12.65 -9.28
C TYR D 571 -9.14 -11.90 -8.42
N LYS D 572 -8.13 -11.33 -9.04
CA LYS D 572 -7.16 -10.49 -8.37
C LYS D 572 -7.28 -9.08 -8.91
N PRO D 573 -7.72 -8.11 -8.13
CA PRO D 573 -7.71 -6.72 -8.60
C PRO D 573 -6.29 -6.19 -8.75
N ASN D 574 -6.08 -5.39 -9.79
CA ASN D 574 -4.72 -4.96 -10.13
C ASN D 574 -4.22 -3.88 -9.18
N ILE D 575 -5.12 -3.19 -8.51
CA ILE D 575 -4.72 -2.09 -7.62
C ILE D 575 -4.66 -2.60 -6.18
N PRO D 576 -3.68 -2.17 -5.39
CA PRO D 576 -3.73 -2.42 -3.95
C PRO D 576 -4.77 -1.52 -3.30
N GLN D 577 -5.03 -1.78 -2.03
CA GLN D 577 -6.03 -0.99 -1.34
C GLN D 577 -5.55 -0.55 0.03
N ASN D 578 -6.45 0.08 0.79
CA ASN D 578 -6.13 0.60 2.10
C ASN D 578 -6.55 -0.41 3.16
N GLY D 579 -5.76 -1.46 3.31
CA GLY D 579 -5.95 -2.36 4.42
C GLY D 579 -7.09 -3.34 4.24
N GLU D 580 -7.61 -3.79 5.37
CA GLU D 580 -8.56 -4.89 5.44
C GLU D 580 -9.96 -4.50 5.00
N LYS D 581 -10.18 -3.24 4.66
CA LYS D 581 -11.43 -2.77 4.10
C LYS D 581 -11.35 -2.89 2.59
N ILE D 582 -12.25 -3.67 2.00
CA ILE D 582 -12.34 -3.74 0.55
C ILE D 582 -13.25 -2.61 0.08
N ASN D 583 -12.75 -1.79 -0.83
CA ASN D 583 -13.56 -0.71 -1.39
C ASN D 583 -14.72 -1.28 -2.20
N THR D 584 -15.81 -0.53 -2.28
CA THR D 584 -17.01 -1.06 -2.92
C THR D 584 -16.86 -1.14 -4.43
N GLU D 585 -15.92 -0.39 -5.01
CA GLU D 585 -15.60 -0.62 -6.41
C GLU D 585 -14.87 -1.95 -6.58
N ILE D 586 -14.09 -2.35 -5.59
CA ILE D 586 -13.40 -3.62 -5.66
C ILE D 586 -14.38 -4.76 -5.44
N LEU D 587 -15.37 -4.56 -4.57
CA LEU D 587 -16.44 -5.55 -4.42
C LEU D 587 -17.31 -5.61 -5.67
N GLN D 588 -17.45 -4.48 -6.36
CA GLN D 588 -18.14 -4.48 -7.66
C GLN D 588 -17.40 -5.35 -8.66
N GLU D 589 -16.08 -5.13 -8.81
CA GLU D 589 -15.25 -5.93 -9.70
C GLU D 589 -15.31 -7.41 -9.35
N ILE D 590 -15.09 -7.73 -8.07
CA ILE D 590 -15.02 -9.11 -7.58
C ILE D 590 -16.34 -9.82 -7.80
N PHE D 591 -17.45 -9.24 -7.36
CA PHE D 591 -18.70 -9.99 -7.40
C PHE D 591 -19.38 -9.95 -8.75
N ASP D 592 -19.10 -8.94 -9.58
CA ASP D 592 -19.48 -9.06 -10.98
C ASP D 592 -18.72 -10.18 -11.66
N LYS D 593 -17.44 -10.35 -11.32
CA LYS D 593 -16.68 -11.46 -11.86
C LYS D 593 -17.20 -12.81 -11.36
N VAL D 594 -17.68 -12.84 -10.12
CA VAL D 594 -18.31 -14.04 -9.55
C VAL D 594 -19.55 -14.43 -10.34
N LEU D 595 -20.47 -13.48 -10.50
CA LEU D 595 -21.75 -13.76 -11.15
C LEU D 595 -21.55 -14.03 -12.64
N ILE D 596 -20.58 -13.35 -13.25
CA ILE D 596 -20.21 -13.61 -14.64
C ILE D 596 -19.69 -15.04 -14.82
N SER D 597 -18.82 -15.49 -13.91
CA SER D 597 -18.20 -16.79 -14.12
C SER D 597 -19.17 -17.91 -13.81
N TYR D 598 -20.05 -17.70 -12.83
CA TYR D 598 -21.07 -18.71 -12.58
C TYR D 598 -22.12 -18.71 -13.70
N GLU D 599 -22.39 -17.55 -14.30
CA GLU D 599 -23.28 -17.49 -15.45
C GLU D 599 -22.70 -18.22 -16.65
N GLU D 600 -21.39 -18.05 -16.88
CA GLU D 600 -20.74 -18.72 -18.00
C GLU D 600 -20.71 -20.22 -17.81
N GLU D 601 -20.27 -20.69 -16.65
CA GLU D 601 -20.14 -22.12 -16.47
C GLU D 601 -21.45 -22.81 -16.12
N ASN D 602 -22.52 -22.06 -15.85
CA ASN D 602 -23.76 -22.72 -15.44
C ASN D 602 -25.03 -22.20 -16.10
N GLY D 603 -25.01 -21.03 -16.75
CA GLY D 603 -26.18 -20.58 -17.49
C GLY D 603 -27.14 -19.69 -16.74
N ALA D 604 -26.92 -19.45 -15.45
CA ALA D 604 -27.84 -18.64 -14.66
C ALA D 604 -27.08 -18.04 -13.49
N TYR D 605 -27.72 -17.08 -12.83
CA TYR D 605 -27.18 -16.53 -11.61
C TYR D 605 -27.34 -17.53 -10.46
N PRO D 606 -26.48 -17.46 -9.45
CA PRO D 606 -26.65 -18.32 -8.28
C PRO D 606 -27.81 -17.87 -7.41
N LYS D 607 -28.61 -18.83 -6.97
CA LYS D 607 -29.65 -18.52 -5.98
C LYS D 607 -29.03 -18.13 -4.65
N ASN D 608 -27.88 -18.72 -4.32
CA ASN D 608 -27.25 -18.52 -3.04
C ASN D 608 -25.75 -18.36 -3.22
N ILE D 609 -25.16 -17.43 -2.48
CA ILE D 609 -23.72 -17.26 -2.42
C ILE D 609 -23.33 -17.34 -0.96
N VAL D 610 -22.25 -18.05 -0.68
CA VAL D 610 -21.65 -18.05 0.66
C VAL D 610 -20.28 -17.42 0.54
N ILE D 611 -20.07 -16.32 1.23
CA ILE D 611 -18.81 -15.59 1.18
C ILE D 611 -18.01 -16.00 2.40
N HIS D 612 -16.83 -16.58 2.18
CA HIS D 612 -15.91 -16.90 3.26
C HIS D 612 -14.85 -15.81 3.29
N ARG D 613 -15.12 -14.77 4.08
CA ARG D 613 -14.14 -13.71 4.25
C ARG D 613 -13.14 -14.15 5.31
N ALA D 614 -11.86 -14.07 4.96
CA ALA D 614 -10.80 -14.49 5.87
C ALA D 614 -10.39 -13.33 6.74
N GLY D 615 -10.74 -13.37 8.02
CA GLY D 615 -10.45 -12.29 8.93
C GLY D 615 -11.72 -11.62 9.36
N PHE D 616 -11.75 -10.29 9.32
CA PHE D 616 -12.95 -9.54 9.64
C PHE D 616 -13.60 -9.05 8.36
N SER D 617 -14.90 -9.24 8.25
CA SER D 617 -15.67 -8.70 7.12
C SER D 617 -16.11 -7.29 7.48
N ARG D 618 -15.16 -6.38 7.42
CA ARG D 618 -15.41 -4.99 7.79
C ARG D 618 -16.02 -4.17 6.66
N GLU D 619 -16.52 -4.78 5.59
CA GLU D 619 -17.06 -3.99 4.50
C GLU D 619 -18.53 -3.68 4.71
N ASP D 620 -19.04 -2.81 3.84
CA ASP D 620 -20.41 -2.33 3.93
C ASP D 620 -21.39 -3.47 3.66
N LEU D 621 -22.09 -3.89 4.70
CA LEU D 621 -23.19 -4.85 4.50
C LEU D 621 -24.33 -4.21 3.74
N ASP D 622 -24.44 -2.88 3.79
CA ASP D 622 -25.40 -2.16 2.95
C ASP D 622 -25.07 -2.32 1.48
N TRP D 623 -23.78 -2.35 1.13
CA TRP D 623 -23.39 -2.61 -0.25
C TRP D 623 -23.81 -4.01 -0.69
N TYR D 624 -23.59 -5.00 0.17
CA TYR D 624 -23.96 -6.37 -0.16
C TYR D 624 -25.47 -6.52 -0.30
N GLU D 625 -26.22 -5.91 0.61
CA GLU D 625 -27.68 -6.01 0.54
C GLU D 625 -28.22 -5.31 -0.69
N ASN D 626 -27.63 -4.17 -1.05
CA ASN D 626 -28.01 -3.48 -2.29
C ASN D 626 -27.68 -4.32 -3.52
N TYR D 627 -26.43 -4.78 -3.61
CA TYR D 627 -25.94 -5.47 -4.81
C TYR D 627 -26.63 -6.81 -5.02
N PHE D 628 -27.01 -7.49 -3.94
CA PHE D 628 -27.64 -8.78 -4.10
C PHE D 628 -29.15 -8.75 -3.89
N GLY D 629 -29.72 -7.59 -3.56
CA GLY D 629 -31.16 -7.47 -3.56
C GLY D 629 -31.59 -6.88 -4.88
N LYS D 630 -30.64 -6.25 -5.57
CA LYS D 630 -30.91 -5.80 -6.92
C LYS D 630 -30.97 -6.97 -7.89
N LYS D 631 -30.35 -8.10 -7.53
CA LYS D 631 -30.27 -9.25 -8.41
C LYS D 631 -30.99 -10.47 -7.85
N ASN D 632 -31.68 -10.32 -6.72
CA ASN D 632 -32.48 -11.37 -6.07
C ASN D 632 -31.63 -12.58 -5.71
N ILE D 633 -30.45 -12.30 -5.15
CA ILE D 633 -29.49 -13.32 -4.74
C ILE D 633 -29.44 -13.31 -3.22
N LYS D 634 -29.84 -14.42 -2.60
CA LYS D 634 -29.58 -14.59 -1.19
C LYS D 634 -28.09 -14.80 -1.01
N PHE D 635 -27.52 -14.19 0.03
CA PHE D 635 -26.09 -14.31 0.26
C PHE D 635 -25.83 -14.50 1.75
N ASN D 636 -24.62 -14.96 2.04
CA ASN D 636 -24.17 -15.24 3.40
C ASN D 636 -22.73 -14.76 3.49
N ILE D 637 -22.34 -14.23 4.65
CA ILE D 637 -20.94 -13.89 4.88
C ILE D 637 -20.49 -14.61 6.14
N ILE D 638 -19.45 -15.42 6.01
CA ILE D 638 -18.85 -16.16 7.11
C ILE D 638 -17.44 -15.64 7.28
N GLU D 639 -17.06 -15.31 8.51
CA GLU D 639 -15.69 -14.87 8.82
C GLU D 639 -14.94 -16.07 9.36
N VAL D 640 -14.04 -16.62 8.56
CA VAL D 640 -13.24 -17.76 8.96
C VAL D 640 -11.89 -17.24 9.41
N LYS D 641 -11.55 -17.48 10.68
CA LYS D 641 -10.40 -16.86 11.29
C LYS D 641 -9.45 -17.89 11.89
N LYS D 642 -8.17 -17.77 11.51
CA LYS D 642 -7.13 -18.72 11.90
C LYS D 642 -6.58 -18.44 13.29
N SER D 643 -5.98 -17.26 13.44
CA SER D 643 -5.14 -16.95 14.59
C SER D 643 -6.02 -16.78 15.82
N THR D 644 -6.09 -17.82 16.62
CA THR D 644 -6.92 -17.82 17.80
C THR D 644 -6.23 -18.58 18.91
N PRO D 645 -6.05 -17.97 20.08
CA PRO D 645 -5.41 -18.70 21.19
C PRO D 645 -6.31 -19.73 21.85
N LEU D 646 -7.58 -19.83 21.47
CA LEU D 646 -8.44 -20.84 22.03
C LEU D 646 -8.08 -22.20 21.46
N LYS D 647 -7.96 -23.19 22.34
CA LYS D 647 -7.76 -24.57 21.97
C LYS D 647 -8.95 -25.39 22.45
N ILE D 648 -9.43 -26.28 21.60
CA ILE D 648 -10.52 -27.18 21.97
C ILE D 648 -9.91 -28.51 22.39
N ALA D 649 -10.04 -28.85 23.66
CA ALA D 649 -9.57 -30.13 24.14
C ALA D 649 -10.72 -31.12 24.13
N SER D 650 -10.39 -32.40 24.06
CA SER D 650 -11.39 -33.46 24.04
C SER D 650 -11.24 -34.27 25.31
N ILE D 651 -12.36 -34.57 25.96
CA ILE D 651 -12.37 -35.27 27.23
C ILE D 651 -12.91 -36.67 27.05
N ASN D 652 -12.15 -37.65 27.54
CA ASN D 652 -12.62 -39.02 27.66
C ASN D 652 -12.51 -39.38 29.14
N GLU D 653 -13.55 -39.00 29.90
CA GLU D 653 -13.66 -39.21 31.35
C GLU D 653 -12.44 -38.66 32.09
N GLY D 654 -12.26 -37.35 32.01
CA GLY D 654 -11.17 -36.68 32.67
C GLY D 654 -9.83 -36.74 31.96
N ASN D 655 -9.66 -37.64 31.01
CA ASN D 655 -8.40 -37.80 30.29
C ASN D 655 -8.42 -36.88 29.08
N ILE D 656 -7.73 -35.76 29.21
CA ILE D 656 -7.70 -34.74 28.17
C ILE D 656 -6.89 -35.27 26.98
N THR D 657 -7.34 -34.98 25.77
CA THR D 657 -6.63 -35.42 24.58
C THR D 657 -6.94 -34.46 23.45
N ASN D 658 -6.21 -34.60 22.36
CA ASN D 658 -6.53 -33.85 21.15
C ASN D 658 -7.85 -34.33 20.59
N PRO D 659 -8.64 -33.45 19.97
CA PRO D 659 -9.89 -33.89 19.37
C PRO D 659 -9.69 -34.31 17.92
N GLU D 660 -10.65 -35.09 17.42
CA GLU D 660 -10.63 -35.47 16.02
C GLU D 660 -10.99 -34.29 15.14
N LYS D 661 -10.68 -34.39 13.86
CA LYS D 661 -11.06 -33.32 12.95
C LYS D 661 -12.56 -33.34 12.70
N GLY D 662 -13.12 -32.18 12.41
CA GLY D 662 -14.54 -32.03 12.27
C GLY D 662 -15.30 -31.89 13.57
N SER D 663 -14.59 -31.75 14.68
CA SER D 663 -15.23 -31.50 15.97
C SER D 663 -15.36 -30.00 16.16
N TYR D 664 -16.56 -29.54 16.54
CA TYR D 664 -16.81 -28.13 16.68
C TYR D 664 -17.46 -27.84 18.02
N ILE D 665 -17.33 -26.58 18.46
CA ILE D 665 -18.13 -26.02 19.54
C ILE D 665 -18.85 -24.80 18.96
N LEU D 666 -20.07 -24.55 19.42
CA LEU D 666 -20.98 -23.64 18.74
C LEU D 666 -21.85 -22.88 19.73
N ARG D 667 -21.72 -21.56 19.74
CA ARG D 667 -22.59 -20.70 20.55
C ARG D 667 -23.01 -19.49 19.73
N GLY D 668 -24.27 -19.48 19.32
CA GLY D 668 -24.80 -18.33 18.60
C GLY D 668 -24.21 -18.24 17.21
N ASN D 669 -23.57 -17.12 16.93
CA ASN D 669 -22.95 -16.90 15.63
C ASN D 669 -21.44 -16.98 15.69
N LYS D 670 -20.88 -17.65 16.68
CA LYS D 670 -19.44 -17.91 16.74
C LYS D 670 -19.22 -19.39 16.96
N ALA D 671 -18.33 -19.97 16.17
CA ALA D 671 -18.06 -21.40 16.26
C ALA D 671 -16.57 -21.63 16.15
N TYR D 672 -16.06 -22.54 16.96
CA TYR D 672 -14.69 -23.00 16.88
C TYR D 672 -14.72 -24.45 16.45
N MET D 673 -14.03 -24.77 15.37
CA MET D 673 -14.07 -26.09 14.76
C MET D 673 -12.65 -26.58 14.50
N VAL D 674 -12.42 -27.85 14.80
CA VAL D 674 -11.13 -28.49 14.59
C VAL D 674 -11.13 -29.11 13.20
N THR D 675 -10.12 -28.82 12.41
CA THR D 675 -10.01 -29.35 11.06
C THR D 675 -8.85 -30.31 10.86
N THR D 676 -7.89 -30.35 11.79
CA THR D 676 -6.69 -31.16 11.62
C THR D 676 -6.66 -32.27 12.66
N ASP D 677 -6.34 -33.48 12.21
CA ASP D 677 -6.13 -34.62 13.08
C ASP D 677 -4.64 -34.62 13.41
N ILE D 678 -4.32 -34.34 14.67
CA ILE D 678 -2.95 -34.35 15.13
C ILE D 678 -2.84 -35.34 16.28
N LYS D 679 -2.00 -36.35 16.11
CA LYS D 679 -1.72 -37.28 17.17
C LYS D 679 -0.82 -36.62 18.20
N GLU D 680 -0.86 -37.15 19.42
CA GLU D 680 -0.05 -36.62 20.50
C GLU D 680 1.44 -36.84 20.22
N ASN D 681 2.25 -35.99 20.84
CA ASN D 681 3.69 -35.70 20.64
C ASN D 681 3.92 -34.89 19.38
N LEU D 682 2.88 -34.51 18.64
CA LEU D 682 3.01 -33.59 17.52
C LEU D 682 2.34 -32.24 17.80
N GLY D 683 1.79 -32.06 18.99
CA GLY D 683 1.18 -30.82 19.35
C GLY D 683 -0.31 -30.95 19.55
N SER D 684 -1.01 -29.86 19.29
CA SER D 684 -2.43 -29.75 19.54
C SER D 684 -3.04 -29.05 18.34
N PRO D 685 -4.26 -29.41 17.94
CA PRO D 685 -4.86 -28.78 16.77
C PRO D 685 -5.26 -27.36 17.08
N LYS D 686 -4.86 -26.44 16.22
CA LYS D 686 -5.31 -25.07 16.34
C LYS D 686 -6.63 -24.91 15.62
N PRO D 687 -7.75 -24.81 16.33
CA PRO D 687 -9.04 -24.80 15.66
C PRO D 687 -9.30 -23.47 14.98
N LEU D 688 -10.24 -23.49 14.04
CA LEU D 688 -10.62 -22.31 13.30
C LEU D 688 -11.69 -21.54 14.03
N LYS D 689 -11.54 -20.22 14.10
CA LYS D 689 -12.58 -19.36 14.63
C LYS D 689 -13.49 -18.99 13.46
N ILE D 690 -14.72 -19.46 13.51
CA ILE D 690 -15.66 -19.33 12.40
C ILE D 690 -16.85 -18.56 12.92
N GLU D 691 -17.18 -17.45 12.29
CA GLU D 691 -18.31 -16.64 12.74
C GLU D 691 -19.01 -15.99 11.56
N LYS D 692 -20.34 -15.89 11.67
CA LYS D 692 -21.19 -15.37 10.61
C LYS D 692 -21.46 -13.90 10.86
N SER D 693 -21.08 -13.05 9.90
CA SER D 693 -21.36 -11.63 10.07
C SER D 693 -22.71 -11.25 9.47
N TYR D 694 -23.18 -11.96 8.45
CA TYR D 694 -24.54 -11.85 7.97
C TYR D 694 -24.89 -13.08 7.15
N GLY D 695 -26.12 -13.53 7.28
CA GLY D 695 -26.63 -14.56 6.41
C GLY D 695 -27.95 -15.08 6.91
N ASP D 696 -28.53 -15.97 6.11
CA ASP D 696 -29.75 -16.66 6.50
C ASP D 696 -29.50 -18.10 6.92
N ILE D 697 -28.34 -18.65 6.59
CA ILE D 697 -28.00 -20.02 6.95
C ILE D 697 -27.82 -20.15 8.45
N ASP D 698 -28.19 -21.30 8.99
CA ASP D 698 -27.76 -21.64 10.33
C ASP D 698 -26.26 -21.88 10.34
N MET D 699 -25.68 -21.83 11.53
CA MET D 699 -24.23 -21.83 11.62
C MET D 699 -23.66 -23.22 11.38
N LEU D 700 -24.44 -24.26 11.66
CA LEU D 700 -23.96 -25.63 11.48
C LEU D 700 -23.81 -25.98 10.01
N THR D 701 -24.66 -25.40 9.14
CA THR D 701 -24.51 -25.61 7.70
C THR D 701 -23.25 -24.96 7.19
N ALA D 702 -22.93 -23.75 7.68
CA ALA D 702 -21.68 -23.12 7.28
C ALA D 702 -20.48 -23.87 7.83
N LEU D 703 -20.64 -24.52 8.99
CA LEU D 703 -19.56 -25.36 9.50
C LEU D 703 -19.37 -26.61 8.65
N SER D 704 -20.46 -27.22 8.20
CA SER D 704 -20.35 -28.40 7.34
C SER D 704 -19.76 -28.03 5.99
N GLN D 705 -20.12 -26.87 5.46
CA GLN D 705 -19.52 -26.39 4.22
C GLN D 705 -18.04 -26.09 4.40
N ILE D 706 -17.66 -25.51 5.53
CA ILE D 706 -16.26 -25.18 5.74
C ILE D 706 -15.42 -26.43 5.97
N TYR D 707 -15.94 -27.40 6.71
CA TYR D 707 -15.18 -28.62 6.92
C TYR D 707 -15.14 -29.48 5.66
N ALA D 708 -16.18 -29.43 4.83
CA ALA D 708 -16.10 -30.12 3.55
C ALA D 708 -15.15 -29.39 2.61
N LEU D 709 -15.00 -28.08 2.79
CA LEU D 709 -14.06 -27.30 2.00
C LEU D 709 -12.63 -27.41 2.51
N THR D 710 -12.41 -27.99 3.70
CA THR D 710 -11.04 -28.33 4.08
C THR D 710 -10.60 -29.64 3.44
N GLN D 711 -11.50 -30.61 3.39
CA GLN D 711 -11.18 -31.97 2.97
C GLN D 711 -11.13 -32.14 1.47
N ILE D 712 -11.39 -31.10 0.69
CA ILE D 712 -11.39 -31.24 -0.76
C ILE D 712 -10.20 -30.42 -1.29
N HIS D 713 -9.17 -30.28 -0.46
CA HIS D 713 -7.92 -29.70 -0.93
C HIS D 713 -7.25 -30.66 -1.90
N VAL D 714 -7.00 -30.19 -3.12
CA VAL D 714 -6.62 -31.06 -4.22
C VAL D 714 -5.13 -30.91 -4.56
N GLY D 715 -4.30 -30.57 -3.59
CA GLY D 715 -2.88 -30.48 -3.84
C GLY D 715 -2.05 -31.20 -2.81
N ALA D 716 -2.72 -31.99 -1.99
CA ALA D 716 -2.06 -32.77 -0.97
C ALA D 716 -2.93 -33.97 -0.65
N THR D 717 -2.28 -35.05 -0.24
CA THR D 717 -3.03 -36.20 0.22
C THR D 717 -3.45 -36.09 1.68
N LYS D 718 -3.14 -34.99 2.35
CA LYS D 718 -3.72 -34.70 3.66
C LYS D 718 -4.25 -33.28 3.66
N SER D 719 -5.40 -33.11 4.31
CA SER D 719 -6.25 -31.96 4.07
C SER D 719 -5.67 -30.71 4.68
N LEU D 720 -6.21 -29.58 4.23
CA LEU D 720 -5.77 -28.27 4.68
C LEU D 720 -6.48 -27.94 5.99
N ARG D 721 -5.85 -27.08 6.80
CA ARG D 721 -6.50 -26.64 8.03
C ARG D 721 -7.62 -25.66 7.73
N LEU D 722 -7.42 -24.82 6.75
CA LEU D 722 -8.38 -23.84 6.27
C LEU D 722 -9.35 -24.48 5.28
N PRO D 723 -10.55 -23.93 5.15
CA PRO D 723 -11.34 -24.22 3.96
C PRO D 723 -10.64 -23.63 2.76
N ILE D 724 -10.75 -24.29 1.61
CA ILE D 724 -9.95 -23.88 0.47
C ILE D 724 -10.45 -22.61 -0.19
N THR D 725 -11.59 -22.07 0.24
CA THR D 725 -11.93 -20.70 -0.12
C THR D 725 -10.91 -19.72 0.44
N THR D 726 -10.84 -19.62 1.77
CA THR D 726 -9.86 -18.76 2.41
C THR D 726 -8.45 -19.34 2.27
N GLY D 727 -8.34 -20.66 2.18
CA GLY D 727 -7.03 -21.29 2.02
C GLY D 727 -6.41 -21.01 0.67
N TYR D 728 -7.20 -21.15 -0.40
CA TYR D 728 -6.67 -20.85 -1.72
C TYR D 728 -6.55 -19.34 -1.94
N ALA D 729 -7.36 -18.54 -1.25
CA ALA D 729 -7.13 -17.11 -1.26
C ALA D 729 -5.79 -16.77 -0.62
N ASP D 730 -5.44 -17.46 0.46
CA ASP D 730 -4.12 -17.28 1.07
C ASP D 730 -3.00 -17.78 0.16
N LYS D 731 -3.25 -18.87 -0.58
CA LYS D 731 -2.23 -19.38 -1.47
C LYS D 731 -2.02 -18.48 -2.67
N ILE D 732 -3.08 -17.86 -3.17
CA ILE D 732 -2.92 -16.85 -4.23
C ILE D 732 -2.22 -15.62 -3.69
N CYS D 733 -2.51 -15.27 -2.43
CA CYS D 733 -1.82 -14.14 -1.82
C CYS D 733 -0.34 -14.43 -1.62
N LYS D 734 0.04 -15.69 -1.44
CA LYS D 734 1.44 -16.04 -1.38
C LYS D 734 2.05 -16.07 -2.78
N ALA D 735 1.40 -16.78 -3.70
CA ALA D 735 1.86 -16.83 -5.10
C ALA D 735 1.24 -15.70 -5.90
N ILE D 736 1.42 -14.47 -5.42
CA ILE D 736 0.78 -13.33 -6.05
C ILE D 736 1.62 -12.76 -7.18
N GLU D 737 2.93 -12.92 -7.13
CA GLU D 737 3.76 -12.58 -8.26
C GLU D 737 3.94 -13.75 -9.21
N PHE D 738 3.17 -14.82 -9.03
CA PHE D 738 3.24 -16.04 -9.83
C PHE D 738 1.97 -16.27 -10.60
N ILE D 739 1.10 -15.27 -10.70
CA ILE D 739 -0.20 -15.46 -11.36
C ILE D 739 0.02 -15.50 -12.87
N PRO D 740 -0.46 -16.51 -13.58
CA PRO D 740 -0.16 -16.66 -15.00
C PRO D 740 -0.86 -15.58 -15.83
N GLN D 741 -0.28 -15.30 -17.00
CA GLN D 741 -0.73 -14.17 -17.79
C GLN D 741 -2.09 -14.41 -18.43
N GLY D 742 -2.24 -15.54 -19.12
CA GLY D 742 -3.43 -15.81 -19.92
C GLY D 742 -4.76 -15.90 -19.18
N ARG D 743 -5.82 -16.24 -19.92
CA ARG D 743 -7.18 -16.08 -19.42
C ARG D 743 -7.45 -16.99 -18.22
N VAL D 744 -8.01 -16.36 -17.17
CA VAL D 744 -8.16 -17.02 -15.87
C VAL D 744 -9.12 -18.19 -15.99
N ASP D 745 -8.71 -19.34 -15.47
CA ASP D 745 -9.43 -20.58 -15.70
C ASP D 745 -9.25 -21.48 -14.47
N ASN D 746 -9.53 -22.77 -14.66
CA ASN D 746 -9.47 -23.74 -13.58
C ASN D 746 -8.09 -24.34 -13.36
N ARG D 747 -7.04 -23.77 -13.95
CA ARG D 747 -5.70 -24.28 -13.68
C ARG D 747 -5.15 -23.63 -12.42
N LEU D 748 -5.08 -24.42 -11.35
CA LEU D 748 -4.65 -23.94 -10.04
C LEU D 748 -3.13 -23.84 -10.05
N PHE D 749 -2.65 -22.69 -10.51
CA PHE D 749 -1.22 -22.42 -10.61
C PHE D 749 -0.56 -22.42 -9.23
N PHE D 750 -1.31 -22.05 -8.20
CA PHE D 750 -0.74 -21.75 -6.89
C PHE D 750 -0.55 -23.00 -6.06
N LEU D 751 -1.13 -24.09 -6.51
CA LEU D 751 -1.32 -25.27 -5.70
C LEU D 751 -0.05 -26.10 -5.52
MN MN G . -7.55 6.23 -25.03
MN MN H . 3.43 8.28 -11.71
MN MN I . 3.55 -26.23 -4.99
MN MN J . -4.41 -13.54 3.72
#